data_5TZW
#
_entry.id   5TZW
#
_cell.length_a   55.806
_cell.length_b   72.997
_cell.length_c   91.000
_cell.angle_alpha   109.220
_cell.angle_beta   90.960
_cell.angle_gamma   91.070
#
_symmetry.space_group_name_H-M   'P 1'
#
loop_
_entity.id
_entity.type
_entity.pdbx_description
1 polymer "cGMP-dependent 3',5'-cyclic phosphodiesterase"
2 non-polymer [(5S)-3,3-difluoro-5-(5-methyl[1,2,4]triazolo[1,5-a]pyrimidin-7-yl)piperidin-1-yl](3,4-difluorophenyl)methanone
3 non-polymer 'ZINC ION'
4 non-polymer 'MAGNESIUM ION'
5 water water
#
_entity_poly.entity_id   1
_entity_poly.type   'polypeptide(L)'
_entity_poly.pdbx_seq_one_letter_code
;SAMDDEYTKLLHDGIQPVAAIDSNFASFTYTPRSLPEDDTSMAILSMLQDMNFINNYKIDCPTLARFCLMVKKGYRDPPY
HNWMHAFSVSHFCYLLYKNLELTNYLEDIEIFALFISCMCHDLDHRGTNNSFQVASKSVLAALYSSEGSVMERHHFAQAI
AILNTHGCNIFDHFSRKDYQRMLDLMRDIILATDLAHHLRIFKDLQKMAEVGYDRNNKQHHRLLLCLLMTSCDLSDQTKG
WKTTRKIAELIYKEFFSQGDLEKAMGNRPMEMMDREKAYIPELQISFMEHIAMPIYKLLQDLFPKAAELYERVASNREHW
TKVSHKFTIRGLPSNNSLDFLDEE
;
_entity_poly.pdbx_strand_id   A,B,C,D
#
# COMPACT_ATOMS: atom_id res chain seq x y z
N SER A 1 14.12 -5.63 16.75
CA SER A 1 14.55 -6.07 18.08
C SER A 1 15.96 -6.64 18.04
N ALA A 2 16.25 -7.41 17.00
CA ALA A 2 17.61 -7.93 16.81
C ALA A 2 18.57 -6.79 16.53
N MET A 3 18.18 -5.87 15.65
CA MET A 3 18.91 -4.62 15.49
C MET A 3 19.13 -3.95 16.83
N ASP A 4 18.11 -3.99 17.70
CA ASP A 4 18.20 -3.31 18.99
C ASP A 4 19.27 -3.93 19.88
N ASP A 5 19.32 -5.27 19.96
CA ASP A 5 20.32 -5.85 20.84
C ASP A 5 21.71 -5.77 20.24
N GLU A 6 21.81 -5.84 18.92
CA GLU A 6 23.10 -5.61 18.29
C GLU A 6 23.60 -4.21 18.60
N TYR A 7 22.70 -3.23 18.51
CA TYR A 7 23.03 -1.85 18.87
C TYR A 7 23.49 -1.74 20.31
N THR A 8 22.73 -2.33 21.24
CA THR A 8 23.06 -2.24 22.66
C THR A 8 24.48 -2.69 22.93
N LYS A 9 24.91 -3.78 22.28
CA LYS A 9 26.25 -4.29 22.51
C LYS A 9 27.28 -3.42 21.80
N LEU A 10 26.99 -3.03 20.56
CA LEU A 10 27.91 -2.18 19.83
C LEU A 10 28.20 -0.91 20.60
N LEU A 11 27.17 -0.36 21.25
CA LEU A 11 27.30 0.91 21.96
C LEU A 11 27.98 0.76 23.32
N HIS A 12 27.53 -0.20 24.13
CA HIS A 12 27.95 -0.26 25.52
C HIS A 12 29.16 -1.15 25.76
N ASP A 13 29.50 -2.07 24.84
CA ASP A 13 30.59 -3.00 25.12
C ASP A 13 31.99 -2.40 24.93
N GLY A 14 32.11 -1.30 24.22
CA GLY A 14 33.42 -0.75 23.94
C GLY A 14 33.91 -1.12 22.55
N ILE A 15 34.78 -0.29 21.98
CA ILE A 15 35.28 -0.51 20.63
C ILE A 15 36.54 -1.36 20.69
N GLN A 16 36.47 -2.55 20.09
CA GLN A 16 37.60 -3.46 20.10
C GLN A 16 38.83 -2.80 19.47
N PRO A 17 40.03 -2.99 20.01
CA PRO A 17 41.22 -2.49 19.32
C PRO A 17 41.37 -3.19 17.99
N VAL A 18 41.80 -2.42 16.99
CA VAL A 18 41.90 -2.92 15.62
C VAL A 18 42.85 -4.12 15.55
N ALA A 19 43.92 -4.11 16.35
CA ALA A 19 44.87 -5.22 16.35
C ALA A 19 44.24 -6.53 16.82
N ALA A 20 43.17 -6.46 17.60
CA ALA A 20 42.51 -7.67 18.07
C ALA A 20 41.70 -8.34 16.97
N ILE A 21 41.38 -7.62 15.89
CA ILE A 21 40.64 -8.22 14.79
C ILE A 21 41.49 -9.28 14.10
N ASP A 22 42.72 -8.92 13.75
CA ASP A 22 43.64 -9.80 13.09
C ASP A 22 45.01 -9.15 13.15
N SER A 23 46.05 -9.97 13.33
CA SER A 23 47.39 -9.40 13.46
C SER A 23 47.91 -8.86 12.13
N ASN A 24 47.24 -9.14 11.02
CA ASN A 24 47.59 -8.57 9.72
C ASN A 24 46.52 -7.62 9.23
N PHE A 25 45.63 -7.15 10.11
CA PHE A 25 44.43 -6.43 9.67
C PHE A 25 44.76 -5.18 8.86
N ALA A 26 45.92 -4.56 9.08
CA ALA A 26 46.25 -3.32 8.39
C ALA A 26 47.22 -3.55 7.24
N SER A 27 47.40 -4.80 6.78
CA SER A 27 48.30 -5.09 5.69
C SER A 27 47.53 -5.26 4.39
N PHE A 28 48.17 -4.84 3.28
CA PHE A 28 47.61 -5.10 1.96
C PHE A 28 47.37 -6.58 1.70
N THR A 29 48.03 -7.47 2.44
CA THR A 29 47.81 -8.90 2.22
C THR A 29 46.56 -9.42 2.94
N TYR A 30 45.95 -8.65 3.82
CA TYR A 30 44.80 -9.13 4.56
C TYR A 30 43.57 -9.14 3.67
N THR A 31 42.76 -10.20 3.81
CA THR A 31 41.52 -10.37 3.05
C THR A 31 40.34 -10.11 3.96
N PRO A 32 39.70 -8.93 3.91
CA PRO A 32 38.63 -8.63 4.86
C PRO A 32 37.44 -9.52 4.71
N ARG A 33 37.25 -10.18 3.57
CA ARG A 33 36.15 -11.13 3.49
C ARG A 33 36.35 -12.35 4.37
N SER A 34 37.52 -12.50 4.99
CA SER A 34 37.74 -13.55 5.98
C SER A 34 37.07 -13.23 7.31
N LEU A 35 36.74 -11.98 7.56
CA LEU A 35 36.11 -11.62 8.81
C LEU A 35 34.66 -12.09 8.80
N PRO A 36 34.21 -12.82 9.83
CA PRO A 36 32.79 -13.17 9.92
C PRO A 36 31.92 -11.93 9.85
N GLU A 37 30.80 -12.04 9.11
CA GLU A 37 29.95 -10.88 8.90
C GLU A 37 29.44 -10.32 10.22
N ASP A 38 29.18 -11.18 11.22
CA ASP A 38 28.71 -10.71 12.52
C ASP A 38 29.70 -9.79 13.22
N ASP A 39 30.96 -9.77 12.79
CA ASP A 39 32.00 -8.97 13.41
C ASP A 39 32.31 -7.69 12.64
N THR A 40 31.67 -7.47 11.50
CA THR A 40 32.07 -6.37 10.63
C THR A 40 31.64 -5.00 11.17
N SER A 41 30.47 -4.89 11.80
CA SER A 41 30.07 -3.56 12.29
C SER A 41 31.04 -3.08 13.36
N MET A 42 31.46 -3.98 14.26
CA MET A 42 32.48 -3.59 15.24
C MET A 42 33.79 -3.23 14.56
N ALA A 43 34.18 -3.99 13.53
CA ALA A 43 35.41 -3.65 12.81
C ALA A 43 35.34 -2.27 12.15
N ILE A 44 34.15 -1.87 11.67
CA ILE A 44 33.99 -0.49 11.16
C ILE A 44 34.28 0.51 12.26
N LEU A 45 33.69 0.31 13.45
CA LEU A 45 33.98 1.23 14.55
C LEU A 45 35.46 1.23 14.90
N SER A 46 36.08 0.05 14.94
CA SER A 46 37.51 -0.03 15.25
C SER A 46 38.34 0.76 14.25
N MET A 47 37.98 0.69 12.97
CA MET A 47 38.75 1.42 11.95
C MET A 47 38.52 2.92 12.09
N LEU A 48 37.28 3.34 12.31
CA LEU A 48 36.98 4.76 12.52
C LEU A 48 37.73 5.30 13.72
N GLN A 49 37.77 4.52 14.80
CA GLN A 49 38.54 4.89 15.97
C GLN A 49 40.03 4.98 15.66
N ASP A 50 40.56 3.98 14.93
CA ASP A 50 42.00 3.96 14.68
C ASP A 50 42.44 5.10 13.77
N MET A 51 41.57 5.53 12.85
CA MET A 51 41.87 6.69 12.02
C MET A 51 41.60 8.01 12.74
N ASN A 52 41.19 7.95 14.00
CA ASN A 52 40.96 9.10 14.87
C ASN A 52 39.74 9.91 14.47
N PHE A 53 38.86 9.38 13.62
CA PHE A 53 37.70 10.15 13.17
C PHE A 53 36.70 10.37 14.28
N ILE A 54 36.52 9.38 15.16
CA ILE A 54 35.55 9.54 16.23
C ILE A 54 35.92 10.71 17.14
N ASN A 55 37.18 10.78 17.55
CA ASN A 55 37.61 11.89 18.40
C ASN A 55 37.69 13.20 17.61
N ASN A 56 38.30 13.16 16.43
CA ASN A 56 38.56 14.40 15.70
C ASN A 56 37.26 15.14 15.38
N TYR A 57 36.23 14.40 14.97
CA TYR A 57 34.95 14.97 14.61
C TYR A 57 33.91 14.85 15.72
N LYS A 58 34.32 14.40 16.90
CA LYS A 58 33.44 14.34 18.06
C LYS A 58 32.14 13.66 17.69
N ILE A 59 32.27 12.50 17.03
CA ILE A 59 31.09 11.76 16.61
C ILE A 59 30.40 11.19 17.84
N ASP A 60 29.09 11.38 17.92
CA ASP A 60 28.32 10.82 19.02
C ASP A 60 28.28 9.30 18.90
N CYS A 61 28.69 8.60 19.96
CA CYS A 61 28.80 7.14 19.85
C CYS A 61 27.46 6.45 19.65
N PRO A 62 26.38 6.77 20.37
CA PRO A 62 25.09 6.16 20.03
C PRO A 62 24.68 6.41 18.59
N THR A 63 24.86 7.64 18.10
CA THR A 63 24.53 7.93 16.70
C THR A 63 25.35 7.10 15.74
N LEU A 64 26.65 6.97 16.03
CA LEU A 64 27.54 6.23 15.13
C LEU A 64 27.19 4.75 15.13
N ALA A 65 26.88 4.19 16.30
CA ALA A 65 26.49 2.78 16.36
C ALA A 65 25.23 2.56 15.54
N ARG A 66 24.23 3.45 15.70
CA ARG A 66 22.99 3.36 14.93
C ARG A 66 23.27 3.47 13.43
N PHE A 67 24.06 4.48 13.05
CA PHE A 67 24.42 4.69 11.66
C PHE A 67 25.06 3.45 11.05
N CYS A 68 26.02 2.87 11.76
CA CYS A 68 26.75 1.74 11.17
C CYS A 68 25.83 0.57 10.93
N LEU A 69 24.88 0.35 11.85
CA LEU A 69 23.95 -0.77 11.69
C LEU A 69 22.93 -0.47 10.60
N MET A 70 22.48 0.78 10.52
CA MET A 70 21.56 1.16 9.44
C MET A 70 22.18 0.94 8.07
N VAL A 71 23.46 1.30 7.92
CA VAL A 71 24.12 1.13 6.64
C VAL A 71 24.24 -0.34 6.29
N LYS A 72 24.65 -1.17 7.25
CA LYS A 72 24.74 -2.61 7.01
C LYS A 72 23.39 -3.17 6.58
N LYS A 73 22.32 -2.77 7.27
CA LYS A 73 20.97 -3.23 6.97
C LYS A 73 20.43 -2.64 5.68
N GLY A 74 21.06 -1.61 5.14
CA GLY A 74 20.66 -1.05 3.87
C GLY A 74 21.18 -1.77 2.66
N TYR A 75 21.97 -2.83 2.84
CA TYR A 75 22.36 -3.70 1.74
C TYR A 75 21.46 -4.94 1.65
N ARG A 76 21.11 -5.32 0.42
CA ARG A 76 20.46 -6.59 0.17
C ARG A 76 21.53 -7.66 0.01
N ASP A 77 21.16 -8.84 -0.49
CA ASP A 77 22.08 -9.97 -0.52
C ASP A 77 22.23 -10.58 -1.92
N PRO A 78 22.46 -9.77 -2.96
CA PRO A 78 22.87 -10.35 -4.24
C PRO A 78 24.24 -11.00 -4.08
N PRO A 79 24.70 -11.77 -5.06
CA PRO A 79 25.96 -12.50 -4.83
C PRO A 79 27.15 -11.59 -4.60
N TYR A 80 27.24 -10.47 -5.31
CA TYR A 80 28.39 -9.60 -5.15
C TYR A 80 28.08 -8.30 -4.42
N HIS A 81 27.06 -7.55 -4.84
CA HIS A 81 26.85 -6.19 -4.29
C HIS A 81 26.07 -6.21 -2.98
N ASN A 82 26.72 -6.77 -1.96
CA ASN A 82 26.14 -6.98 -0.64
C ASN A 82 26.98 -6.24 0.41
N TRP A 83 26.60 -6.40 1.69
CA TRP A 83 27.32 -5.65 2.72
C TRP A 83 28.80 -6.07 2.78
N MET A 84 29.11 -7.35 2.56
CA MET A 84 30.53 -7.74 2.62
C MET A 84 31.37 -7.07 1.53
N HIS A 85 30.77 -6.75 0.39
CA HIS A 85 31.44 -5.90 -0.59
C HIS A 85 31.71 -4.51 -0.01
N ALA A 86 30.67 -3.86 0.52
CA ALA A 86 30.86 -2.52 1.09
C ALA A 86 31.87 -2.55 2.23
N PHE A 87 31.83 -3.60 3.05
CA PHE A 87 32.77 -3.69 4.15
C PHE A 87 34.20 -3.85 3.63
N SER A 88 34.40 -4.73 2.64
CA SER A 88 35.77 -4.92 2.14
C SER A 88 36.26 -3.69 1.39
N VAL A 89 35.38 -2.92 0.75
CA VAL A 89 35.80 -1.68 0.10
C VAL A 89 36.21 -0.65 1.14
N SER A 90 35.42 -0.54 2.22
CA SER A 90 35.77 0.34 3.35
C SER A 90 37.09 -0.06 3.99
N HIS A 91 37.31 -1.36 4.15
CA HIS A 91 38.55 -1.84 4.73
C HIS A 91 39.73 -1.43 3.86
N PHE A 92 39.58 -1.49 2.54
CA PHE A 92 40.68 -1.08 1.68
C PHE A 92 40.98 0.41 1.85
N CYS A 93 39.92 1.23 1.96
CA CYS A 93 40.13 2.64 2.31
C CYS A 93 40.97 2.79 3.57
N TYR A 94 40.66 2.00 4.59
CA TYR A 94 41.48 1.99 5.80
C TYR A 94 42.92 1.58 5.51
N LEU A 95 43.12 0.55 4.67
CA LEU A 95 44.47 0.18 4.27
C LEU A 95 45.21 1.34 3.61
N LEU A 96 44.52 2.06 2.73
CA LEU A 96 45.14 3.21 2.06
C LEU A 96 45.57 4.25 3.08
N TYR A 97 44.71 4.53 4.05
CA TYR A 97 45.06 5.45 5.13
C TYR A 97 46.29 4.95 5.90
N LYS A 98 46.33 3.65 6.23
CA LYS A 98 47.39 3.14 7.10
C LYS A 98 48.72 2.96 6.36
N ASN A 99 48.68 2.73 5.05
CA ASN A 99 49.89 2.40 4.30
C ASN A 99 50.41 3.52 3.40
N LEU A 100 49.59 4.51 3.03
CA LEU A 100 49.98 5.43 1.97
C LEU A 100 50.08 6.90 2.35
N GLU A 101 49.85 7.27 3.61
CA GLU A 101 50.08 8.65 4.07
C GLU A 101 49.16 9.65 3.36
N LEU A 102 47.86 9.35 3.41
CA LEU A 102 46.88 10.13 2.66
C LEU A 102 46.83 11.57 3.15
N THR A 103 47.20 11.80 4.40
CA THR A 103 47.21 13.13 4.97
C THR A 103 48.25 14.05 4.34
N ASN A 104 49.17 13.51 3.53
CA ASN A 104 50.03 14.39 2.74
C ASN A 104 49.36 14.84 1.44
N TYR A 105 48.18 14.33 1.13
CA TYR A 105 47.50 14.55 -0.14
C TYR A 105 46.12 15.17 0.02
N LEU A 106 45.38 14.79 1.05
CA LEU A 106 43.98 15.11 1.19
C LEU A 106 43.70 15.77 2.52
N GLU A 107 42.65 16.58 2.55
CA GLU A 107 42.16 17.15 3.80
C GLU A 107 41.60 16.03 4.69
N ASP A 108 41.63 16.26 6.01
CA ASP A 108 41.03 15.30 6.94
C ASP A 108 39.59 14.99 6.56
N ILE A 109 38.83 16.02 6.23
CA ILE A 109 37.42 15.80 5.98
C ILE A 109 37.22 15.01 4.70
N GLU A 110 38.15 15.15 3.75
CA GLU A 110 38.08 14.37 2.51
C GLU A 110 38.36 12.90 2.77
N ILE A 111 39.30 12.60 3.66
CA ILE A 111 39.60 11.20 3.98
C ILE A 111 38.41 10.58 4.71
N PHE A 112 37.83 11.33 5.65
CA PHE A 112 36.63 10.89 6.36
C PHE A 112 35.50 10.62 5.38
N ALA A 113 35.25 11.56 4.46
CA ALA A 113 34.18 11.39 3.48
C ALA A 113 34.41 10.16 2.63
N LEU A 114 35.68 9.93 2.24
CA LEU A 114 36.00 8.75 1.45
C LEU A 114 35.60 7.48 2.17
N PHE A 115 35.92 7.36 3.46
CA PHE A 115 35.61 6.14 4.19
C PHE A 115 34.11 5.97 4.36
N ILE A 116 33.40 7.02 4.76
CA ILE A 116 31.96 6.90 4.90
C ILE A 116 31.32 6.58 3.56
N SER A 117 31.80 7.21 2.48
CA SER A 117 31.29 6.90 1.15
C SER A 117 31.50 5.44 0.80
N CYS A 118 32.68 4.88 1.12
CA CYS A 118 32.92 3.46 0.89
C CYS A 118 31.85 2.60 1.57
N MET A 119 31.51 2.95 2.82
CA MET A 119 30.49 2.17 3.54
C MET A 119 29.16 2.20 2.80
N CYS A 120 28.83 3.34 2.21
CA CYS A 120 27.50 3.60 1.67
C CYS A 120 27.39 3.42 0.16
N HIS A 121 28.49 3.12 -0.52
CA HIS A 121 28.51 3.43 -1.95
C HIS A 121 27.68 2.48 -2.80
N ASP A 122 27.23 1.33 -2.27
CA ASP A 122 26.35 0.45 -3.03
C ASP A 122 25.02 0.21 -2.33
N LEU A 123 24.60 1.12 -1.46
CA LEU A 123 23.39 0.88 -0.66
C LEU A 123 22.21 0.49 -1.52
N ASP A 124 21.52 -0.58 -1.11
CA ASP A 124 20.27 -1.02 -1.73
C ASP A 124 20.48 -1.49 -3.16
N HIS A 125 21.67 -1.95 -3.48
CA HIS A 125 21.92 -2.53 -4.79
C HIS A 125 21.01 -3.75 -4.97
N ARG A 126 20.42 -3.87 -6.16
CA ARG A 126 19.50 -4.96 -6.47
C ARG A 126 20.13 -6.03 -7.37
N GLY A 127 21.45 -5.99 -7.56
CA GLY A 127 22.09 -6.99 -8.39
C GLY A 127 22.00 -6.77 -9.88
N THR A 128 21.59 -5.57 -10.32
CA THR A 128 21.51 -5.24 -11.73
C THR A 128 22.19 -3.89 -11.98
N ASN A 129 22.62 -3.68 -13.23
CA ASN A 129 23.41 -2.50 -13.58
C ASN A 129 22.52 -1.33 -14.00
N ASN A 130 23.17 -0.21 -14.39
CA ASN A 130 22.42 0.97 -14.80
C ASN A 130 21.60 0.73 -16.06
N SER A 131 22.20 0.03 -17.03
CA SER A 131 21.50 -0.24 -18.27
C SER A 131 20.20 -0.99 -18.00
N PHE A 132 20.23 -1.93 -17.05
CA PHE A 132 19.02 -2.69 -16.74
C PHE A 132 17.93 -1.82 -16.16
N GLN A 133 18.29 -0.84 -15.32
CA GLN A 133 17.27 0.06 -14.77
C GLN A 133 16.50 0.75 -15.88
N VAL A 134 17.21 1.25 -16.88
CA VAL A 134 16.55 1.91 -18.00
C VAL A 134 15.74 0.92 -18.81
N ALA A 135 16.35 -0.21 -19.18
CA ALA A 135 15.66 -1.17 -20.03
C ALA A 135 14.41 -1.73 -19.36
N SER A 136 14.49 -1.99 -18.07
CA SER A 136 13.35 -2.53 -17.34
C SER A 136 12.41 -1.45 -16.85
N LYS A 137 12.66 -0.18 -17.21
CA LYS A 137 11.85 0.96 -16.77
C LYS A 137 11.57 0.89 -15.26
N SER A 138 12.64 0.79 -14.48
CA SER A 138 12.55 0.71 -13.02
C SER A 138 12.20 2.07 -12.41
N VAL A 139 11.76 2.03 -11.16
CA VAL A 139 11.53 3.27 -10.43
C VAL A 139 12.80 4.11 -10.38
N LEU A 140 13.95 3.47 -10.19
CA LEU A 140 15.20 4.22 -10.11
C LEU A 140 15.48 4.95 -11.42
N ALA A 141 15.23 4.30 -12.56
CA ALA A 141 15.42 5.00 -13.82
C ALA A 141 14.42 6.13 -13.99
N ALA A 142 13.20 5.97 -13.49
CA ALA A 142 12.24 7.06 -13.57
C ALA A 142 12.74 8.28 -12.83
N LEU A 143 13.45 8.05 -11.71
CA LEU A 143 13.96 9.15 -10.90
C LEU A 143 15.17 9.80 -11.56
N TYR A 144 16.13 8.97 -12.03
CA TYR A 144 17.48 9.44 -12.32
C TYR A 144 18.00 9.20 -13.73
N SER A 145 17.26 8.51 -14.59
CA SER A 145 17.82 8.15 -15.90
C SER A 145 18.26 9.38 -16.70
N SER A 146 17.61 10.53 -16.49
CA SER A 146 17.97 11.72 -17.26
C SER A 146 19.30 12.33 -16.81
N GLU A 147 19.79 11.94 -15.64
CA GLU A 147 21.08 12.38 -15.14
C GLU A 147 22.19 11.37 -15.37
N GLY A 148 21.84 10.11 -15.57
CA GLY A 148 22.85 9.07 -15.65
C GLY A 148 23.26 8.59 -14.27
N SER A 149 24.11 7.57 -14.28
CA SER A 149 24.59 6.92 -13.06
C SER A 149 23.42 6.61 -12.11
N VAL A 150 22.40 5.97 -12.68
CA VAL A 150 21.15 5.69 -11.95
C VAL A 150 21.42 5.05 -10.60
N MET A 151 22.11 3.90 -10.59
CA MET A 151 22.28 3.21 -9.30
C MET A 151 23.09 4.05 -8.32
N GLU A 152 24.13 4.72 -8.81
CA GLU A 152 25.00 5.47 -7.92
C GLU A 152 24.26 6.66 -7.31
N ARG A 153 23.37 7.30 -8.10
CA ARG A 153 22.51 8.33 -7.52
C ARG A 153 21.61 7.73 -6.44
N HIS A 154 21.12 6.52 -6.67
CA HIS A 154 20.30 5.87 -5.66
C HIS A 154 21.11 5.57 -4.40
N HIS A 155 22.33 5.04 -4.55
CA HIS A 155 23.15 4.75 -3.39
C HIS A 155 23.35 5.99 -2.55
N PHE A 156 23.68 7.10 -3.21
CA PHE A 156 23.84 8.38 -2.52
C PHE A 156 22.55 8.80 -1.85
N ALA A 157 21.42 8.71 -2.56
CA ALA A 157 20.17 9.12 -1.94
C ALA A 157 19.85 8.26 -0.72
N GLN A 158 20.18 6.96 -0.78
CA GLN A 158 19.97 6.07 0.36
C GLN A 158 20.84 6.48 1.53
N ALA A 159 22.08 6.88 1.25
CA ALA A 159 22.98 7.33 2.32
C ALA A 159 22.39 8.54 3.02
N ILE A 160 21.86 9.49 2.25
CA ILE A 160 21.24 10.69 2.82
C ILE A 160 19.99 10.31 3.61
N ALA A 161 19.19 9.36 3.11
CA ALA A 161 18.00 8.95 3.83
C ALA A 161 18.35 8.33 5.18
N ILE A 162 19.48 7.63 5.26
CA ILE A 162 19.93 7.10 6.54
C ILE A 162 20.34 8.24 7.47
N LEU A 163 21.11 9.22 6.95
CA LEU A 163 21.45 10.36 7.78
C LEU A 163 20.20 11.08 8.26
N ASN A 164 19.19 11.18 7.40
CA ASN A 164 17.98 11.90 7.76
C ASN A 164 17.04 11.07 8.63
N THR A 165 17.44 9.85 8.98
CA THR A 165 16.70 9.06 9.95
C THR A 165 17.08 9.50 11.35
N HIS A 166 16.07 9.76 12.18
CA HIS A 166 16.33 10.29 13.52
C HIS A 166 17.25 9.33 14.27
N GLY A 167 18.24 9.90 14.94
CA GLY A 167 19.23 9.15 15.68
C GLY A 167 20.41 8.67 14.87
N CYS A 168 20.46 8.94 13.56
CA CYS A 168 21.51 8.39 12.73
C CYS A 168 22.41 9.43 12.07
N ASN A 169 22.23 10.72 12.33
CA ASN A 169 22.99 11.72 11.58
C ASN A 169 24.30 11.97 12.32
N ILE A 170 25.33 11.23 11.93
CA ILE A 170 26.63 11.35 12.56
C ILE A 170 27.29 12.70 12.30
N PHE A 171 26.75 13.50 11.40
CA PHE A 171 27.31 14.82 11.10
C PHE A 171 26.47 15.97 11.65
N ASP A 172 25.42 15.72 12.43
CA ASP A 172 24.46 16.81 12.60
C ASP A 172 24.92 17.90 13.56
N HIS A 173 26.04 17.72 14.25
CA HIS A 173 26.67 18.79 15.02
C HIS A 173 27.67 19.59 14.20
N PHE A 174 27.93 19.18 12.96
CA PHE A 174 28.87 19.91 12.11
C PHE A 174 28.37 21.33 11.87
N SER A 175 29.30 22.22 11.57
CA SER A 175 28.90 23.53 11.07
C SER A 175 28.15 23.36 9.76
N ARG A 176 27.35 24.37 9.43
CA ARG A 176 26.61 24.31 8.17
C ARG A 176 27.55 24.15 6.99
N LYS A 177 28.68 24.85 7.02
CA LYS A 177 29.68 24.74 5.96
C LYS A 177 30.25 23.33 5.87
N ASP A 178 30.67 22.78 7.02
CA ASP A 178 31.27 21.44 7.02
C ASP A 178 30.25 20.38 6.67
N TYR A 179 28.99 20.57 7.07
CA TYR A 179 27.95 19.61 6.72
C TYR A 179 27.72 19.59 5.21
N GLN A 180 27.59 20.78 4.62
CA GLN A 180 27.45 20.89 3.17
C GLN A 180 28.64 20.27 2.46
N ARG A 181 29.85 20.50 2.98
CA ARG A 181 31.06 19.91 2.40
C ARG A 181 31.03 18.38 2.44
N MET A 182 30.71 17.81 3.60
CA MET A 182 30.67 16.36 3.74
C MET A 182 29.68 15.76 2.76
N LEU A 183 28.52 16.38 2.62
CA LEU A 183 27.51 15.78 1.75
C LEU A 183 27.89 15.94 0.29
N ASP A 184 28.54 17.06 -0.05
CA ASP A 184 29.01 17.25 -1.41
C ASP A 184 30.10 16.24 -1.77
N LEU A 185 31.04 16.02 -0.85
CA LEU A 185 32.06 15.00 -1.07
C LEU A 185 31.43 13.63 -1.26
N MET A 186 30.46 13.28 -0.42
CA MET A 186 29.80 11.98 -0.53
C MET A 186 29.15 11.84 -1.91
N ARG A 187 28.49 12.89 -2.38
CA ARG A 187 27.94 12.88 -3.73
C ARG A 187 29.02 12.57 -4.76
N ASP A 188 30.11 13.35 -4.76
CA ASP A 188 31.13 13.19 -5.80
C ASP A 188 31.78 11.83 -5.71
N ILE A 189 32.07 11.37 -4.49
CA ILE A 189 32.78 10.10 -4.33
C ILE A 189 31.87 8.94 -4.70
N ILE A 190 30.62 8.94 -4.22
CA ILE A 190 29.74 7.83 -4.59
C ILE A 190 29.47 7.82 -6.10
N LEU A 191 29.25 9.00 -6.70
CA LEU A 191 29.03 9.02 -8.14
C LEU A 191 30.27 8.56 -8.91
N ALA A 192 31.46 8.69 -8.33
CA ALA A 192 32.66 8.25 -9.01
C ALA A 192 32.73 6.74 -9.14
N THR A 193 31.90 5.99 -8.39
CA THR A 193 31.94 4.54 -8.48
C THR A 193 31.33 4.02 -9.78
N ASP A 194 30.62 4.86 -10.53
CA ASP A 194 30.17 4.47 -11.86
C ASP A 194 31.40 4.33 -12.75
N LEU A 195 31.66 3.12 -13.26
CA LEU A 195 32.87 2.96 -14.07
C LEU A 195 32.83 3.83 -15.32
N ALA A 196 31.64 4.18 -15.80
CA ALA A 196 31.56 5.11 -16.92
C ALA A 196 32.18 6.45 -16.56
N HIS A 197 31.99 6.90 -15.32
CA HIS A 197 32.63 8.13 -14.85
C HIS A 197 34.15 7.97 -14.80
N HIS A 198 34.63 6.85 -14.25
CA HIS A 198 36.05 6.57 -14.25
C HIS A 198 36.63 6.68 -15.65
N LEU A 199 36.02 5.96 -16.60
CA LEU A 199 36.54 5.95 -17.97
C LEU A 199 36.54 7.35 -18.57
N ARG A 200 35.57 8.19 -18.21
CA ARG A 200 35.56 9.56 -18.70
C ARG A 200 36.71 10.39 -18.13
N ILE A 201 37.03 10.23 -16.84
CA ILE A 201 38.06 11.06 -16.24
C ILE A 201 39.46 10.45 -16.34
N PHE A 202 39.59 9.29 -16.99
CA PHE A 202 40.86 8.57 -16.98
C PHE A 202 42.02 9.41 -17.54
N LYS A 203 41.80 10.11 -18.66
CA LYS A 203 42.87 10.94 -19.20
C LYS A 203 43.29 12.02 -18.22
N ASP A 204 42.33 12.61 -17.51
CA ASP A 204 42.67 13.62 -16.52
C ASP A 204 43.46 13.01 -15.37
N LEU A 205 43.13 11.78 -15.00
CA LEU A 205 43.92 11.06 -13.99
C LEU A 205 45.35 10.83 -14.48
N GLN A 206 45.49 10.39 -15.73
CA GLN A 206 46.82 10.24 -16.30
C GLN A 206 47.57 11.56 -16.32
N LYS A 207 46.90 12.65 -16.68
CA LYS A 207 47.59 13.93 -16.79
C LYS A 207 48.02 14.42 -15.41
N MET A 208 47.20 14.15 -14.38
CA MET A 208 47.59 14.51 -13.02
C MET A 208 48.80 13.70 -12.56
N ALA A 209 48.79 12.40 -12.84
CA ALA A 209 49.95 11.57 -12.51
C ALA A 209 51.19 12.03 -13.26
N GLU A 210 51.02 12.49 -14.49
CA GLU A 210 52.17 12.90 -15.32
C GLU A 210 52.80 14.18 -14.79
N VAL A 211 51.97 15.20 -14.50
CA VAL A 211 52.49 16.49 -14.07
C VAL A 211 52.95 16.44 -12.61
N GLY A 212 52.33 15.58 -11.80
CA GLY A 212 52.64 15.52 -10.39
C GLY A 212 51.51 16.08 -9.54
N TYR A 213 51.16 15.34 -8.50
CA TYR A 213 50.07 15.77 -7.62
C TYR A 213 50.41 17.12 -6.99
N ASP A 214 49.48 18.06 -7.11
CA ASP A 214 49.57 19.40 -6.52
C ASP A 214 48.54 19.49 -5.40
N ARG A 215 48.99 19.38 -4.16
CA ARG A 215 48.08 19.40 -3.02
C ARG A 215 47.31 20.73 -2.91
N ASN A 216 47.77 21.78 -3.58
CA ASN A 216 47.07 23.05 -3.60
C ASN A 216 46.09 23.19 -4.76
N ASN A 217 45.95 22.14 -5.57
CA ASN A 217 45.06 22.15 -6.73
C ASN A 217 43.78 21.42 -6.34
N LYS A 218 42.69 22.18 -6.21
CA LYS A 218 41.41 21.61 -5.82
C LYS A 218 40.94 20.53 -6.79
N GLN A 219 41.24 20.70 -8.07
CA GLN A 219 40.82 19.68 -9.02
C GLN A 219 41.64 18.41 -8.82
N HIS A 220 42.90 18.54 -8.40
CA HIS A 220 43.70 17.35 -8.09
C HIS A 220 43.10 16.59 -6.91
N HIS A 221 42.62 17.30 -5.89
CA HIS A 221 41.96 16.62 -4.77
C HIS A 221 40.76 15.82 -5.25
N ARG A 222 39.94 16.45 -6.10
CA ARG A 222 38.74 15.76 -6.58
C ARG A 222 39.12 14.54 -7.38
N LEU A 223 40.11 14.69 -8.26
CA LEU A 223 40.54 13.58 -9.11
C LEU A 223 41.09 12.44 -8.28
N LEU A 224 41.95 12.77 -7.31
CA LEU A 224 42.52 11.74 -6.44
C LEU A 224 41.44 10.99 -5.67
N LEU A 225 40.45 11.70 -5.12
CA LEU A 225 39.36 11.03 -4.42
C LEU A 225 38.65 10.03 -5.33
N CYS A 226 38.39 10.40 -6.59
CA CYS A 226 37.77 9.47 -7.53
C CYS A 226 38.65 8.24 -7.73
N LEU A 227 39.94 8.46 -8.00
CA LEU A 227 40.86 7.34 -8.19
C LEU A 227 40.89 6.43 -6.98
N LEU A 228 41.00 7.01 -5.78
CA LEU A 228 41.05 6.18 -4.58
C LEU A 228 39.76 5.41 -4.39
N MET A 229 38.61 6.03 -4.65
CA MET A 229 37.33 5.33 -4.50
C MET A 229 37.30 4.14 -5.45
N THR A 230 37.66 4.37 -6.71
CA THR A 230 37.70 3.26 -7.66
C THR A 230 38.66 2.17 -7.19
N SER A 231 39.81 2.57 -6.63
CA SER A 231 40.79 1.60 -6.14
C SER A 231 40.23 0.77 -5.00
N CYS A 232 39.43 1.39 -4.14
CA CYS A 232 38.76 0.64 -3.09
C CYS A 232 37.70 -0.29 -3.68
N ASP A 233 36.90 0.23 -4.63
CA ASP A 233 35.80 -0.55 -5.21
C ASP A 233 36.29 -1.83 -5.90
N LEU A 234 37.48 -1.79 -6.51
CA LEU A 234 37.99 -2.94 -7.25
C LEU A 234 39.02 -3.73 -6.45
N SER A 235 39.16 -3.43 -5.15
CA SER A 235 40.29 -3.92 -4.36
C SER A 235 40.29 -5.43 -4.16
N ASP A 236 39.16 -6.12 -4.41
CA ASP A 236 39.19 -7.59 -4.39
C ASP A 236 40.26 -8.15 -5.32
N GLN A 237 40.54 -7.47 -6.43
CA GLN A 237 41.51 -7.97 -7.40
C GLN A 237 42.95 -7.82 -6.94
N THR A 238 43.20 -7.11 -5.84
CA THR A 238 44.54 -6.93 -5.32
C THR A 238 44.93 -7.97 -4.29
N LYS A 239 44.09 -8.99 -4.07
CA LYS A 239 44.36 -10.04 -3.09
C LYS A 239 44.92 -11.24 -3.86
N GLY A 240 45.08 -12.38 -3.21
CA GLY A 240 45.65 -13.50 -3.92
C GLY A 240 44.64 -14.16 -4.83
N TRP A 241 45.09 -15.23 -5.48
CA TRP A 241 44.29 -15.82 -6.55
C TRP A 241 42.97 -16.39 -6.04
N LYS A 242 42.96 -16.98 -4.83
CA LYS A 242 41.72 -17.61 -4.36
C LYS A 242 40.64 -16.57 -4.13
N THR A 243 41.02 -15.37 -3.67
CA THR A 243 40.03 -14.30 -3.54
C THR A 243 39.47 -13.92 -4.91
N THR A 244 40.34 -13.73 -5.90
CA THR A 244 39.85 -13.27 -7.19
C THR A 244 39.02 -14.35 -7.88
N ARG A 245 39.36 -15.62 -7.68
CA ARG A 245 38.54 -16.70 -8.24
C ARG A 245 37.14 -16.67 -7.64
N LYS A 246 37.06 -16.55 -6.31
CA LYS A 246 35.76 -16.51 -5.64
C LYS A 246 34.98 -15.26 -6.04
N ILE A 247 35.64 -14.11 -6.12
CA ILE A 247 34.95 -12.90 -6.48
C ILE A 247 34.46 -12.98 -7.92
N ALA A 248 35.20 -13.66 -8.81
CA ALA A 248 34.69 -13.90 -10.16
C ALA A 248 33.42 -14.73 -10.12
N GLU A 249 33.39 -15.77 -9.28
CA GLU A 249 32.17 -16.59 -9.15
C GLU A 249 30.98 -15.73 -8.75
N LEU A 250 31.19 -14.82 -7.80
CA LEU A 250 30.10 -13.98 -7.31
C LEU A 250 29.65 -12.98 -8.36
N ILE A 251 30.60 -12.33 -9.04
CA ILE A 251 30.20 -11.35 -10.05
C ILE A 251 29.43 -12.02 -11.18
N TYR A 252 29.95 -13.13 -11.71
CA TYR A 252 29.24 -13.76 -12.82
C TYR A 252 27.92 -14.39 -12.38
N LYS A 253 27.82 -14.88 -11.14
CA LYS A 253 26.50 -15.32 -10.67
C LYS A 253 25.51 -14.16 -10.74
N GLU A 254 25.93 -12.98 -10.28
CA GLU A 254 25.07 -11.81 -10.30
C GLU A 254 24.77 -11.39 -11.74
N PHE A 255 25.81 -11.31 -12.58
CA PHE A 255 25.64 -10.92 -13.99
C PHE A 255 24.70 -11.88 -14.71
N PHE A 256 24.94 -13.18 -14.55
CA PHE A 256 24.13 -14.15 -15.29
C PHE A 256 22.70 -14.13 -14.83
N SER A 257 22.44 -13.81 -13.55
CA SER A 257 21.05 -13.64 -13.12
C SER A 257 20.41 -12.46 -13.81
N GLN A 258 21.14 -11.35 -13.96
CA GLN A 258 20.60 -10.24 -14.73
C GLN A 258 20.33 -10.65 -16.17
N GLY A 259 21.29 -11.34 -16.80
CA GLY A 259 21.12 -11.77 -18.18
C GLY A 259 19.90 -12.66 -18.36
N ASP A 260 19.67 -13.57 -17.41
CA ASP A 260 18.48 -14.42 -17.50
C ASP A 260 17.21 -13.56 -17.47
N LEU A 261 17.23 -12.47 -16.69
CA LEU A 261 16.08 -11.58 -16.66
C LEU A 261 15.90 -10.83 -17.97
N GLU A 262 16.99 -10.37 -18.58
CA GLU A 262 16.88 -9.65 -19.84
C GLU A 262 16.37 -10.56 -20.96
N LYS A 263 16.81 -11.82 -20.98
CA LYS A 263 16.27 -12.77 -21.96
C LYS A 263 14.76 -12.95 -21.76
N ALA A 264 14.33 -13.05 -20.50
CA ALA A 264 12.90 -13.17 -20.22
C ALA A 264 12.12 -11.93 -20.65
N MET A 265 12.79 -10.79 -20.79
CA MET A 265 12.16 -9.57 -21.30
C MET A 265 12.25 -9.45 -22.81
N GLY A 266 12.87 -10.42 -23.48
CA GLY A 266 13.04 -10.36 -24.92
C GLY A 266 14.23 -9.54 -25.38
N ASN A 267 15.23 -9.34 -24.53
CA ASN A 267 16.38 -8.52 -24.86
C ASN A 267 17.65 -9.37 -24.85
N ARG A 268 18.57 -9.03 -25.74
CA ARG A 268 19.87 -9.67 -25.82
C ARG A 268 20.80 -9.12 -24.75
N PRO A 269 21.18 -9.91 -23.75
CA PRO A 269 22.13 -9.43 -22.75
C PRO A 269 23.49 -9.16 -23.37
N MET A 270 24.24 -8.30 -22.70
CA MET A 270 25.68 -8.22 -22.93
C MET A 270 26.27 -9.61 -22.84
N GLU A 271 27.27 -9.88 -23.69
CA GLU A 271 27.93 -11.18 -23.69
C GLU A 271 28.37 -11.57 -22.28
N MET A 272 28.89 -10.62 -21.51
CA MET A 272 29.40 -10.92 -20.17
C MET A 272 28.30 -11.24 -19.18
N MET A 273 27.04 -10.99 -19.54
CA MET A 273 25.93 -11.30 -18.67
C MET A 273 25.09 -12.46 -19.19
N ASP A 274 25.55 -13.09 -20.27
CA ASP A 274 24.83 -14.18 -20.91
C ASP A 274 25.57 -15.47 -20.60
N ARG A 275 24.96 -16.33 -19.77
CA ARG A 275 25.61 -17.56 -19.33
C ARG A 275 25.87 -18.54 -20.46
N GLU A 276 25.25 -18.35 -21.62
CA GLU A 276 25.51 -19.21 -22.77
C GLU A 276 26.63 -18.71 -23.67
N LYS A 277 27.05 -17.44 -23.52
CA LYS A 277 28.10 -16.83 -24.34
C LYS A 277 29.35 -16.47 -23.56
N ALA A 278 29.20 -16.03 -22.31
CA ALA A 278 30.33 -15.52 -21.54
C ALA A 278 31.39 -16.60 -21.36
N TYR A 279 32.62 -16.26 -21.73
CA TYR A 279 33.79 -17.11 -21.52
C TYR A 279 34.62 -16.43 -20.44
N ILE A 280 34.46 -16.91 -19.21
CA ILE A 280 34.95 -16.19 -18.03
C ILE A 280 36.45 -15.87 -18.10
N PRO A 281 37.35 -16.82 -18.45
CA PRO A 281 38.78 -16.45 -18.45
C PRO A 281 39.11 -15.27 -19.36
N GLU A 282 38.54 -15.22 -20.56
CA GLU A 282 38.82 -14.13 -21.47
C GLU A 282 38.20 -12.82 -20.97
N LEU A 283 37.02 -12.89 -20.37
CA LEU A 283 36.42 -11.67 -19.81
C LEU A 283 37.21 -11.14 -18.63
N GLN A 284 37.71 -12.05 -17.78
CA GLN A 284 38.51 -11.60 -16.65
C GLN A 284 39.83 -11.03 -17.13
N ILE A 285 40.48 -11.68 -18.10
CA ILE A 285 41.71 -11.11 -18.64
C ILE A 285 41.43 -9.71 -19.20
N SER A 286 40.33 -9.56 -19.94
CA SER A 286 40.04 -8.25 -20.53
C SER A 286 39.78 -7.21 -19.45
N PHE A 287 39.01 -7.56 -18.43
CA PHE A 287 38.76 -6.64 -17.33
C PHE A 287 40.05 -6.26 -16.62
N MET A 288 40.93 -7.24 -16.40
CA MET A 288 42.20 -6.93 -15.74
C MET A 288 43.05 -6.00 -16.61
N GLU A 289 43.17 -6.33 -17.90
CA GLU A 289 44.03 -5.57 -18.80
C GLU A 289 43.53 -4.15 -19.02
N HIS A 290 42.23 -4.00 -19.24
CA HIS A 290 41.70 -2.73 -19.73
C HIS A 290 41.15 -1.85 -18.63
N ILE A 291 40.80 -2.41 -17.48
CA ILE A 291 40.24 -1.62 -16.39
C ILE A 291 41.10 -1.69 -15.12
N ALA A 292 41.27 -2.90 -14.57
CA ALA A 292 41.87 -3.01 -13.24
C ALA A 292 43.35 -2.63 -13.26
N MET A 293 44.13 -3.23 -14.17
CA MET A 293 45.56 -2.93 -14.18
C MET A 293 45.85 -1.45 -14.39
N PRO A 294 45.22 -0.73 -15.32
CA PRO A 294 45.54 0.70 -15.46
C PRO A 294 45.22 1.52 -14.23
N ILE A 295 44.18 1.15 -13.49
CA ILE A 295 43.83 1.87 -12.26
C ILE A 295 44.94 1.73 -11.23
N TYR A 296 45.41 0.51 -11.00
CA TYR A 296 46.44 0.33 -9.99
C TYR A 296 47.81 0.76 -10.48
N LYS A 297 48.01 0.84 -11.80
CA LYS A 297 49.23 1.48 -12.30
C LYS A 297 49.22 2.98 -12.00
N LEU A 298 48.09 3.66 -12.21
CA LEU A 298 47.99 5.06 -11.82
C LEU A 298 48.20 5.23 -10.33
N LEU A 299 47.62 4.33 -9.54
CA LEU A 299 47.81 4.41 -8.09
C LEU A 299 49.28 4.27 -7.72
N GLN A 300 49.98 3.34 -8.38
CA GLN A 300 51.40 3.17 -8.08
C GLN A 300 52.19 4.38 -8.56
N ASP A 301 51.79 4.96 -9.69
CA ASP A 301 52.47 6.15 -10.19
C ASP A 301 52.40 7.28 -9.17
N LEU A 302 51.27 7.40 -8.48
CA LEU A 302 51.08 8.46 -7.52
C LEU A 302 51.64 8.10 -6.15
N PHE A 303 51.58 6.82 -5.78
CA PHE A 303 52.04 6.34 -4.48
C PHE A 303 52.94 5.14 -4.74
N PRO A 304 54.27 5.32 -4.74
CA PRO A 304 55.17 4.18 -4.96
C PRO A 304 54.94 3.00 -4.03
N LYS A 305 54.41 3.22 -2.82
CA LYS A 305 54.19 2.10 -1.93
C LYS A 305 52.98 1.26 -2.33
N ALA A 306 52.22 1.71 -3.32
CA ALA A 306 51.12 0.94 -3.89
C ALA A 306 51.57 -0.04 -4.96
N ALA A 307 52.88 -0.14 -5.21
CA ALA A 307 53.39 -0.98 -6.29
C ALA A 307 52.93 -2.43 -6.14
N GLU A 308 52.93 -2.96 -4.92
CA GLU A 308 52.57 -4.36 -4.74
C GLU A 308 51.13 -4.62 -5.16
N LEU A 309 50.26 -3.62 -5.03
CA LEU A 309 48.87 -3.76 -5.48
C LEU A 309 48.80 -4.00 -6.98
N TYR A 310 49.51 -3.17 -7.76
CA TYR A 310 49.52 -3.36 -9.20
C TYR A 310 50.12 -4.72 -9.58
N GLU A 311 51.23 -5.09 -8.92
CA GLU A 311 51.89 -6.37 -9.19
C GLU A 311 50.95 -7.54 -8.93
N ARG A 312 50.16 -7.46 -7.86
CA ARG A 312 49.19 -8.51 -7.56
C ARG A 312 48.09 -8.57 -8.63
N VAL A 313 47.59 -7.41 -9.05
CA VAL A 313 46.57 -7.41 -10.10
C VAL A 313 47.13 -8.03 -11.38
N ALA A 314 48.38 -7.70 -11.71
CA ALA A 314 49.00 -8.27 -12.90
C ALA A 314 49.19 -9.78 -12.76
N SER A 315 49.57 -10.24 -11.58
CA SER A 315 49.72 -11.67 -11.35
C SER A 315 48.40 -12.40 -11.50
N ASN A 316 47.35 -11.88 -10.85
CA ASN A 316 46.03 -12.49 -10.97
C ASN A 316 45.61 -12.59 -12.43
N ARG A 317 45.91 -11.57 -13.22
CA ARG A 317 45.59 -11.63 -14.64
C ARG A 317 46.40 -12.72 -15.34
N GLU A 318 47.65 -12.91 -14.93
CA GLU A 318 48.44 -13.99 -15.52
C GLU A 318 47.85 -15.35 -15.14
N HIS A 319 47.33 -15.47 -13.92
CA HIS A 319 46.69 -16.72 -13.49
C HIS A 319 45.53 -17.11 -14.41
N TRP A 320 44.76 -16.13 -14.87
CA TRP A 320 43.61 -16.44 -15.72
C TRP A 320 44.04 -17.10 -17.02
N THR A 321 45.11 -16.60 -17.65
CA THR A 321 45.60 -17.25 -18.86
C THR A 321 46.08 -18.67 -18.55
N LYS A 322 46.68 -18.86 -17.37
CA LYS A 322 47.23 -20.17 -17.03
C LYS A 322 46.13 -21.21 -16.82
N VAL A 323 44.97 -20.81 -16.25
CA VAL A 323 43.90 -21.75 -15.97
C VAL A 323 42.90 -21.87 -17.11
N SER A 324 43.05 -21.07 -18.18
CA SER A 324 41.99 -20.98 -19.19
C SER A 324 41.79 -22.30 -19.90
N HIS A 325 42.87 -23.06 -20.10
CA HIS A 325 42.74 -24.34 -20.80
C HIS A 325 41.78 -25.28 -20.08
N LYS A 326 41.65 -25.13 -18.75
CA LYS A 326 40.77 -26.01 -17.98
C LYS A 326 39.29 -25.74 -18.21
N PHE A 327 38.94 -24.67 -18.90
CA PHE A 327 37.56 -24.48 -19.30
C PHE A 327 37.20 -25.29 -20.54
N THR A 328 38.17 -25.98 -21.12
CA THR A 328 37.94 -26.85 -22.26
C THR A 328 37.84 -28.29 -21.78
N ILE A 329 36.78 -28.99 -22.19
CA ILE A 329 36.49 -30.33 -21.70
C ILE A 329 37.39 -31.32 -22.45
N ARG A 330 38.34 -31.91 -21.73
CA ARG A 330 39.22 -32.97 -22.22
C ARG A 330 38.67 -34.33 -21.85
N GLY A 331 38.92 -35.30 -22.72
CA GLY A 331 38.38 -36.58 -22.39
C GLY A 331 36.88 -36.51 -22.27
N LEU A 332 36.35 -37.35 -21.43
CA LEU A 332 34.94 -37.33 -21.11
C LEU A 332 34.71 -36.52 -19.85
N PRO A 333 33.50 -35.99 -19.69
CA PRO A 333 33.10 -35.44 -18.39
C PRO A 333 33.21 -36.51 -17.31
N SER A 334 33.20 -36.04 -16.06
CA SER A 334 33.50 -36.95 -14.95
C SER A 334 32.53 -38.12 -14.89
N ASN A 335 31.29 -37.93 -15.34
CA ASN A 335 30.31 -39.01 -15.32
C ASN A 335 30.48 -40.00 -16.47
N ASN A 336 31.50 -39.84 -17.30
CA ASN A 336 31.72 -40.67 -18.50
C ASN A 336 30.61 -40.52 -19.52
N SER A 337 29.78 -39.50 -19.40
CA SER A 337 28.58 -39.38 -20.23
C SER A 337 28.69 -38.16 -21.12
N LEU A 338 28.17 -38.30 -22.35
CA LEU A 338 28.04 -37.19 -23.28
C LEU A 338 26.61 -36.65 -23.33
N ASP A 339 25.80 -36.94 -22.29
CA ASP A 339 24.41 -36.50 -22.28
C ASP A 339 24.26 -34.99 -22.30
N PHE A 340 25.29 -34.25 -21.89
CA PHE A 340 25.21 -32.80 -21.99
C PHE A 340 25.19 -32.33 -23.43
N LEU A 341 25.63 -33.16 -24.38
CA LEU A 341 25.61 -32.76 -25.78
C LEU A 341 24.18 -32.56 -26.28
N ASP A 342 23.25 -33.38 -25.81
CA ASP A 342 21.84 -33.22 -26.17
C ASP A 342 21.14 -32.29 -25.20
N MET B 3 -5.01 10.60 13.26
CA MET B 3 -4.60 10.20 11.92
C MET B 3 -5.20 8.85 11.56
N ASP B 4 -5.00 7.86 12.45
CA ASP B 4 -5.68 6.60 12.28
C ASP B 4 -7.19 6.79 12.28
N ASP B 5 -7.68 7.61 13.22
CA ASP B 5 -9.09 7.99 13.23
C ASP B 5 -9.51 8.61 11.91
N GLU B 6 -8.69 9.53 11.38
CA GLU B 6 -9.02 10.14 10.10
C GLU B 6 -9.05 9.09 9.00
N TYR B 7 -8.13 8.12 9.05
CA TYR B 7 -8.14 7.06 8.04
C TYR B 7 -9.41 6.24 8.12
N THR B 8 -9.83 5.87 9.32
CA THR B 8 -11.03 5.05 9.48
C THR B 8 -12.25 5.76 8.89
N LYS B 9 -12.38 7.05 9.18
CA LYS B 9 -13.53 7.82 8.66
C LYS B 9 -13.46 7.94 7.16
N LEU B 10 -12.28 8.24 6.65
CA LEU B 10 -12.12 8.43 5.22
C LEU B 10 -12.46 7.16 4.47
N LEU B 11 -12.13 6.01 5.06
CA LEU B 11 -12.37 4.74 4.35
C LEU B 11 -13.80 4.25 4.52
N HIS B 12 -14.38 4.39 5.72
CA HIS B 12 -15.63 3.70 6.01
C HIS B 12 -16.88 4.58 6.01
N ASP B 13 -16.74 5.90 6.09
CA ASP B 13 -17.90 6.74 5.83
C ASP B 13 -18.10 6.90 4.33
N GLY B 14 -19.33 7.23 3.94
CA GLY B 14 -19.58 7.53 2.54
C GLY B 14 -18.78 8.74 2.09
N ILE B 15 -18.51 8.81 0.79
CA ILE B 15 -17.91 10.00 0.21
C ILE B 15 -19.01 11.03 -0.01
N GLN B 16 -18.91 12.16 0.69
CA GLN B 16 -19.93 13.19 0.64
C GLN B 16 -20.08 13.73 -0.78
N PRO B 17 -21.32 14.00 -1.24
CA PRO B 17 -21.48 14.75 -2.49
C PRO B 17 -20.84 16.13 -2.38
N VAL B 18 -20.28 16.62 -3.49
CA VAL B 18 -19.55 17.91 -3.44
C VAL B 18 -20.46 19.03 -2.95
N ALA B 19 -21.71 19.09 -3.43
CA ALA B 19 -22.57 20.20 -3.04
C ALA B 19 -22.91 20.17 -1.56
N ALA B 20 -22.70 19.03 -0.89
CA ALA B 20 -22.88 18.97 0.55
C ALA B 20 -21.69 19.55 1.32
N ILE B 21 -20.52 19.62 0.68
CA ILE B 21 -19.39 20.33 1.30
C ILE B 21 -19.72 21.81 1.41
N ASP B 22 -20.15 22.40 0.30
CA ASP B 22 -20.55 23.79 0.24
C ASP B 22 -21.41 23.94 -1.00
N SER B 23 -22.50 24.71 -0.87
CA SER B 23 -23.37 24.92 -2.02
C SER B 23 -22.62 25.50 -3.21
N ASN B 24 -21.56 26.27 -2.94
CA ASN B 24 -20.79 26.96 -3.97
C ASN B 24 -19.51 26.22 -4.34
N PHE B 25 -19.39 24.95 -3.95
CA PHE B 25 -18.11 24.26 -3.99
C PHE B 25 -17.55 24.15 -5.41
N ALA B 26 -18.40 24.07 -6.42
CA ALA B 26 -17.94 23.89 -7.79
C ALA B 26 -17.90 25.19 -8.57
N SER B 27 -17.97 26.33 -7.90
CA SER B 27 -17.96 27.64 -8.55
C SER B 27 -16.58 28.28 -8.48
N PHE B 28 -16.26 29.10 -9.50
CA PHE B 28 -15.03 29.88 -9.50
C PHE B 28 -14.97 30.88 -8.35
N THR B 29 -16.11 31.20 -7.72
CA THR B 29 -16.10 32.12 -6.60
C THR B 29 -15.73 31.44 -5.28
N TYR B 30 -15.77 30.11 -5.24
CA TYR B 30 -15.46 29.41 -4.01
C TYR B 30 -13.98 29.55 -3.66
N THR B 31 -13.70 29.77 -2.37
CA THR B 31 -12.33 29.84 -1.87
C THR B 31 -12.01 28.57 -1.13
N PRO B 32 -11.28 27.62 -1.73
CA PRO B 32 -11.02 26.34 -1.04
C PRO B 32 -10.25 26.49 0.25
N ARG B 33 -9.45 27.56 0.40
CA ARG B 33 -8.76 27.76 1.67
C ARG B 33 -9.70 28.04 2.84
N SER B 34 -11.00 28.27 2.57
CA SER B 34 -11.97 28.40 3.66
C SER B 34 -12.31 27.07 4.30
N LEU B 35 -12.08 25.96 3.58
CA LEU B 35 -12.42 24.65 4.12
C LEU B 35 -11.46 24.31 5.24
N PRO B 36 -11.96 23.87 6.40
CA PRO B 36 -11.05 23.41 7.47
C PRO B 36 -10.07 22.37 6.95
N GLU B 37 -8.81 22.47 7.40
CA GLU B 37 -7.81 21.51 6.93
C GLU B 37 -8.22 20.07 7.23
N ASP B 38 -8.97 19.84 8.32
CA ASP B 38 -9.42 18.50 8.68
C ASP B 38 -10.44 17.93 7.70
N ASP B 39 -11.02 18.74 6.82
CA ASP B 39 -11.99 18.23 5.85
C ASP B 39 -11.42 18.11 4.45
N THR B 40 -10.14 18.46 4.24
CA THR B 40 -9.61 18.53 2.89
C THR B 40 -9.43 17.15 2.27
N SER B 41 -9.00 16.15 3.05
CA SER B 41 -8.85 14.80 2.49
C SER B 41 -10.18 14.24 2.03
N MET B 42 -11.25 14.44 2.83
CA MET B 42 -12.56 14.01 2.36
C MET B 42 -13.00 14.79 1.13
N ALA B 43 -12.68 16.10 1.07
CA ALA B 43 -13.00 16.89 -0.12
C ALA B 43 -12.31 16.37 -1.37
N ILE B 44 -11.05 15.94 -1.26
CA ILE B 44 -10.38 15.29 -2.38
C ILE B 44 -11.17 14.09 -2.86
N LEU B 45 -11.60 13.23 -1.93
CA LEU B 45 -12.39 12.06 -2.32
C LEU B 45 -13.68 12.47 -3.01
N SER B 46 -14.35 13.49 -2.47
CA SER B 46 -15.58 13.98 -3.08
C SER B 46 -15.36 14.43 -4.52
N MET B 47 -14.27 15.16 -4.77
CA MET B 47 -13.96 15.63 -6.12
C MET B 47 -13.61 14.47 -7.04
N LEU B 48 -12.84 13.50 -6.56
CA LEU B 48 -12.52 12.32 -7.37
C LEU B 48 -13.79 11.54 -7.69
N GLN B 49 -14.69 11.44 -6.73
CA GLN B 49 -15.95 10.75 -7.01
C GLN B 49 -16.79 11.53 -8.00
N ASP B 50 -16.84 12.86 -7.87
CA ASP B 50 -17.67 13.63 -8.78
C ASP B 50 -17.11 13.63 -10.20
N MET B 51 -15.80 13.45 -10.35
CA MET B 51 -15.21 13.36 -11.68
C MET B 51 -15.26 11.94 -12.23
N ASN B 52 -15.88 11.03 -11.49
CA ASN B 52 -16.03 9.63 -11.85
C ASN B 52 -14.70 8.91 -11.99
N PHE B 53 -13.61 9.45 -11.43
CA PHE B 53 -12.32 8.79 -11.63
C PHE B 53 -12.21 7.53 -10.80
N ILE B 54 -12.89 7.47 -9.65
CA ILE B 54 -12.79 6.28 -8.81
C ILE B 54 -13.35 5.07 -9.56
N ASN B 55 -14.39 5.28 -10.37
CA ASN B 55 -14.97 4.22 -11.18
C ASN B 55 -14.20 3.99 -12.48
N ASN B 56 -13.88 5.08 -13.21
CA ASN B 56 -13.19 4.94 -14.49
C ASN B 56 -11.88 4.20 -14.36
N TYR B 57 -11.22 4.32 -13.19
CA TYR B 57 -9.92 3.70 -12.98
C TYR B 57 -9.96 2.68 -11.85
N LYS B 58 -11.17 2.21 -11.51
CA LYS B 58 -11.39 1.10 -10.58
C LYS B 58 -10.47 1.21 -9.35
N ILE B 59 -10.48 2.38 -8.73
CA ILE B 59 -9.54 2.66 -7.66
C ILE B 59 -10.02 2.00 -6.38
N ASP B 60 -9.18 1.13 -5.82
CA ASP B 60 -9.45 0.52 -4.52
C ASP B 60 -9.64 1.61 -3.48
N CYS B 61 -10.72 1.52 -2.69
CA CYS B 61 -11.02 2.58 -1.75
C CYS B 61 -10.02 2.66 -0.62
N PRO B 62 -9.61 1.56 0.04
CA PRO B 62 -8.53 1.69 1.04
C PRO B 62 -7.28 2.29 0.44
N THR B 63 -6.96 1.93 -0.80
CA THR B 63 -5.74 2.41 -1.41
C THR B 63 -5.80 3.91 -1.64
N LEU B 64 -6.96 4.39 -2.09
CA LEU B 64 -7.10 5.81 -2.38
C LEU B 64 -7.11 6.64 -1.10
N ALA B 65 -7.73 6.12 -0.05
CA ALA B 65 -7.72 6.81 1.24
C ALA B 65 -6.31 6.91 1.79
N ARG B 66 -5.56 5.79 1.74
CA ARG B 66 -4.16 5.82 2.17
C ARG B 66 -3.35 6.79 1.32
N PHE B 67 -3.53 6.74 0.00
CA PHE B 67 -2.78 7.64 -0.89
C PHE B 67 -3.05 9.09 -0.54
N CYS B 68 -4.33 9.44 -0.34
CA CYS B 68 -4.66 10.82 -0.01
C CYS B 68 -3.97 11.26 1.27
N LEU B 69 -3.94 10.41 2.29
CA LEU B 69 -3.35 10.84 3.55
C LEU B 69 -1.83 10.87 3.46
N MET B 70 -1.23 9.95 2.69
CA MET B 70 0.21 9.98 2.50
C MET B 70 0.64 11.23 1.76
N VAL B 71 -0.15 11.66 0.78
CA VAL B 71 0.20 12.86 0.04
C VAL B 71 0.12 14.05 0.97
N LYS B 72 -0.95 14.13 1.77
CA LYS B 72 -1.08 15.24 2.72
C LYS B 72 0.07 15.26 3.71
N LYS B 73 0.46 14.08 4.23
CA LYS B 73 1.56 13.97 5.18
C LYS B 73 2.91 14.28 4.53
N GLY B 74 3.00 14.19 3.21
CA GLY B 74 4.22 14.49 2.51
C GLY B 74 4.52 15.95 2.32
N TYR B 75 3.65 16.84 2.78
CA TYR B 75 3.91 18.27 2.77
C TYR B 75 4.47 18.70 4.11
N ARG B 76 5.45 19.60 4.08
CA ARG B 76 5.90 20.24 5.30
C ARG B 76 5.02 21.45 5.54
N ASP B 77 5.44 22.34 6.44
CA ASP B 77 4.60 23.48 6.83
C ASP B 77 5.31 24.84 6.67
N PRO B 78 5.93 25.13 5.52
CA PRO B 78 6.35 26.50 5.28
C PRO B 78 5.13 27.38 5.10
N PRO B 79 5.27 28.71 5.18
CA PRO B 79 4.07 29.55 5.14
C PRO B 79 3.18 29.35 3.91
N TYR B 80 3.75 29.12 2.73
CA TYR B 80 2.94 28.99 1.52
C TYR B 80 2.92 27.58 0.94
N HIS B 81 4.08 26.97 0.72
CA HIS B 81 4.12 25.71 -0.04
C HIS B 81 3.81 24.52 0.88
N ASN B 82 2.56 24.46 1.30
CA ASN B 82 2.11 23.44 2.25
C ASN B 82 0.92 22.70 1.66
N TRP B 83 0.35 21.77 2.44
CA TRP B 83 -0.77 20.97 1.94
C TRP B 83 -1.94 21.84 1.51
N MET B 84 -2.22 22.92 2.25
CA MET B 84 -3.38 23.75 1.89
C MET B 84 -3.19 24.39 0.52
N HIS B 85 -1.94 24.69 0.14
CA HIS B 85 -1.68 25.11 -1.23
C HIS B 85 -2.01 23.99 -2.22
N ALA B 86 -1.46 22.80 -2.00
CA ALA B 86 -1.73 21.69 -2.91
C ALA B 86 -3.23 21.40 -3.02
N PHE B 87 -3.94 21.43 -1.89
CA PHE B 87 -5.38 21.22 -1.92
C PHE B 87 -6.08 22.29 -2.75
N SER B 88 -5.70 23.56 -2.56
CA SER B 88 -6.43 24.59 -3.29
C SER B 88 -6.11 24.53 -4.77
N VAL B 89 -4.90 24.10 -5.12
CA VAL B 89 -4.55 23.90 -6.52
C VAL B 89 -5.33 22.73 -7.11
N SER B 90 -5.44 21.64 -6.35
CA SER B 90 -6.25 20.49 -6.78
C SER B 90 -7.71 20.88 -6.91
N HIS B 91 -8.21 21.70 -6.00
CA HIS B 91 -9.59 22.16 -6.13
C HIS B 91 -9.78 22.95 -7.42
N PHE B 92 -8.79 23.76 -7.80
CA PHE B 92 -8.97 24.55 -9.01
C PHE B 92 -9.01 23.65 -10.24
N CYS B 93 -8.21 22.59 -10.23
CA CYS B 93 -8.29 21.61 -11.31
C CYS B 93 -9.71 21.09 -11.44
N TYR B 94 -10.30 20.74 -10.31
CA TYR B 94 -11.69 20.30 -10.29
C TYR B 94 -12.62 21.37 -10.84
N LEU B 95 -12.41 22.65 -10.48
CA LEU B 95 -13.21 23.73 -11.06
C LEU B 95 -13.08 23.80 -12.58
N LEU B 96 -11.85 23.63 -13.09
CA LEU B 96 -11.68 23.66 -14.54
C LEU B 96 -12.40 22.49 -15.19
N TYR B 97 -12.25 21.30 -14.61
CA TYR B 97 -13.02 20.14 -15.07
C TYR B 97 -14.51 20.45 -15.13
N LYS B 98 -15.06 21.01 -14.05
CA LYS B 98 -16.50 21.22 -13.96
C LYS B 98 -16.98 22.35 -14.87
N ASN B 99 -16.21 23.44 -14.95
CA ASN B 99 -16.67 24.66 -15.58
C ASN B 99 -16.24 24.80 -17.03
N LEU B 100 -15.13 24.19 -17.42
CA LEU B 100 -14.65 24.30 -18.79
C LEU B 100 -14.87 23.03 -19.61
N GLU B 101 -15.45 21.98 -19.02
CA GLU B 101 -15.74 20.72 -19.71
C GLU B 101 -14.50 20.16 -20.40
N LEU B 102 -13.50 19.87 -19.57
CA LEU B 102 -12.23 19.37 -20.09
C LEU B 102 -12.35 18.05 -20.81
N THR B 103 -13.39 17.25 -20.53
CA THR B 103 -13.51 15.96 -21.23
C THR B 103 -13.73 16.14 -22.72
N ASN B 104 -14.07 17.33 -23.18
CA ASN B 104 -14.15 17.59 -24.61
C ASN B 104 -12.82 18.05 -25.21
N TYR B 105 -11.80 18.26 -24.40
CA TYR B 105 -10.49 18.71 -24.88
C TYR B 105 -9.39 17.72 -24.59
N LEU B 106 -9.47 17.00 -23.47
CA LEU B 106 -8.39 16.14 -23.03
C LEU B 106 -8.90 14.73 -22.84
N GLU B 107 -8.00 13.75 -23.01
CA GLU B 107 -8.37 12.38 -22.69
C GLU B 107 -8.60 12.25 -21.20
N ASP B 108 -9.42 11.27 -20.81
CA ASP B 108 -9.72 11.11 -19.39
C ASP B 108 -8.45 10.84 -18.58
N ILE B 109 -7.55 9.99 -19.10
CA ILE B 109 -6.30 9.68 -18.42
C ILE B 109 -5.45 10.93 -18.23
N GLU B 110 -5.54 11.89 -19.16
CA GLU B 110 -4.78 13.13 -19.02
C GLU B 110 -5.34 14.00 -17.90
N ILE B 111 -6.66 14.09 -17.82
CA ILE B 111 -7.29 14.86 -16.75
C ILE B 111 -6.99 14.26 -15.39
N PHE B 112 -7.05 12.92 -15.31
CA PHE B 112 -6.71 12.20 -14.08
C PHE B 112 -5.28 12.49 -13.67
N ALA B 113 -4.36 12.41 -14.64
CA ALA B 113 -2.96 12.71 -14.35
C ALA B 113 -2.81 14.15 -13.86
N LEU B 114 -3.59 15.07 -14.45
CA LEU B 114 -3.49 16.46 -14.06
C LEU B 114 -3.94 16.65 -12.61
N PHE B 115 -5.07 16.07 -12.23
CA PHE B 115 -5.55 16.23 -10.87
C PHE B 115 -4.60 15.60 -9.86
N ILE B 116 -4.11 14.38 -10.15
CA ILE B 116 -3.19 13.74 -9.23
C ILE B 116 -1.89 14.55 -9.13
N SER B 117 -1.45 15.09 -10.26
CA SER B 117 -0.27 15.94 -10.25
C SER B 117 -0.46 17.17 -9.37
N CYS B 118 -1.64 17.79 -9.46
CA CYS B 118 -1.94 18.92 -8.57
C CYS B 118 -1.79 18.55 -7.10
N MET B 119 -2.29 17.36 -6.70
CA MET B 119 -2.15 16.95 -5.31
C MET B 119 -0.68 16.84 -4.89
N CYS B 120 0.16 16.34 -5.78
CA CYS B 120 1.55 16.00 -5.45
C CYS B 120 2.57 17.06 -5.85
N HIS B 121 2.17 18.12 -6.55
CA HIS B 121 3.14 18.90 -7.33
C HIS B 121 4.14 19.70 -6.49
N ASP B 122 3.91 19.89 -5.19
CA ASP B 122 4.87 20.58 -4.33
C ASP B 122 5.32 19.69 -3.16
N LEU B 123 5.23 18.37 -3.29
CA LEU B 123 5.54 17.48 -2.18
C LEU B 123 6.92 17.74 -1.60
N ASP B 124 6.99 17.81 -0.27
CA ASP B 124 8.24 17.92 0.48
C ASP B 124 8.96 19.25 0.20
N HIS B 125 8.22 20.25 -0.26
CA HIS B 125 8.78 21.58 -0.43
C HIS B 125 9.30 22.07 0.92
N ARG B 126 10.45 22.74 0.89
CA ARG B 126 11.10 23.20 2.11
C ARG B 126 11.01 24.70 2.26
N GLY B 127 10.23 25.37 1.41
CA GLY B 127 10.14 26.81 1.50
C GLY B 127 11.28 27.54 0.86
N THR B 128 12.01 26.90 -0.05
CA THR B 128 13.12 27.52 -0.74
C THR B 128 12.97 27.24 -2.24
N ASN B 129 13.54 28.12 -3.06
CA ASN B 129 13.34 28.01 -4.50
C ASN B 129 14.44 27.16 -5.13
N ASN B 130 14.41 27.05 -6.46
CA ASN B 130 15.40 26.23 -7.15
C ASN B 130 16.80 26.84 -7.04
N SER B 131 16.92 28.17 -7.17
CA SER B 131 18.22 28.80 -7.06
C SER B 131 18.90 28.48 -5.73
N PHE B 132 18.12 28.46 -4.65
CA PHE B 132 18.70 28.14 -3.34
C PHE B 132 19.30 26.74 -3.34
N GLN B 133 18.60 25.76 -3.93
CA GLN B 133 19.09 24.40 -3.98
C GLN B 133 20.47 24.34 -4.65
N VAL B 134 20.62 25.04 -5.77
CA VAL B 134 21.87 24.98 -6.52
C VAL B 134 22.97 25.74 -5.78
N ALA B 135 22.66 26.96 -5.32
CA ALA B 135 23.67 27.79 -4.68
C ALA B 135 24.17 27.16 -3.39
N SER B 136 23.28 26.52 -2.64
CA SER B 136 23.64 25.87 -1.39
C SER B 136 24.14 24.43 -1.58
N LYS B 137 24.19 23.95 -2.82
CA LYS B 137 24.62 22.59 -3.11
C LYS B 137 23.85 21.58 -2.25
N SER B 138 22.52 21.73 -2.25
CA SER B 138 21.68 20.82 -1.50
C SER B 138 21.76 19.41 -2.10
N VAL B 139 21.30 18.43 -1.33
CA VAL B 139 21.29 17.07 -1.86
C VAL B 139 20.34 16.95 -3.05
N LEU B 140 19.28 17.76 -3.08
CA LEU B 140 18.39 17.75 -4.24
C LEU B 140 19.11 18.24 -5.49
N ALA B 141 19.88 19.33 -5.37
CA ALA B 141 20.67 19.79 -6.50
C ALA B 141 21.76 18.79 -6.86
N ALA B 142 22.27 18.08 -5.86
CA ALA B 142 23.32 17.09 -6.10
C ALA B 142 22.80 15.96 -6.96
N LEU B 143 21.55 15.56 -6.75
CA LEU B 143 20.97 14.48 -7.54
C LEU B 143 20.54 14.96 -8.92
N TYR B 144 19.86 16.09 -8.98
CA TYR B 144 19.29 16.57 -10.24
C TYR B 144 20.18 17.64 -10.85
N SER B 145 21.46 17.26 -11.06
CA SER B 145 22.54 18.21 -11.33
C SER B 145 22.42 18.91 -12.68
N SER B 146 21.65 18.38 -13.63
CA SER B 146 21.47 19.09 -14.89
C SER B 146 20.41 20.17 -14.73
N GLU B 147 20.35 20.71 -13.51
CA GLU B 147 19.37 21.60 -12.88
C GLU B 147 18.24 22.16 -13.73
N GLY B 148 17.71 21.40 -14.66
CA GLY B 148 16.33 21.70 -14.97
C GLY B 148 15.55 21.43 -13.70
N SER B 149 15.04 22.48 -13.03
CA SER B 149 13.86 22.34 -12.16
C SER B 149 14.10 21.37 -11.01
N VAL B 150 15.02 21.76 -10.12
CA VAL B 150 15.44 20.87 -9.03
C VAL B 150 14.25 20.44 -8.17
N MET B 151 13.49 21.42 -7.64
CA MET B 151 12.43 21.06 -6.69
C MET B 151 11.33 20.26 -7.37
N GLU B 152 11.02 20.61 -8.62
CA GLU B 152 9.96 19.91 -9.33
C GLU B 152 10.34 18.45 -9.63
N ARG B 153 11.60 18.20 -9.95
CA ARG B 153 12.10 16.81 -10.03
C ARG B 153 11.91 16.08 -8.71
N HIS B 154 12.21 16.76 -7.59
CA HIS B 154 12.00 16.14 -6.29
C HIS B 154 10.52 15.89 -6.01
N HIS B 155 9.64 16.86 -6.36
CA HIS B 155 8.22 16.68 -6.11
C HIS B 155 7.69 15.44 -6.83
N PHE B 156 8.07 15.30 -8.10
CA PHE B 156 7.75 14.07 -8.83
C PHE B 156 8.33 12.84 -8.15
N ALA B 157 9.60 12.90 -7.72
CA ALA B 157 10.20 11.74 -7.06
C ALA B 157 9.41 11.33 -5.82
N GLN B 158 8.97 12.32 -5.04
CA GLN B 158 8.18 12.03 -3.85
C GLN B 158 6.85 11.40 -4.21
N ALA B 159 6.24 11.86 -5.30
CA ALA B 159 4.99 11.26 -5.77
C ALA B 159 5.17 9.79 -6.12
N ILE B 160 6.23 9.48 -6.88
CA ILE B 160 6.54 8.10 -7.24
C ILE B 160 6.77 7.26 -5.99
N ALA B 161 7.50 7.81 -5.02
CA ALA B 161 7.75 7.06 -3.79
C ALA B 161 6.45 6.71 -3.08
N ILE B 162 5.47 7.62 -3.08
CA ILE B 162 4.18 7.31 -2.47
C ILE B 162 3.47 6.21 -3.25
N LEU B 163 3.41 6.35 -4.57
CA LEU B 163 2.74 5.33 -5.39
C LEU B 163 3.38 3.97 -5.24
N ASN B 164 4.67 3.93 -4.94
CA ASN B 164 5.34 2.65 -4.74
C ASN B 164 5.32 2.18 -3.29
N THR B 165 4.66 2.91 -2.40
CA THR B 165 4.51 2.46 -1.03
C THR B 165 3.36 1.47 -0.95
N HIS B 166 3.59 0.39 -0.21
CA HIS B 166 2.57 -0.63 0.02
C HIS B 166 1.22 0.00 0.38
N GLY B 167 0.20 -0.36 -0.40
CA GLY B 167 -1.16 0.08 -0.13
C GLY B 167 -1.51 1.46 -0.63
N CYS B 168 -0.65 2.09 -1.44
CA CYS B 168 -0.90 3.43 -1.94
C CYS B 168 -0.94 3.55 -3.45
N ASN B 169 -0.80 2.46 -4.20
CA ASN B 169 -0.69 2.60 -5.64
C ASN B 169 -2.09 2.67 -6.25
N ILE B 170 -2.61 3.90 -6.32
CA ILE B 170 -3.91 4.12 -6.94
C ILE B 170 -3.90 3.88 -8.44
N PHE B 171 -2.73 3.63 -9.03
CA PHE B 171 -2.61 3.33 -10.44
C PHE B 171 -2.53 1.82 -10.71
N ASP B 172 -2.83 1.00 -9.70
CA ASP B 172 -2.70 -0.44 -9.84
C ASP B 172 -3.57 -1.00 -10.97
N HIS B 173 -4.68 -0.31 -11.30
CA HIS B 173 -5.60 -0.77 -12.34
C HIS B 173 -5.02 -0.68 -13.74
N PHE B 174 -4.02 0.16 -13.95
CA PHE B 174 -3.50 0.40 -15.30
C PHE B 174 -2.66 -0.77 -15.80
N SER B 175 -2.71 -0.99 -17.10
CA SER B 175 -1.76 -1.88 -17.76
C SER B 175 -0.35 -1.31 -17.58
N ARG B 176 0.65 -2.17 -17.78
CA ARG B 176 2.02 -1.65 -17.69
C ARG B 176 2.23 -0.48 -18.65
N LYS B 177 1.58 -0.51 -19.82
CA LYS B 177 1.70 0.58 -20.78
C LYS B 177 1.09 1.87 -20.24
N ASP B 178 -0.16 1.79 -19.75
CA ASP B 178 -0.81 2.99 -19.24
C ASP B 178 -0.19 3.45 -17.93
N TYR B 179 0.38 2.54 -17.14
CA TYR B 179 1.09 2.96 -15.95
C TYR B 179 2.28 3.83 -16.29
N GLN B 180 3.11 3.39 -17.24
CA GLN B 180 4.21 4.23 -17.73
C GLN B 180 3.68 5.56 -18.27
N ARG B 181 2.59 5.52 -19.04
CA ARG B 181 2.05 6.77 -19.59
C ARG B 181 1.66 7.73 -18.48
N MET B 182 1.09 7.20 -17.40
CA MET B 182 0.69 8.02 -16.26
C MET B 182 1.91 8.63 -15.58
N LEU B 183 2.95 7.81 -15.34
CA LEU B 183 4.15 8.35 -14.71
C LEU B 183 4.75 9.46 -15.55
N ASP B 184 4.80 9.28 -16.88
CA ASP B 184 5.41 10.28 -17.75
C ASP B 184 4.56 11.53 -17.86
N LEU B 185 3.23 11.39 -17.82
CA LEU B 185 2.37 12.56 -17.75
C LEU B 185 2.60 13.32 -16.45
N MET B 186 2.66 12.60 -15.32
CA MET B 186 2.87 13.27 -14.04
C MET B 186 4.19 14.01 -14.02
N ARG B 187 5.24 13.41 -14.60
CA ARG B 187 6.52 14.11 -14.66
C ARG B 187 6.40 15.37 -15.50
N ASP B 188 5.79 15.26 -16.69
CA ASP B 188 5.63 16.43 -17.53
C ASP B 188 4.85 17.53 -16.82
N ILE B 189 3.79 17.14 -16.13
CA ILE B 189 2.90 18.15 -15.55
C ILE B 189 3.55 18.80 -14.36
N ILE B 190 4.18 18.00 -13.49
CA ILE B 190 4.85 18.59 -12.33
C ILE B 190 6.03 19.44 -12.76
N LEU B 191 6.79 19.01 -13.77
CA LEU B 191 7.87 19.86 -14.27
C LEU B 191 7.35 21.18 -14.82
N ALA B 192 6.14 21.20 -15.36
CA ALA B 192 5.54 22.42 -15.89
C ALA B 192 5.28 23.47 -14.81
N THR B 193 5.27 23.09 -13.52
CA THR B 193 5.03 24.07 -12.47
C THR B 193 6.25 24.93 -12.20
N ASP B 194 7.40 24.61 -12.77
CA ASP B 194 8.52 25.55 -12.73
C ASP B 194 8.16 26.74 -13.61
N LEU B 195 8.05 27.95 -13.03
CA LEU B 195 7.71 29.10 -13.86
C LEU B 195 8.75 29.37 -14.94
N ALA B 196 9.99 28.92 -14.73
CA ALA B 196 10.98 29.03 -15.81
C ALA B 196 10.54 28.25 -17.02
N HIS B 197 9.96 27.06 -16.80
CA HIS B 197 9.43 26.26 -17.91
C HIS B 197 8.27 26.98 -18.58
N HIS B 198 7.35 27.55 -17.79
CA HIS B 198 6.23 28.28 -18.38
C HIS B 198 6.72 29.40 -19.27
N LEU B 199 7.71 30.18 -18.80
CA LEU B 199 8.23 31.26 -19.63
C LEU B 199 8.82 30.73 -20.93
N ARG B 200 9.46 29.55 -20.89
CA ARG B 200 10.08 29.00 -22.08
C ARG B 200 9.03 28.59 -23.11
N ILE B 201 7.90 28.05 -22.67
CA ILE B 201 6.85 27.62 -23.60
C ILE B 201 5.82 28.70 -23.86
N PHE B 202 5.96 29.89 -23.26
CA PHE B 202 4.88 30.89 -23.34
C PHE B 202 4.56 31.22 -24.80
N LYS B 203 5.59 31.37 -25.64
CA LYS B 203 5.33 31.70 -27.05
C LYS B 203 4.56 30.59 -27.76
N ASP B 204 4.82 29.32 -27.38
CA ASP B 204 4.08 28.23 -27.99
C ASP B 204 2.64 28.20 -27.48
N LEU B 205 2.43 28.57 -26.21
CA LEU B 205 1.08 28.67 -25.70
C LEU B 205 0.30 29.76 -26.43
N GLN B 206 0.94 30.92 -26.65
CA GLN B 206 0.28 31.99 -27.41
C GLN B 206 -0.10 31.54 -28.81
N LYS B 207 0.78 30.81 -29.47
CA LYS B 207 0.47 30.35 -30.82
C LYS B 207 -0.69 29.39 -30.84
N MET B 208 -0.71 28.46 -29.88
CA MET B 208 -1.84 27.55 -29.79
C MET B 208 -3.14 28.32 -29.56
N ALA B 209 -3.12 29.31 -28.67
CA ALA B 209 -4.30 30.14 -28.47
C ALA B 209 -4.70 30.87 -29.75
N GLU B 210 -3.70 31.29 -30.54
CA GLU B 210 -3.99 32.03 -31.77
C GLU B 210 -4.57 31.12 -32.84
N VAL B 211 -3.99 29.92 -33.02
CA VAL B 211 -4.45 29.04 -34.07
C VAL B 211 -5.70 28.29 -33.62
N GLY B 212 -5.85 28.08 -32.32
CA GLY B 212 -6.97 27.35 -31.79
C GLY B 212 -6.60 25.95 -31.39
N TYR B 213 -7.09 25.51 -30.23
CA TYR B 213 -6.76 24.18 -29.75
C TYR B 213 -7.30 23.13 -30.71
N ASP B 214 -6.45 22.17 -31.07
CA ASP B 214 -6.81 21.04 -31.92
C ASP B 214 -6.64 19.76 -31.12
N ARG B 215 -7.75 19.09 -30.79
CA ARG B 215 -7.69 17.89 -29.96
C ARG B 215 -6.94 16.76 -30.65
N ASN B 216 -6.80 16.80 -31.96
CA ASN B 216 -6.06 15.77 -32.65
C ASN B 216 -4.59 16.11 -32.79
N ASN B 217 -4.14 17.18 -32.14
CA ASN B 217 -2.75 17.61 -32.16
C ASN B 217 -2.13 17.26 -30.82
N LYS B 218 -1.20 16.29 -30.82
CA LYS B 218 -0.68 15.82 -29.54
C LYS B 218 0.16 16.89 -28.83
N GLN B 219 0.87 17.72 -29.59
CA GLN B 219 1.58 18.83 -28.96
C GLN B 219 0.62 19.80 -28.26
N HIS B 220 -0.57 20.00 -28.83
CA HIS B 220 -1.57 20.81 -28.16
C HIS B 220 -1.99 20.21 -26.83
N HIS B 221 -2.12 18.88 -26.77
CA HIS B 221 -2.45 18.24 -25.49
C HIS B 221 -1.39 18.56 -24.45
N ARG B 222 -0.12 18.39 -24.83
CA ARG B 222 0.97 18.63 -23.88
C ARG B 222 1.00 20.08 -23.43
N LEU B 223 0.83 21.01 -24.37
CA LEU B 223 0.81 22.43 -24.02
C LEU B 223 -0.39 22.78 -23.16
N LEU B 224 -1.57 22.26 -23.50
CA LEU B 224 -2.75 22.58 -22.70
C LEU B 224 -2.57 22.08 -21.27
N LEU B 225 -2.01 20.88 -21.09
CA LEU B 225 -1.77 20.39 -19.74
C LEU B 225 -0.85 21.31 -18.97
N CYS B 226 0.19 21.82 -19.61
CA CYS B 226 1.10 22.76 -18.94
C CYS B 226 0.34 24.01 -18.51
N LEU B 227 -0.43 24.60 -19.42
CA LEU B 227 -1.15 25.83 -19.10
C LEU B 227 -2.17 25.60 -18.00
N LEU B 228 -2.92 24.49 -18.06
CA LEU B 228 -3.88 24.21 -16.99
C LEU B 228 -3.19 24.03 -15.66
N MET B 229 -2.03 23.35 -15.66
CA MET B 229 -1.31 23.15 -14.39
C MET B 229 -0.87 24.50 -13.83
N THR B 230 -0.33 25.38 -14.69
CA THR B 230 0.06 26.71 -14.22
C THR B 230 -1.14 27.49 -13.72
N SER B 231 -2.26 27.39 -14.43
CA SER B 231 -3.48 28.09 -14.02
C SER B 231 -3.93 27.62 -12.65
N CYS B 232 -3.79 26.32 -12.37
CA CYS B 232 -4.12 25.81 -11.05
C CYS B 232 -3.15 26.31 -10.00
N ASP B 233 -1.86 26.28 -10.31
CA ASP B 233 -0.83 26.68 -9.35
C ASP B 233 -0.97 28.13 -8.94
N LEU B 234 -1.43 29.00 -9.83
CA LEU B 234 -1.54 30.42 -9.52
C LEU B 234 -2.95 30.83 -9.14
N SER B 235 -3.85 29.85 -8.92
CA SER B 235 -5.27 30.17 -8.89
C SER B 235 -5.70 30.96 -7.66
N ASP B 236 -4.85 31.05 -6.64
CA ASP B 236 -5.12 31.97 -5.53
C ASP B 236 -5.40 33.37 -6.03
N GLN B 237 -4.81 33.74 -7.16
CA GLN B 237 -4.97 35.10 -7.65
C GLN B 237 -6.29 35.32 -8.38
N THR B 238 -7.09 34.28 -8.55
CA THR B 238 -8.39 34.41 -9.21
C THR B 238 -9.53 34.56 -8.22
N LYS B 239 -9.24 34.62 -6.91
CA LYS B 239 -10.25 34.77 -5.88
C LYS B 239 -10.45 36.25 -5.55
N GLY B 240 -10.91 36.55 -4.33
CA GLY B 240 -11.13 37.92 -3.92
C GLY B 240 -9.88 38.56 -3.37
N TRP B 241 -10.03 39.83 -2.98
CA TRP B 241 -8.86 40.59 -2.52
C TRP B 241 -8.29 40.01 -1.23
N LYS B 242 -9.15 39.55 -0.33
CA LYS B 242 -8.64 39.08 0.95
C LYS B 242 -7.79 37.83 0.76
N THR B 243 -8.11 37.01 -0.25
CA THR B 243 -7.27 35.85 -0.56
C THR B 243 -5.92 36.28 -1.11
N THR B 244 -5.89 37.18 -2.10
CA THR B 244 -4.61 37.60 -2.67
C THR B 244 -3.76 38.34 -1.65
N ARG B 245 -4.40 39.09 -0.73
CA ARG B 245 -3.63 39.77 0.31
C ARG B 245 -3.00 38.75 1.27
N LYS B 246 -3.79 37.76 1.71
CA LYS B 246 -3.27 36.75 2.61
C LYS B 246 -2.19 35.90 1.94
N ILE B 247 -2.37 35.57 0.66
CA ILE B 247 -1.38 34.74 0.00
C ILE B 247 -0.08 35.53 -0.20
N ALA B 248 -0.19 36.86 -0.38
CA ALA B 248 1.00 37.69 -0.37
C ALA B 248 1.76 37.58 0.95
N GLU B 249 1.06 37.68 2.08
CA GLU B 249 1.70 37.52 3.38
C GLU B 249 2.50 36.23 3.47
N LEU B 250 1.90 35.13 3.01
CA LEU B 250 2.51 33.81 3.14
C LEU B 250 3.72 33.68 2.23
N ILE B 251 3.57 34.11 0.99
CA ILE B 251 4.64 34.03 0.01
C ILE B 251 5.87 34.82 0.50
N TYR B 252 5.65 36.07 0.91
CA TYR B 252 6.79 36.89 1.28
C TYR B 252 7.37 36.47 2.61
N LYS B 253 6.56 35.95 3.54
CA LYS B 253 7.15 35.38 4.74
C LYS B 253 8.08 34.22 4.38
N GLU B 254 7.64 33.37 3.45
CA GLU B 254 8.46 32.25 3.03
C GLU B 254 9.73 32.74 2.34
N PHE B 255 9.57 33.65 1.37
CA PHE B 255 10.69 34.24 0.65
C PHE B 255 11.71 34.83 1.61
N PHE B 256 11.23 35.69 2.53
CA PHE B 256 12.16 36.41 3.40
C PHE B 256 12.89 35.47 4.35
N SER B 257 12.26 34.36 4.75
CA SER B 257 12.98 33.36 5.52
C SER B 257 14.15 32.78 4.73
N GLN B 258 13.92 32.49 3.45
CA GLN B 258 15.03 32.05 2.59
C GLN B 258 16.13 33.11 2.55
N GLY B 259 15.73 34.37 2.35
CA GLY B 259 16.73 35.42 2.22
C GLY B 259 17.55 35.60 3.48
N ASP B 260 16.90 35.51 4.65
CA ASP B 260 17.62 35.61 5.92
C ASP B 260 18.70 34.54 5.98
N LEU B 261 18.35 33.32 5.60
CA LEU B 261 19.31 32.22 5.61
C LEU B 261 20.43 32.46 4.61
N GLU B 262 20.08 32.89 3.40
CA GLU B 262 21.11 33.24 2.41
C GLU B 262 22.07 34.28 2.96
N LYS B 263 21.56 35.31 3.63
CA LYS B 263 22.46 36.34 4.14
C LYS B 263 23.42 35.78 5.18
N ALA B 264 22.93 34.89 6.05
CA ALA B 264 23.77 34.29 7.06
C ALA B 264 24.85 33.41 6.45
N MET B 265 24.52 32.71 5.37
CA MET B 265 25.46 31.87 4.64
C MET B 265 26.44 32.69 3.80
N GLY B 266 26.24 34.00 3.70
CA GLY B 266 27.12 34.82 2.90
C GLY B 266 26.74 34.95 1.44
N ASN B 267 25.52 34.58 1.07
CA ASN B 267 25.05 34.73 -0.29
C ASN B 267 24.12 35.92 -0.39
N ARG B 268 24.12 36.56 -1.55
CA ARG B 268 23.25 37.70 -1.79
C ARG B 268 21.89 37.20 -2.22
N PRO B 269 20.83 37.39 -1.43
CA PRO B 269 19.51 36.96 -1.87
C PRO B 269 18.99 37.84 -2.99
N MET B 270 18.10 37.25 -3.80
CA MET B 270 17.27 38.05 -4.71
C MET B 270 16.63 39.18 -3.93
N GLU B 271 16.40 40.30 -4.63
CA GLU B 271 15.78 41.45 -3.97
C GLU B 271 14.41 41.10 -3.41
N MET B 272 13.61 40.33 -4.14
CA MET B 272 12.27 40.00 -3.65
C MET B 272 12.29 39.09 -2.44
N MET B 273 13.44 38.51 -2.08
CA MET B 273 13.57 37.69 -0.90
C MET B 273 14.34 38.38 0.22
N ASP B 274 14.69 39.66 0.03
CA ASP B 274 15.43 40.41 1.04
C ASP B 274 14.45 41.35 1.74
N ARG B 275 14.10 41.02 2.99
CA ARG B 275 13.11 41.81 3.71
C ARG B 275 13.55 43.26 3.89
N GLU B 276 14.83 43.56 3.66
CA GLU B 276 15.30 44.93 3.80
C GLU B 276 15.20 45.74 2.51
N LYS B 277 15.01 45.07 1.38
CA LYS B 277 14.92 45.74 0.08
C LYS B 277 13.56 45.59 -0.57
N ALA B 278 12.93 44.42 -0.41
CA ALA B 278 11.69 44.11 -1.12
C ALA B 278 10.62 45.15 -0.80
N TYR B 279 9.97 45.64 -1.84
CA TYR B 279 8.83 46.53 -1.72
C TYR B 279 7.64 45.77 -2.28
N ILE B 280 6.86 45.17 -1.36
CA ILE B 280 5.85 44.18 -1.75
C ILE B 280 4.87 44.69 -2.80
N PRO B 281 4.28 45.89 -2.68
CA PRO B 281 3.25 46.26 -3.68
C PRO B 281 3.79 46.30 -5.10
N GLU B 282 5.01 46.79 -5.27
CA GLU B 282 5.61 46.85 -6.61
C GLU B 282 5.96 45.46 -7.13
N LEU B 283 6.46 44.59 -6.24
CA LEU B 283 6.71 43.21 -6.64
C LEU B 283 5.42 42.51 -7.02
N GLN B 284 4.36 42.75 -6.25
CA GLN B 284 3.09 42.09 -6.55
C GLN B 284 2.50 42.59 -7.86
N ILE B 285 2.51 43.91 -8.09
CA ILE B 285 1.97 44.44 -9.33
C ILE B 285 2.72 43.88 -10.53
N SER B 286 4.05 43.83 -10.44
CA SER B 286 4.86 43.24 -11.50
C SER B 286 4.49 41.78 -11.76
N PHE B 287 4.41 40.98 -10.70
CA PHE B 287 4.04 39.57 -10.84
C PHE B 287 2.67 39.42 -11.48
N MET B 288 1.71 40.24 -11.03
CA MET B 288 0.36 40.16 -11.59
C MET B 288 0.35 40.58 -13.05
N GLU B 289 0.99 41.70 -13.37
CA GLU B 289 0.91 42.24 -14.71
C GLU B 289 1.69 41.37 -15.71
N HIS B 290 2.82 40.80 -15.28
CA HIS B 290 3.75 40.17 -16.21
C HIS B 290 3.75 38.65 -16.19
N ILE B 291 3.23 38.03 -15.15
CA ILE B 291 3.16 36.57 -15.10
C ILE B 291 1.71 36.12 -15.01
N ALA B 292 0.97 36.57 -13.99
CA ALA B 292 -0.33 35.97 -13.72
C ALA B 292 -1.36 36.37 -14.77
N MET B 293 -1.49 37.68 -15.06
CA MET B 293 -2.50 38.10 -16.02
C MET B 293 -2.30 37.46 -17.39
N PRO B 294 -1.09 37.41 -17.96
CA PRO B 294 -0.95 36.74 -19.26
C PRO B 294 -1.37 35.28 -19.23
N ILE B 295 -1.17 34.58 -18.10
CA ILE B 295 -1.59 33.18 -18.01
C ILE B 295 -3.11 33.06 -18.15
N TYR B 296 -3.85 33.89 -17.41
CA TYR B 296 -5.31 33.77 -17.47
C TYR B 296 -5.88 34.39 -18.74
N LYS B 297 -5.14 35.28 -19.39
CA LYS B 297 -5.55 35.75 -20.71
C LYS B 297 -5.46 34.62 -21.73
N LEU B 298 -4.38 33.83 -21.68
CA LEU B 298 -4.26 32.65 -22.52
C LEU B 298 -5.39 31.67 -22.24
N LEU B 299 -5.72 31.45 -20.97
CA LEU B 299 -6.80 30.54 -20.63
C LEU B 299 -8.13 31.05 -21.19
N GLN B 300 -8.36 32.36 -21.06
CA GLN B 300 -9.54 33.01 -21.63
C GLN B 300 -9.57 32.88 -23.16
N ASP B 301 -8.43 33.03 -23.82
CA ASP B 301 -8.39 32.93 -25.28
C ASP B 301 -8.73 31.53 -25.75
N LEU B 302 -8.39 30.51 -24.96
CA LEU B 302 -8.70 29.12 -25.26
C LEU B 302 -10.09 28.72 -24.80
N PHE B 303 -10.54 29.24 -23.66
CA PHE B 303 -11.83 28.88 -23.05
C PHE B 303 -12.57 30.15 -22.68
N PRO B 304 -13.49 30.63 -23.53
CA PRO B 304 -14.27 31.82 -23.18
C PRO B 304 -14.93 31.76 -21.81
N LYS B 305 -15.28 30.57 -21.31
CA LYS B 305 -15.87 30.48 -19.97
C LYS B 305 -14.86 30.82 -18.88
N ALA B 306 -13.58 30.93 -19.21
CA ALA B 306 -12.56 31.33 -18.26
C ALA B 306 -12.38 32.84 -18.19
N ALA B 307 -13.23 33.60 -18.90
CA ALA B 307 -13.07 35.06 -18.93
C ALA B 307 -13.09 35.66 -17.53
N GLU B 308 -13.95 35.17 -16.64
CA GLU B 308 -14.09 35.81 -15.34
C GLU B 308 -12.85 35.64 -14.48
N LEU B 309 -12.07 34.58 -14.72
CA LEU B 309 -10.82 34.38 -13.98
C LEU B 309 -9.83 35.49 -14.29
N TYR B 310 -9.66 35.78 -15.59
CA TYR B 310 -8.72 36.82 -16.00
C TYR B 310 -9.19 38.18 -15.51
N GLU B 311 -10.51 38.44 -15.58
CA GLU B 311 -11.04 39.69 -15.06
C GLU B 311 -10.75 39.85 -13.56
N ARG B 312 -10.83 38.76 -12.79
CA ARG B 312 -10.57 38.88 -11.36
C ARG B 312 -9.08 39.08 -11.08
N VAL B 313 -8.23 38.38 -11.83
CA VAL B 313 -6.80 38.61 -11.67
C VAL B 313 -6.47 40.05 -12.01
N ALA B 314 -7.07 40.58 -13.08
CA ALA B 314 -6.85 41.98 -13.43
C ALA B 314 -7.37 42.91 -12.34
N SER B 315 -8.53 42.57 -11.75
CA SER B 315 -9.08 43.40 -10.70
C SER B 315 -8.20 43.37 -9.44
N ASN B 316 -7.66 42.21 -9.10
CA ASN B 316 -6.78 42.11 -7.93
C ASN B 316 -5.50 42.89 -8.14
N ARG B 317 -5.01 42.93 -9.36
CA ARG B 317 -3.84 43.73 -9.67
C ARG B 317 -4.15 45.21 -9.49
N GLU B 318 -5.30 45.65 -10.01
CA GLU B 318 -5.74 47.03 -9.80
C GLU B 318 -5.81 47.36 -8.32
N HIS B 319 -6.21 46.38 -7.50
CA HIS B 319 -6.34 46.62 -6.07
C HIS B 319 -5.00 46.80 -5.39
N TRP B 320 -3.96 46.09 -5.85
CA TRP B 320 -2.62 46.29 -5.33
C TRP B 320 -2.14 47.70 -5.63
N THR B 321 -2.42 48.20 -6.84
CA THR B 321 -2.08 49.57 -7.19
C THR B 321 -2.77 50.55 -6.26
N LYS B 322 -4.02 50.23 -5.87
CA LYS B 322 -4.79 51.15 -5.04
C LYS B 322 -4.20 51.24 -3.64
N VAL B 323 -3.71 50.13 -3.09
CA VAL B 323 -3.20 50.13 -1.72
C VAL B 323 -1.70 50.34 -1.65
N SER B 324 -1.03 50.51 -2.78
CA SER B 324 0.43 50.58 -2.78
C SER B 324 0.93 51.73 -1.90
N HIS B 325 0.23 52.86 -1.92
CA HIS B 325 0.64 54.02 -1.15
C HIS B 325 0.66 53.74 0.35
N LYS B 326 -0.09 52.73 0.81
CA LYS B 326 -0.12 52.43 2.24
C LYS B 326 1.20 51.86 2.74
N PHE B 327 2.09 51.42 1.85
CA PHE B 327 3.38 50.91 2.28
C PHE B 327 4.39 52.01 2.53
N THR B 328 4.03 53.26 2.29
CA THR B 328 4.81 54.41 2.75
C THR B 328 4.00 55.07 3.84
N ILE B 329 4.57 55.15 5.04
CA ILE B 329 3.83 55.54 6.23
C ILE B 329 3.55 57.05 6.16
N ARG B 330 2.29 57.40 5.96
CA ARG B 330 1.85 58.77 6.12
C ARG B 330 1.11 58.91 7.45
N GLY B 331 1.18 60.10 8.03
CA GLY B 331 0.70 60.21 9.40
C GLY B 331 1.65 59.51 10.37
N LEU B 332 1.10 59.15 11.52
CA LEU B 332 1.84 58.39 12.49
C LEU B 332 1.53 56.91 12.34
N PRO B 333 2.38 56.03 12.85
CA PRO B 333 2.01 54.62 12.99
C PRO B 333 0.75 54.45 13.84
N SER B 334 0.23 53.23 13.83
CA SER B 334 -0.99 52.94 14.59
C SER B 334 -0.84 53.31 16.05
N ASN B 335 0.33 53.05 16.64
CA ASN B 335 0.54 53.32 18.07
C ASN B 335 0.84 54.78 18.37
N ASN B 336 0.75 55.68 17.39
CA ASN B 336 1.04 57.10 17.56
C ASN B 336 2.47 57.36 17.99
N SER B 337 3.38 56.45 17.69
CA SER B 337 4.74 56.52 18.19
C SER B 337 5.74 56.53 17.04
N LEU B 338 6.78 57.34 17.20
CA LEU B 338 7.93 57.39 16.31
C LEU B 338 9.06 56.49 16.77
N ASP B 339 8.76 55.51 17.63
CA ASP B 339 9.81 54.72 18.25
C ASP B 339 10.46 53.72 17.29
N PHE B 340 9.95 53.58 16.07
CA PHE B 340 10.63 52.76 15.09
C PHE B 340 11.84 53.48 14.48
N LEU B 341 12.00 54.79 14.72
CA LEU B 341 13.16 55.53 14.21
C LEU B 341 14.40 55.29 15.07
N GLY C 14 -56.03 -17.56 8.58
CA GLY C 14 -55.17 -17.40 7.42
C GLY C 14 -54.54 -16.03 7.27
N ILE C 15 -54.12 -15.70 6.05
CA ILE C 15 -53.43 -14.45 5.76
C ILE C 15 -54.47 -13.40 5.34
N GLN C 16 -54.47 -12.26 6.04
CA GLN C 16 -55.47 -11.24 5.78
C GLN C 16 -55.26 -10.59 4.42
N PRO C 17 -56.33 -10.24 3.71
CA PRO C 17 -56.17 -9.42 2.51
C PRO C 17 -55.70 -8.03 2.91
N VAL C 18 -55.01 -7.36 1.97
CA VAL C 18 -54.49 -6.03 2.29
C VAL C 18 -55.61 -5.02 2.49
N ALA C 19 -56.79 -5.25 1.91
CA ALA C 19 -57.91 -4.37 2.16
C ALA C 19 -58.35 -4.43 3.61
N ALA C 20 -58.24 -5.60 4.24
CA ALA C 20 -58.62 -5.75 5.63
C ALA C 20 -57.69 -5.00 6.57
N ILE C 21 -56.47 -4.70 6.13
CA ILE C 21 -55.53 -3.97 6.96
C ILE C 21 -55.89 -2.49 6.98
N ASP C 22 -56.13 -1.92 5.80
CA ASP C 22 -56.40 -0.50 5.64
C ASP C 22 -56.79 -0.26 4.19
N SER C 23 -57.83 0.55 3.98
CA SER C 23 -58.25 0.87 2.61
C SER C 23 -57.14 1.55 1.82
N ASN C 24 -56.25 2.27 2.50
CA ASN C 24 -55.21 3.08 1.89
C ASN C 24 -53.85 2.36 1.84
N PHE C 25 -53.84 1.05 2.09
CA PHE C 25 -52.59 0.34 2.38
C PHE C 25 -51.61 0.37 1.22
N ALA C 26 -52.10 0.39 -0.03
CA ALA C 26 -51.22 0.32 -1.20
C ALA C 26 -50.99 1.69 -1.84
N SER C 27 -51.29 2.78 -1.12
CA SER C 27 -51.09 4.15 -1.59
C SER C 27 -49.76 4.70 -1.09
N PHE C 28 -49.15 5.55 -1.91
CA PHE C 28 -47.95 6.28 -1.44
C PHE C 28 -48.25 7.18 -0.24
N THR C 29 -49.50 7.61 -0.06
CA THR C 29 -49.85 8.45 1.09
C THR C 29 -49.90 7.68 2.40
N TYR C 30 -49.93 6.35 2.35
CA TYR C 30 -50.01 5.55 3.56
C TYR C 30 -48.71 5.62 4.35
N THR C 31 -48.83 5.76 5.66
CA THR C 31 -47.67 5.73 6.54
C THR C 31 -47.64 4.39 7.25
N PRO C 32 -46.76 3.46 6.87
CA PRO C 32 -46.78 2.14 7.52
C PRO C 32 -46.33 2.18 8.98
N ARG C 33 -45.63 3.21 9.43
CA ARG C 33 -45.35 3.30 10.86
C ARG C 33 -46.61 3.53 11.69
N SER C 34 -47.75 3.83 11.05
CA SER C 34 -49.01 3.93 11.76
C SER C 34 -49.56 2.56 12.14
N LEU C 35 -49.08 1.50 11.51
CA LEU C 35 -49.57 0.16 11.84
C LEU C 35 -48.99 -0.28 13.19
N PRO C 36 -49.81 -0.81 14.10
CA PRO C 36 -49.27 -1.35 15.36
C PRO C 36 -48.18 -2.38 15.08
N GLU C 37 -47.08 -2.28 15.84
CA GLU C 37 -45.96 -3.19 15.64
C GLU C 37 -46.40 -4.65 15.74
N ASP C 38 -47.40 -4.94 16.58
CA ASP C 38 -47.91 -6.29 16.72
C ASP C 38 -48.62 -6.80 15.47
N ASP C 39 -49.02 -5.89 14.57
CA ASP C 39 -49.69 -6.29 13.33
C ASP C 39 -48.75 -6.41 12.15
N THR C 40 -47.46 -6.10 12.31
CA THR C 40 -46.58 -5.94 11.15
C THR C 40 -46.25 -7.27 10.49
N SER C 41 -46.13 -8.35 11.26
CA SER C 41 -45.80 -9.65 10.67
C SER C 41 -46.91 -10.13 9.74
N MET C 42 -48.17 -10.02 10.18
CA MET C 42 -49.27 -10.39 9.31
C MET C 42 -49.32 -9.50 8.08
N ALA C 43 -48.92 -8.23 8.21
CA ALA C 43 -48.89 -7.35 7.06
C ALA C 43 -47.78 -7.75 6.09
N ILE C 44 -46.65 -8.26 6.59
CA ILE C 44 -45.63 -8.81 5.70
C ILE C 44 -46.21 -9.96 4.88
N LEU C 45 -46.83 -10.94 5.55
CA LEU C 45 -47.47 -12.05 4.84
C LEU C 45 -48.54 -11.56 3.87
N SER C 46 -49.31 -10.55 4.26
CA SER C 46 -50.36 -10.03 3.39
C SER C 46 -49.77 -9.44 2.11
N MET C 47 -48.66 -8.71 2.23
CA MET C 47 -48.01 -8.13 1.05
C MET C 47 -47.44 -9.21 0.14
N LEU C 48 -46.75 -10.19 0.71
CA LEU C 48 -46.23 -11.29 -0.08
C LEU C 48 -47.35 -12.05 -0.78
N GLN C 49 -48.50 -12.20 -0.09
CA GLN C 49 -49.67 -12.80 -0.70
C GLN C 49 -50.21 -11.93 -1.82
N ASP C 50 -50.36 -10.63 -1.56
CA ASP C 50 -50.88 -9.72 -2.58
C ASP C 50 -50.00 -9.71 -3.82
N MET C 51 -48.69 -9.79 -3.64
CA MET C 51 -47.79 -9.94 -4.78
C MET C 51 -47.82 -11.36 -5.35
N ASN C 52 -48.56 -12.27 -4.70
CA ASN C 52 -48.69 -13.68 -5.08
C ASN C 52 -47.35 -14.41 -5.18
N PHE C 53 -46.34 -13.97 -4.42
CA PHE C 53 -45.07 -14.68 -4.41
C PHE C 53 -45.20 -16.04 -3.74
N ILE C 54 -46.09 -16.16 -2.74
CA ILE C 54 -46.28 -17.44 -2.06
C ILE C 54 -46.81 -18.49 -3.03
N ASN C 55 -47.83 -18.14 -3.80
CA ASN C 55 -48.36 -19.10 -4.77
C ASN C 55 -47.39 -19.32 -5.91
N ASN C 56 -46.76 -18.25 -6.40
CA ASN C 56 -45.90 -18.36 -7.58
C ASN C 56 -44.68 -19.24 -7.31
N TYR C 57 -44.08 -19.11 -6.13
CA TYR C 57 -42.86 -19.83 -5.80
C TYR C 57 -43.10 -20.99 -4.86
N LYS C 58 -44.37 -21.31 -4.58
CA LYS C 58 -44.75 -22.45 -3.74
C LYS C 58 -44.16 -22.34 -2.34
N ILE C 59 -44.10 -21.12 -1.80
CA ILE C 59 -43.55 -20.92 -0.46
C ILE C 59 -44.42 -21.64 0.56
N ASP C 60 -43.78 -22.41 1.44
CA ASP C 60 -44.50 -23.06 2.52
C ASP C 60 -44.87 -22.01 3.57
N CYS C 61 -46.15 -21.92 3.88
CA CYS C 61 -46.62 -20.83 4.74
C CYS C 61 -46.10 -20.94 6.17
N PRO C 62 -46.14 -22.09 6.84
CA PRO C 62 -45.56 -22.13 8.20
C PRO C 62 -44.10 -21.70 8.22
N THR C 63 -43.31 -22.18 7.26
CA THR C 63 -41.92 -21.73 7.17
C THR C 63 -41.83 -20.21 6.97
N LEU C 64 -42.71 -19.66 6.14
CA LEU C 64 -42.69 -18.22 5.89
C LEU C 64 -43.05 -17.44 7.14
N ALA C 65 -44.02 -17.94 7.91
CA ALA C 65 -44.40 -17.30 9.17
C ALA C 65 -43.24 -17.33 10.15
N ARG C 66 -42.57 -18.48 10.30
CA ARG C 66 -41.44 -18.59 11.21
C ARG C 66 -40.29 -17.68 10.77
N PHE C 67 -40.00 -17.66 9.46
CA PHE C 67 -38.97 -16.79 8.93
C PHE C 67 -39.29 -15.33 9.27
N CYS C 68 -40.52 -14.89 9.03
CA CYS C 68 -40.87 -13.51 9.30
C CYS C 68 -40.72 -13.16 10.78
N LEU C 69 -41.11 -14.08 11.67
CA LEU C 69 -40.98 -13.83 13.10
C LEU C 69 -39.51 -13.77 13.51
N MET C 70 -38.66 -14.62 12.92
CA MET C 70 -37.23 -14.57 13.21
C MET C 70 -36.60 -13.27 12.74
N VAL C 71 -36.99 -12.81 11.56
CA VAL C 71 -36.45 -11.55 11.05
C VAL C 71 -36.84 -10.40 11.97
N LYS C 72 -38.13 -10.32 12.30
CA LYS C 72 -38.60 -9.28 13.22
C LYS C 72 -37.83 -9.32 14.53
N LYS C 73 -37.64 -10.52 15.09
CA LYS C 73 -36.95 -10.66 16.36
C LYS C 73 -35.45 -10.37 16.23
N GLY C 74 -34.90 -10.41 15.01
CA GLY C 74 -33.50 -10.16 14.76
C GLY C 74 -33.08 -8.72 14.79
N TYR C 75 -34.01 -7.78 15.00
CA TYR C 75 -33.71 -6.37 15.13
C TYR C 75 -33.58 -5.98 16.60
N ARG C 76 -32.61 -5.14 16.91
CA ARG C 76 -32.48 -4.54 18.23
C ARG C 76 -33.37 -3.30 18.29
N ASP C 77 -33.21 -2.50 19.35
CA ASP C 77 -34.13 -1.38 19.54
C ASP C 77 -33.43 -0.02 19.61
N PRO C 78 -32.49 0.31 18.73
CA PRO C 78 -32.02 1.68 18.67
C PRO C 78 -33.14 2.57 18.21
N PRO C 79 -33.02 3.90 18.37
CA PRO C 79 -34.15 4.79 18.03
C PRO C 79 -34.64 4.64 16.60
N TYR C 80 -33.75 4.47 15.63
CA TYR C 80 -34.14 4.44 14.23
C TYR C 80 -34.00 3.07 13.57
N HIS C 81 -32.85 2.41 13.70
CA HIS C 81 -32.60 1.19 12.93
C HIS C 81 -33.15 -0.05 13.66
N ASN C 82 -34.47 -0.10 13.74
CA ASN C 82 -35.20 -1.16 14.43
C ASN C 82 -36.14 -1.88 13.44
N TRP C 83 -36.95 -2.81 13.96
CA TRP C 83 -37.85 -3.54 13.07
C TRP C 83 -38.85 -2.62 12.38
N MET C 84 -39.32 -1.58 13.06
CA MET C 84 -40.29 -0.71 12.39
C MET C 84 -39.68 0.01 11.20
N HIS C 85 -38.36 0.25 11.21
CA HIS C 85 -37.69 0.74 10.01
C HIS C 85 -37.71 -0.32 8.92
N ALA C 86 -37.28 -1.55 9.25
CA ALA C 86 -37.27 -2.62 8.26
C ALA C 86 -38.67 -2.85 7.70
N PHE C 87 -39.68 -2.83 8.57
CA PHE C 87 -41.05 -3.04 8.11
C PHE C 87 -41.49 -1.93 7.18
N SER C 88 -41.14 -0.67 7.50
CA SER C 88 -41.60 0.41 6.66
C SER C 88 -40.83 0.45 5.34
N VAL C 89 -39.58 0.00 5.34
CA VAL C 89 -38.84 -0.13 4.09
C VAL C 89 -39.46 -1.21 3.21
N SER C 90 -39.87 -2.31 3.82
CA SER C 90 -40.50 -3.40 3.08
C SER C 90 -41.84 -2.95 2.51
N HIS C 91 -42.60 -2.19 3.29
CA HIS C 91 -43.87 -1.69 2.79
C HIS C 91 -43.66 -0.79 1.58
N PHE C 92 -42.59 0.01 1.57
CA PHE C 92 -42.36 0.85 0.40
C PHE C 92 -42.03 0.03 -0.83
N CYS C 93 -41.24 -1.04 -0.65
CA CYS C 93 -40.99 -1.97 -1.76
C CYS C 93 -42.31 -2.49 -2.32
N TYR C 94 -43.23 -2.86 -1.43
CA TYR C 94 -44.56 -3.25 -1.84
C TYR C 94 -45.26 -2.13 -2.61
N LEU C 95 -45.16 -0.90 -2.11
CA LEU C 95 -45.75 0.23 -2.82
C LEU C 95 -45.18 0.38 -4.22
N LEU C 96 -43.87 0.23 -4.37
CA LEU C 96 -43.25 0.31 -5.69
C LEU C 96 -43.85 -0.74 -6.62
N TYR C 97 -44.00 -1.96 -6.12
CA TYR C 97 -44.61 -3.03 -6.91
C TYR C 97 -46.03 -2.66 -7.34
N LYS C 98 -46.82 -2.17 -6.38
CA LYS C 98 -48.23 -1.88 -6.63
C LYS C 98 -48.42 -0.70 -7.55
N ASN C 99 -47.66 0.38 -7.32
CA ASN C 99 -47.92 1.65 -8.00
C ASN C 99 -47.10 1.85 -9.26
N LEU C 100 -45.87 1.34 -9.31
CA LEU C 100 -45.00 1.51 -10.46
C LEU C 100 -44.95 0.31 -11.39
N GLU C 101 -45.54 -0.82 -10.99
CA GLU C 101 -45.66 -2.00 -11.84
C GLU C 101 -44.28 -2.50 -12.29
N LEU C 102 -43.48 -2.93 -11.31
CA LEU C 102 -42.09 -3.30 -11.58
C LEU C 102 -41.95 -4.57 -12.41
N THR C 103 -43.01 -5.38 -12.52
CA THR C 103 -42.94 -6.60 -13.32
C THR C 103 -42.72 -6.32 -14.79
N ASN C 104 -42.85 -5.08 -15.23
CA ASN C 104 -42.46 -4.72 -16.59
C ASN C 104 -41.01 -4.24 -16.67
N TYR C 105 -40.25 -4.38 -15.58
CA TYR C 105 -38.87 -3.86 -15.54
C TYR C 105 -37.92 -4.89 -14.92
N LEU C 106 -38.43 -5.72 -14.01
CA LEU C 106 -37.61 -6.68 -13.29
C LEU C 106 -38.25 -8.05 -13.35
N GLU C 107 -37.42 -9.08 -13.22
CA GLU C 107 -37.92 -10.44 -13.12
C GLU C 107 -38.58 -10.66 -11.76
N ASP C 108 -39.53 -11.60 -11.72
CA ASP C 108 -40.24 -11.89 -10.47
C ASP C 108 -39.27 -12.20 -9.34
N ILE C 109 -38.20 -12.95 -9.64
CA ILE C 109 -37.32 -13.35 -8.54
C ILE C 109 -36.55 -12.15 -8.00
N GLU C 110 -36.29 -11.14 -8.82
CA GLU C 110 -35.56 -9.97 -8.32
C GLU C 110 -36.46 -9.11 -7.46
N ILE C 111 -37.71 -8.92 -7.88
CA ILE C 111 -38.66 -8.20 -7.05
C ILE C 111 -38.83 -8.91 -5.71
N PHE C 112 -38.96 -10.23 -5.76
CA PHE C 112 -39.06 -11.02 -4.54
C PHE C 112 -37.83 -10.81 -3.67
N ALA C 113 -36.64 -10.91 -4.27
CA ALA C 113 -35.40 -10.73 -3.52
C ALA C 113 -35.31 -9.33 -2.93
N LEU C 114 -35.75 -8.33 -3.68
CA LEU C 114 -35.76 -6.97 -3.14
C LEU C 114 -36.62 -6.89 -1.88
N PHE C 115 -37.80 -7.51 -1.90
CA PHE C 115 -38.67 -7.42 -0.72
C PHE C 115 -38.07 -8.16 0.46
N ILE C 116 -37.56 -9.37 0.24
CA ILE C 116 -36.92 -10.10 1.33
C ILE C 116 -35.70 -9.33 1.82
N SER C 117 -34.93 -8.75 0.90
CA SER C 117 -33.78 -7.94 1.33
C SER C 117 -34.23 -6.78 2.21
N CYS C 118 -35.30 -6.08 1.82
CA CYS C 118 -35.78 -4.99 2.67
C CYS C 118 -36.07 -5.47 4.08
N MET C 119 -36.70 -6.64 4.21
CA MET C 119 -37.03 -7.16 5.54
C MET C 119 -35.77 -7.34 6.38
N CYS C 120 -34.69 -7.80 5.73
CA CYS C 120 -33.49 -8.28 6.42
C CYS C 120 -32.37 -7.26 6.47
N HIS C 121 -32.53 -6.11 5.83
CA HIS C 121 -31.37 -5.34 5.41
C HIS C 121 -30.65 -4.61 6.56
N ASP C 122 -31.27 -4.47 7.74
CA ASP C 122 -30.61 -3.83 8.89
C ASP C 122 -30.55 -4.78 10.09
N LEU C 123 -30.62 -6.09 9.85
CA LEU C 123 -30.69 -7.07 10.94
C LEU C 123 -29.58 -6.86 11.95
N ASP C 124 -29.97 -6.81 13.23
CA ASP C 124 -29.02 -6.74 14.35
C ASP C 124 -28.21 -5.44 14.32
N HIS C 125 -28.77 -4.38 13.74
CA HIS C 125 -28.12 -3.07 13.78
C HIS C 125 -27.96 -2.62 15.23
N ARG C 126 -26.81 -2.01 15.54
CA ARG C 126 -26.50 -1.58 16.89
C ARG C 126 -26.60 -0.08 17.08
N GLY C 127 -27.20 0.63 16.14
CA GLY C 127 -27.36 2.06 16.27
C GLY C 127 -26.09 2.86 16.02
N THR C 128 -25.10 2.28 15.35
CA THR C 128 -23.87 2.96 14.99
C THR C 128 -23.58 2.73 13.51
N ASN C 129 -22.77 3.62 12.93
CA ASN C 129 -22.42 3.49 11.53
C ASN C 129 -21.23 2.54 11.38
N ASN C 130 -20.69 2.46 10.17
CA ASN C 130 -19.63 1.49 9.91
C ASN C 130 -18.32 1.95 10.51
N SER C 131 -17.99 3.23 10.39
CA SER C 131 -16.69 3.65 10.90
C SER C 131 -16.61 3.46 12.41
N PHE C 132 -17.74 3.56 13.12
CA PHE C 132 -17.71 3.33 14.56
C PHE C 132 -17.33 1.90 14.88
N GLN C 133 -17.90 0.93 14.15
CA GLN C 133 -17.47 -0.45 14.35
C GLN C 133 -15.96 -0.58 14.22
N VAL C 134 -15.39 0.06 13.19
CA VAL C 134 -13.96 -0.04 12.97
C VAL C 134 -13.19 0.69 14.06
N ALA C 135 -13.64 1.89 14.43
CA ALA C 135 -12.91 2.68 15.44
C ALA C 135 -12.93 1.98 16.79
N SER C 136 -14.03 1.32 17.11
CA SER C 136 -14.18 0.66 18.41
C SER C 136 -13.62 -0.76 18.40
N LYS C 137 -13.13 -1.22 17.25
CA LYS C 137 -12.54 -2.55 17.11
C LYS C 137 -13.51 -3.63 17.56
N SER C 138 -14.75 -3.51 17.11
CA SER C 138 -15.75 -4.50 17.43
C SER C 138 -15.42 -5.81 16.72
N VAL C 139 -16.07 -6.88 17.17
CA VAL C 139 -15.97 -8.17 16.48
C VAL C 139 -16.41 -8.04 15.03
N LEU C 140 -17.45 -7.23 14.79
CA LEU C 140 -17.90 -7.05 13.41
C LEU C 140 -16.81 -6.44 12.55
N ALA C 141 -16.07 -5.49 13.11
CA ALA C 141 -14.94 -4.90 12.40
C ALA C 141 -13.87 -5.94 12.14
N ALA C 142 -13.53 -6.74 13.15
CA ALA C 142 -12.54 -7.79 12.94
C ALA C 142 -12.95 -8.71 11.80
N LEU C 143 -14.26 -8.96 11.65
CA LEU C 143 -14.72 -9.90 10.64
C LEU C 143 -14.83 -9.26 9.27
N TYR C 144 -15.21 -7.99 9.20
CA TYR C 144 -15.63 -7.38 7.94
C TYR C 144 -14.90 -6.11 7.53
N SER C 145 -14.04 -5.52 8.37
CA SER C 145 -13.51 -4.21 8.04
C SER C 145 -12.70 -4.23 6.74
N SER C 146 -11.95 -5.32 6.49
CA SER C 146 -11.09 -5.37 5.31
C SER C 146 -11.90 -5.48 4.02
N GLU C 147 -13.16 -5.88 4.12
CA GLU C 147 -14.05 -5.99 2.97
C GLU C 147 -14.93 -4.77 2.78
N GLY C 148 -15.05 -3.92 3.81
CA GLY C 148 -15.91 -2.76 3.75
C GLY C 148 -17.37 -3.09 4.01
N SER C 149 -18.17 -2.03 4.09
CA SER C 149 -19.60 -2.12 4.43
C SER C 149 -19.83 -3.07 5.61
N VAL C 150 -19.17 -2.75 6.73
CA VAL C 150 -19.13 -3.66 7.88
C VAL C 150 -20.53 -4.12 8.31
N MET C 151 -21.43 -3.16 8.57
CA MET C 151 -22.73 -3.55 9.12
C MET C 151 -23.55 -4.32 8.10
N GLU C 152 -23.45 -3.93 6.84
CA GLU C 152 -24.25 -4.55 5.79
C GLU C 152 -23.82 -5.99 5.56
N ARG C 153 -22.51 -6.26 5.61
CA ARG C 153 -22.05 -7.64 5.63
C ARG C 153 -22.61 -8.41 6.84
N HIS C 154 -22.66 -7.77 8.01
CA HIS C 154 -23.29 -8.41 9.17
C HIS C 154 -24.77 -8.68 8.93
N HIS C 155 -25.50 -7.69 8.40
CA HIS C 155 -26.94 -7.87 8.16
C HIS C 155 -27.18 -9.06 7.25
N PHE C 156 -26.43 -9.14 6.15
CA PHE C 156 -26.57 -10.29 5.25
C PHE C 156 -26.24 -11.60 5.97
N ALA C 157 -25.16 -11.61 6.75
CA ALA C 157 -24.80 -12.84 7.45
C ALA C 157 -25.85 -13.24 8.48
N GLN C 158 -26.51 -12.25 9.10
CA GLN C 158 -27.62 -12.58 9.99
C GLN C 158 -28.78 -13.21 9.22
N ALA C 159 -29.06 -12.70 8.02
CA ALA C 159 -30.12 -13.24 7.19
C ALA C 159 -29.80 -14.70 6.80
N ILE C 160 -28.55 -14.97 6.44
CA ILE C 160 -28.12 -16.35 6.16
C ILE C 160 -28.31 -17.23 7.39
N ALA C 161 -27.94 -16.72 8.58
CA ALA C 161 -28.11 -17.51 9.79
C ALA C 161 -29.58 -17.83 10.03
N ILE C 162 -30.48 -16.88 9.77
CA ILE C 162 -31.92 -17.15 9.92
C ILE C 162 -32.36 -18.23 8.94
N LEU C 163 -31.96 -18.10 7.66
CA LEU C 163 -32.37 -19.10 6.67
C LEU C 163 -31.82 -20.46 7.02
N ASN C 164 -30.68 -20.51 7.71
CA ASN C 164 -30.05 -21.76 8.12
C ASN C 164 -30.58 -22.29 9.45
N THR C 165 -31.58 -21.63 10.03
CA THR C 165 -32.23 -22.12 11.24
C THR C 165 -33.34 -23.10 10.85
N HIS C 166 -33.44 -24.19 11.60
CA HIS C 166 -34.44 -25.21 11.28
C HIS C 166 -35.84 -24.62 11.18
N GLY C 167 -36.54 -24.96 10.10
CA GLY C 167 -37.90 -24.50 9.91
C GLY C 167 -38.06 -23.09 9.37
N CYS C 168 -36.98 -22.46 8.92
CA CYS C 168 -37.02 -21.06 8.52
C CYS C 168 -36.52 -20.82 7.11
N ASN C 169 -36.13 -21.85 6.36
CA ASN C 169 -35.54 -21.65 5.03
C ASN C 169 -36.66 -21.62 4.01
N ILE C 170 -37.17 -20.42 3.74
CA ILE C 170 -38.26 -20.27 2.79
C ILE C 170 -37.86 -20.60 1.36
N PHE C 171 -36.57 -20.79 1.09
CA PHE C 171 -36.10 -21.06 -0.26
C PHE C 171 -35.67 -22.49 -0.48
N ASP C 172 -35.80 -23.38 0.51
CA ASP C 172 -35.08 -24.64 0.41
C ASP C 172 -35.70 -25.62 -0.59
N HIS C 173 -36.90 -25.34 -1.10
CA HIS C 173 -37.48 -26.13 -2.18
C HIS C 173 -37.22 -25.51 -3.55
N PHE C 174 -36.59 -24.34 -3.61
CA PHE C 174 -36.34 -23.69 -4.88
C PHE C 174 -35.45 -24.55 -5.77
N SER C 175 -35.54 -24.31 -7.08
CA SER C 175 -34.56 -24.87 -8.01
C SER C 175 -33.17 -24.42 -7.61
N ARG C 176 -32.15 -25.18 -8.02
CA ARG C 176 -30.79 -24.78 -7.68
C ARG C 176 -30.52 -23.36 -8.17
N LYS C 177 -30.93 -23.06 -9.41
CA LYS C 177 -30.64 -21.76 -9.99
C LYS C 177 -31.43 -20.63 -9.32
N ASP C 178 -32.71 -20.86 -8.99
CA ASP C 178 -33.48 -19.85 -8.28
C ASP C 178 -32.92 -19.60 -6.87
N TYR C 179 -32.49 -20.68 -6.20
CA TYR C 179 -31.94 -20.55 -4.85
C TYR C 179 -30.67 -19.72 -4.85
N GLN C 180 -29.75 -20.04 -5.77
CA GLN C 180 -28.49 -19.32 -5.85
C GLN C 180 -28.73 -17.87 -6.26
N ARG C 181 -29.68 -17.66 -7.17
CA ARG C 181 -30.04 -16.32 -7.58
C ARG C 181 -30.56 -15.51 -6.41
N MET C 182 -31.41 -16.10 -5.58
CA MET C 182 -31.94 -15.41 -4.42
C MET C 182 -30.80 -14.98 -3.49
N LEU C 183 -29.88 -15.91 -3.19
CA LEU C 183 -28.80 -15.57 -2.28
C LEU C 183 -27.93 -14.46 -2.86
N ASP C 184 -27.59 -14.57 -4.15
CA ASP C 184 -26.74 -13.54 -4.76
C ASP C 184 -27.45 -12.18 -4.78
N LEU C 185 -28.75 -12.18 -5.06
CA LEU C 185 -29.49 -10.92 -5.07
C LEU C 185 -29.58 -10.32 -3.69
N MET C 186 -29.89 -11.13 -2.67
CA MET C 186 -29.94 -10.64 -1.31
C MET C 186 -28.61 -10.04 -0.89
N ARG C 187 -27.49 -10.67 -1.27
CA ARG C 187 -26.19 -10.11 -0.95
C ARG C 187 -26.00 -8.76 -1.64
N ASP C 188 -26.23 -8.70 -2.95
CA ASP C 188 -25.99 -7.47 -3.68
C ASP C 188 -26.91 -6.36 -3.18
N ILE C 189 -28.17 -6.70 -2.89
CA ILE C 189 -29.13 -5.67 -2.54
C ILE C 189 -28.87 -5.14 -1.13
N ILE C 190 -28.54 -6.04 -0.19
CA ILE C 190 -28.26 -5.58 1.17
C ILE C 190 -26.96 -4.77 1.20
N LEU C 191 -25.96 -5.18 0.40
CA LEU C 191 -24.74 -4.39 0.32
C LEU C 191 -25.01 -3.02 -0.29
N ALA C 192 -25.97 -2.92 -1.21
CA ALA C 192 -26.34 -1.64 -1.80
C ALA C 192 -26.95 -0.67 -0.80
N THR C 193 -27.34 -1.13 0.39
CA THR C 193 -27.91 -0.22 1.38
C THR C 193 -26.87 0.65 2.07
N ASP C 194 -25.59 0.32 1.93
CA ASP C 194 -24.54 1.20 2.38
C ASP C 194 -24.57 2.46 1.53
N LEU C 195 -24.89 3.60 2.15
CA LEU C 195 -24.92 4.85 1.39
C LEU C 195 -23.61 5.11 0.66
N ALA C 196 -22.48 4.64 1.21
CA ALA C 196 -21.21 4.76 0.50
C ALA C 196 -21.26 4.07 -0.85
N HIS C 197 -21.94 2.94 -0.93
CA HIS C 197 -22.11 2.26 -2.21
C HIS C 197 -23.00 3.07 -3.15
N HIS C 198 -24.12 3.58 -2.64
CA HIS C 198 -25.02 4.37 -3.47
C HIS C 198 -24.30 5.56 -4.08
N LEU C 199 -23.51 6.29 -3.29
CA LEU C 199 -22.80 7.45 -3.82
C LEU C 199 -21.75 7.04 -4.84
N ARG C 200 -21.20 5.83 -4.71
CA ARG C 200 -20.24 5.32 -5.69
C ARG C 200 -20.89 5.09 -7.05
N ILE C 201 -22.09 4.54 -7.08
CA ILE C 201 -22.69 4.10 -8.33
C ILE C 201 -23.62 5.17 -8.90
N PHE C 202 -23.66 6.33 -8.25
CA PHE C 202 -24.67 7.33 -8.59
C PHE C 202 -24.59 7.74 -10.05
N LYS C 203 -23.39 7.89 -10.59
CA LYS C 203 -23.27 8.29 -11.99
C LYS C 203 -23.68 7.16 -12.93
N ASP C 204 -23.45 5.91 -12.53
CA ASP C 204 -23.98 4.79 -13.31
C ASP C 204 -25.50 4.82 -13.35
N LEU C 205 -26.14 5.14 -12.21
CA LEU C 205 -27.59 5.25 -12.19
C LEU C 205 -28.07 6.38 -13.09
N GLN C 206 -27.41 7.54 -13.02
CA GLN C 206 -27.73 8.64 -13.93
C GLN C 206 -27.62 8.21 -15.39
N LYS C 207 -26.52 7.53 -15.75
CA LYS C 207 -26.32 7.17 -17.14
C LYS C 207 -27.41 6.21 -17.61
N MET C 208 -27.80 5.26 -16.76
CA MET C 208 -28.88 4.35 -17.11
C MET C 208 -30.18 5.10 -17.37
N ALA C 209 -30.41 6.19 -16.65
CA ALA C 209 -31.63 6.97 -16.85
C ALA C 209 -31.62 7.72 -18.17
N GLU C 210 -30.43 8.17 -18.61
CA GLU C 210 -30.33 8.92 -19.86
C GLU C 210 -30.55 8.03 -21.08
N VAL C 211 -29.78 6.94 -21.16
CA VAL C 211 -29.87 6.03 -22.30
C VAL C 211 -31.20 5.28 -22.32
N GLY C 212 -31.82 5.09 -21.16
CA GLY C 212 -33.09 4.41 -21.10
C GLY C 212 -32.93 3.01 -20.55
N TYR C 213 -33.75 2.67 -19.55
CA TYR C 213 -33.69 1.33 -18.96
C TYR C 213 -33.94 0.27 -20.03
N ASP C 214 -32.97 -0.61 -20.21
CA ASP C 214 -33.04 -1.71 -21.18
C ASP C 214 -33.31 -2.97 -20.37
N ARG C 215 -34.56 -3.41 -20.42
CA ARG C 215 -35.00 -4.58 -19.69
C ARG C 215 -34.22 -5.84 -20.08
N ASN C 216 -33.69 -5.88 -21.31
CA ASN C 216 -32.86 -6.99 -21.74
C ASN C 216 -31.39 -6.81 -21.37
N ASN C 217 -31.08 -5.83 -20.51
CA ASN C 217 -29.73 -5.58 -20.03
C ASN C 217 -29.67 -6.00 -18.57
N LYS C 218 -28.94 -7.08 -18.28
CA LYS C 218 -28.86 -7.61 -16.93
C LYS C 218 -28.21 -6.59 -15.98
N GLN C 219 -27.25 -5.81 -16.48
CA GLN C 219 -26.62 -4.81 -15.61
C GLN C 219 -27.59 -3.70 -15.21
N HIS C 220 -28.52 -3.34 -16.11
CA HIS C 220 -29.54 -2.36 -15.74
C HIS C 220 -30.44 -2.89 -14.62
N HIS C 221 -30.78 -4.18 -14.68
CA HIS C 221 -31.55 -4.79 -13.60
C HIS C 221 -30.83 -4.61 -12.27
N ARG C 222 -29.51 -4.80 -12.25
CA ARG C 222 -28.75 -4.70 -11.01
C ARG C 222 -28.70 -3.26 -10.50
N LEU C 223 -28.47 -2.30 -11.40
CA LEU C 223 -28.46 -0.90 -11.02
C LEU C 223 -29.83 -0.46 -10.54
N LEU C 224 -30.88 -0.84 -11.29
CA LEU C 224 -32.24 -0.57 -10.86
C LEU C 224 -32.52 -1.10 -9.46
N LEU C 225 -32.11 -2.34 -9.18
CA LEU C 225 -32.34 -2.90 -7.85
C LEU C 225 -31.67 -2.07 -6.75
N CYS C 226 -30.45 -1.58 -7.00
CA CYS C 226 -29.77 -0.73 -6.02
C CYS C 226 -30.56 0.55 -5.77
N LEU C 227 -30.94 1.24 -6.85
CA LEU C 227 -31.72 2.47 -6.72
C LEU C 227 -33.03 2.21 -5.99
N LEU C 228 -33.73 1.12 -6.35
CA LEU C 228 -34.99 0.82 -5.68
C LEU C 228 -34.77 0.51 -4.20
N MET C 229 -33.72 -0.23 -3.87
CA MET C 229 -33.41 -0.50 -2.47
C MET C 229 -33.16 0.81 -1.71
N THR C 230 -32.33 1.68 -2.27
CA THR C 230 -32.06 2.95 -1.61
C THR C 230 -33.33 3.77 -1.46
N SER C 231 -34.17 3.77 -2.50
CA SER C 231 -35.44 4.47 -2.43
C SER C 231 -36.31 3.96 -1.29
N CYS C 232 -36.29 2.64 -1.03
CA CYS C 232 -37.07 2.09 0.08
C CYS C 232 -36.46 2.48 1.41
N ASP C 233 -35.14 2.37 1.51
CA ASP C 233 -34.42 2.69 2.74
C ASP C 233 -34.68 4.12 3.20
N LEU C 234 -34.82 5.06 2.27
CA LEU C 234 -34.99 6.46 2.63
C LEU C 234 -36.45 6.92 2.57
N SER C 235 -37.39 5.99 2.41
CA SER C 235 -38.74 6.37 2.03
C SER C 235 -39.54 7.06 3.13
N ASP C 236 -39.07 7.07 4.38
CA ASP C 236 -39.71 7.91 5.39
C ASP C 236 -39.81 9.35 4.91
N GLN C 237 -38.83 9.80 4.11
CA GLN C 237 -38.82 11.18 3.62
C GLN C 237 -39.84 11.44 2.53
N THR C 238 -40.58 10.44 2.06
CA THR C 238 -41.62 10.63 1.04
C THR C 238 -43.02 10.72 1.65
N LYS C 239 -43.12 10.76 2.97
CA LYS C 239 -44.37 10.91 3.67
C LYS C 239 -44.58 12.38 4.01
N GLY C 240 -45.55 12.66 4.88
CA GLY C 240 -45.83 14.02 5.29
C GLY C 240 -44.76 14.56 6.23
N TRP C 241 -44.96 15.82 6.61
CA TRP C 241 -44.00 16.51 7.46
C TRP C 241 -43.88 15.86 8.85
N LYS C 242 -45.01 15.42 9.42
CA LYS C 242 -44.96 14.83 10.76
C LYS C 242 -44.06 13.61 10.78
N THR C 243 -44.06 12.84 9.69
CA THR C 243 -43.20 11.67 9.63
C THR C 243 -41.73 12.08 9.54
N THR C 244 -41.40 13.02 8.66
CA THR C 244 -39.99 13.42 8.53
C THR C 244 -39.48 14.10 9.79
N ARG C 245 -40.34 14.85 10.50
CA ARG C 245 -39.89 15.46 11.75
C ARG C 245 -39.62 14.39 12.80
N LYS C 246 -40.53 13.41 12.91
CA LYS C 246 -40.35 12.34 13.89
C LYS C 246 -39.13 11.49 13.56
N ILE C 247 -38.92 11.20 12.27
CA ILE C 247 -37.77 10.37 11.91
C ILE C 247 -36.46 11.14 12.14
N ALA C 248 -36.49 12.46 11.96
CA ALA C 248 -35.31 13.25 12.30
C ALA C 248 -34.98 13.15 13.79
N GLU C 249 -36.00 13.21 14.65
CA GLU C 249 -35.77 12.95 16.07
C GLU C 249 -35.01 11.65 16.28
N LEU C 250 -35.53 10.55 15.73
CA LEU C 250 -34.94 9.24 15.95
C LEU C 250 -33.52 9.17 15.40
N ILE C 251 -33.34 9.68 14.19
CA ILE C 251 -32.03 9.66 13.54
C ILE C 251 -31.00 10.39 14.39
N TYR C 252 -31.34 11.60 14.84
CA TYR C 252 -30.34 12.36 15.59
C TYR C 252 -30.15 11.83 17.01
N LYS C 253 -31.21 11.32 17.65
CA LYS C 253 -31.00 10.60 18.92
C LYS C 253 -29.97 9.50 18.73
N GLU C 254 -30.12 8.74 17.67
CA GLU C 254 -29.20 7.64 17.40
C GLU C 254 -27.80 8.17 17.09
N PHE C 255 -27.69 9.19 16.23
CA PHE C 255 -26.39 9.73 15.88
C PHE C 255 -25.68 10.29 17.11
N PHE C 256 -26.40 11.10 17.90
CA PHE C 256 -25.76 11.79 19.02
C PHE C 256 -25.29 10.81 20.08
N SER C 257 -26.00 9.69 20.22
CA SER C 257 -25.55 8.64 21.13
C SER C 257 -24.21 8.08 20.68
N GLN C 258 -24.06 7.80 19.38
CA GLN C 258 -22.77 7.32 18.89
C GLN C 258 -21.69 8.37 19.09
N GLY C 259 -22.00 9.64 18.80
CA GLY C 259 -21.02 10.68 19.03
C GLY C 259 -20.58 10.74 20.48
N ASP C 260 -21.51 10.51 21.41
CA ASP C 260 -21.17 10.46 22.83
C ASP C 260 -20.17 9.33 23.11
N LEU C 261 -20.38 8.16 22.50
CA LEU C 261 -19.42 7.06 22.69
C LEU C 261 -18.07 7.42 22.09
N GLU C 262 -18.07 8.07 20.92
CA GLU C 262 -16.82 8.46 20.28
C GLU C 262 -16.04 9.44 21.15
N LYS C 263 -16.71 10.46 21.68
CA LYS C 263 -16.06 11.36 22.62
C LYS C 263 -15.50 10.59 23.82
N ALA C 264 -16.27 9.65 24.36
CA ALA C 264 -15.79 8.86 25.49
C ALA C 264 -14.57 8.03 25.15
N MET C 265 -14.35 7.74 23.86
CA MET C 265 -13.16 7.02 23.42
C MET C 265 -12.01 7.94 23.04
N GLY C 266 -12.13 9.24 23.32
CA GLY C 266 -11.11 10.20 22.95
C GLY C 266 -11.13 10.63 21.51
N ASN C 267 -12.15 10.26 20.74
CA ASN C 267 -12.24 10.62 19.33
C ASN C 267 -13.20 11.78 19.13
N ARG C 268 -13.07 12.43 17.97
CA ARG C 268 -13.95 13.54 17.64
C ARG C 268 -15.00 13.03 16.65
N PRO C 269 -16.26 12.94 17.04
CA PRO C 269 -17.28 12.46 16.10
C PRO C 269 -17.48 13.44 14.96
N MET C 270 -18.03 12.93 13.86
CA MET C 270 -18.38 13.82 12.78
C MET C 270 -19.45 14.80 13.26
N GLU C 271 -19.59 15.89 12.52
CA GLU C 271 -20.39 17.01 13.02
C GLU C 271 -21.84 16.60 13.24
N MET C 272 -22.40 15.81 12.34
CA MET C 272 -23.81 15.44 12.48
C MET C 272 -24.06 14.48 13.63
N MET C 273 -23.02 13.95 14.27
CA MET C 273 -23.21 13.08 15.44
C MET C 273 -22.79 13.72 16.74
N ASP C 274 -22.39 14.99 16.73
CA ASP C 274 -21.96 15.72 17.93
C ASP C 274 -23.10 16.61 18.38
N ARG C 275 -23.74 16.26 19.49
CA ARG C 275 -24.92 17.01 19.92
C ARG C 275 -24.58 18.44 20.31
N GLU C 276 -23.29 18.76 20.54
CA GLU C 276 -22.86 20.10 20.89
C GLU C 276 -22.56 20.98 19.69
N LYS C 277 -22.41 20.41 18.48
CA LYS C 277 -22.21 21.20 17.28
C LYS C 277 -23.26 21.00 16.21
N ALA C 278 -23.89 19.84 16.14
CA ALA C 278 -24.86 19.59 15.08
C ALA C 278 -25.95 20.65 15.08
N TYR C 279 -26.22 21.21 13.90
CA TYR C 279 -27.29 22.17 13.69
C TYR C 279 -28.31 21.50 12.78
N ILE C 280 -29.33 20.90 13.40
CA ILE C 280 -30.20 19.95 12.71
C ILE C 280 -30.83 20.51 11.44
N PRO C 281 -31.38 21.73 11.41
CA PRO C 281 -32.02 22.19 10.15
C PRO C 281 -31.08 22.23 8.96
N GLU C 282 -29.86 22.75 9.12
CA GLU C 282 -28.96 22.78 7.98
C GLU C 282 -28.51 21.37 7.61
N LEU C 283 -28.31 20.51 8.62
CA LEU C 283 -27.95 19.12 8.33
C LEU C 283 -29.06 18.42 7.57
N GLN C 284 -30.32 18.62 7.99
CA GLN C 284 -31.45 18.01 7.31
C GLN C 284 -31.62 18.58 5.91
N ILE C 285 -31.56 19.91 5.79
CA ILE C 285 -31.68 20.53 4.47
C ILE C 285 -30.62 19.97 3.53
N SER C 286 -29.39 19.85 4.01
CA SER C 286 -28.32 19.29 3.19
C SER C 286 -28.63 17.86 2.80
N PHE C 287 -29.00 17.03 3.78
CA PHE C 287 -29.30 15.63 3.47
C PHE C 287 -30.42 15.52 2.44
N MET C 288 -31.47 16.33 2.61
CA MET C 288 -32.59 16.29 1.68
C MET C 288 -32.18 16.80 0.30
N GLU C 289 -31.47 17.92 0.24
CA GLU C 289 -31.20 18.53 -1.06
C GLU C 289 -30.17 17.73 -1.85
N HIS C 290 -29.18 17.16 -1.16
CA HIS C 290 -28.01 16.60 -1.84
C HIS C 290 -27.95 15.08 -1.85
N ILE C 291 -28.75 14.40 -1.04
CA ILE C 291 -28.76 12.93 -1.08
C ILE C 291 -30.16 12.43 -1.40
N ALA C 292 -31.19 12.81 -0.61
CA ALA C 292 -32.51 12.23 -0.80
C ALA C 292 -33.18 12.70 -2.09
N MET C 293 -33.19 14.02 -2.33
CA MET C 293 -33.84 14.50 -3.55
C MET C 293 -33.21 13.92 -4.83
N PRO C 294 -31.89 13.87 -4.98
CA PRO C 294 -31.34 13.24 -6.21
C PRO C 294 -31.79 11.80 -6.40
N ILE C 295 -31.95 11.05 -5.31
CA ILE C 295 -32.44 9.67 -5.42
C ILE C 295 -33.84 9.66 -6.02
N TYR C 296 -34.73 10.47 -5.46
CA TYR C 296 -36.10 10.44 -5.95
C TYR C 296 -36.26 11.14 -7.29
N LYS C 297 -35.34 12.03 -7.64
CA LYS C 297 -35.33 12.57 -9.01
C LYS C 297 -34.95 11.49 -10.03
N LEU C 298 -33.93 10.70 -9.72
CA LEU C 298 -33.58 9.54 -10.55
C LEU C 298 -34.78 8.61 -10.71
N LEU C 299 -35.47 8.31 -9.61
CA LEU C 299 -36.61 7.41 -9.67
C LEU C 299 -37.73 7.99 -10.55
N GLN C 300 -38.01 9.28 -10.38
CA GLN C 300 -38.97 9.93 -11.28
C GLN C 300 -38.50 9.88 -12.72
N ASP C 301 -37.18 10.02 -12.95
CA ASP C 301 -36.66 9.99 -14.31
C ASP C 301 -36.93 8.65 -14.98
N LEU C 302 -36.92 7.56 -14.21
CA LEU C 302 -37.15 6.23 -14.75
C LEU C 302 -38.63 5.85 -14.72
N PHE C 303 -39.37 6.30 -13.71
CA PHE C 303 -40.78 5.96 -13.51
C PHE C 303 -41.56 7.27 -13.35
N PRO C 304 -42.15 7.82 -14.40
CA PRO C 304 -42.95 9.04 -14.21
C PRO C 304 -43.99 8.99 -13.09
N LYS C 305 -44.58 7.83 -12.75
CA LYS C 305 -45.54 7.87 -11.64
C LYS C 305 -44.87 8.04 -10.28
N ALA C 306 -43.55 8.03 -10.21
CA ALA C 306 -42.87 8.32 -8.95
C ALA C 306 -42.69 9.82 -8.73
N ALA C 307 -43.23 10.64 -9.62
CA ALA C 307 -43.03 12.09 -9.51
C ALA C 307 -43.52 12.62 -8.17
N GLU C 308 -44.64 12.09 -7.67
CA GLU C 308 -45.19 12.59 -6.42
C GLU C 308 -44.24 12.31 -5.26
N LEU C 309 -43.40 11.28 -5.37
CA LEU C 309 -42.40 11.00 -4.35
C LEU C 309 -41.36 12.10 -4.28
N TYR C 310 -40.77 12.43 -5.43
CA TYR C 310 -39.82 13.55 -5.48
C TYR C 310 -40.44 14.84 -4.96
N GLU C 311 -41.66 15.14 -5.42
CA GLU C 311 -42.33 16.37 -5.01
C GLU C 311 -42.50 16.45 -3.51
N ARG C 312 -42.83 15.32 -2.88
CA ARG C 312 -43.00 15.32 -1.43
C ARG C 312 -41.67 15.49 -0.71
N VAL C 313 -40.61 14.83 -1.19
CA VAL C 313 -39.30 15.02 -0.59
C VAL C 313 -38.88 16.49 -0.70
N ALA C 314 -39.04 17.07 -1.88
CA ALA C 314 -38.72 18.48 -2.07
C ALA C 314 -39.57 19.38 -1.17
N SER C 315 -40.85 19.05 -1.00
CA SER C 315 -41.69 19.86 -0.14
C SER C 315 -41.28 19.71 1.33
N ASN C 316 -40.88 18.50 1.73
CA ASN C 316 -40.39 18.33 3.09
C ASN C 316 -39.08 19.08 3.30
N ARG C 317 -38.25 19.12 2.27
CA ARG C 317 -37.04 19.94 2.31
C ARG C 317 -37.39 21.41 2.47
N GLU C 318 -38.39 21.89 1.72
CA GLU C 318 -38.85 23.26 1.88
C GLU C 318 -39.33 23.54 3.29
N HIS C 319 -39.99 22.56 3.91
CA HIS C 319 -40.52 22.78 5.26
C HIS C 319 -39.38 23.00 6.26
N TRP C 320 -38.28 22.28 6.10
CA TRP C 320 -37.15 22.46 7.01
C TRP C 320 -36.62 23.90 6.96
N THR C 321 -36.59 24.51 5.78
CA THR C 321 -36.16 25.91 5.70
C THR C 321 -37.14 26.81 6.42
N LYS C 322 -38.44 26.49 6.38
CA LYS C 322 -39.44 27.34 6.98
C LYS C 322 -39.49 27.26 8.50
N VAL C 323 -38.96 26.19 9.10
CA VAL C 323 -38.91 26.09 10.56
C VAL C 323 -37.51 26.25 11.10
N SER C 324 -36.52 26.52 10.24
CA SER C 324 -35.15 26.62 10.69
C SER C 324 -35.01 27.66 11.79
N HIS C 325 -35.75 28.77 11.67
CA HIS C 325 -35.62 29.89 12.61
C HIS C 325 -35.95 29.47 14.04
N LYS C 326 -36.81 28.47 14.22
CA LYS C 326 -37.21 28.05 15.55
C LYS C 326 -36.04 27.50 16.36
N PHE C 327 -34.96 27.09 15.71
CA PHE C 327 -33.78 26.61 16.41
C PHE C 327 -32.94 27.75 16.99
N THR C 328 -33.35 28.99 16.79
CA THR C 328 -32.76 30.13 17.45
C THR C 328 -33.75 30.63 18.49
N ILE C 329 -33.27 30.82 19.72
CA ILE C 329 -34.13 31.26 20.83
C ILE C 329 -34.33 32.76 20.71
N ARG C 330 -35.53 33.17 20.28
CA ARG C 330 -35.96 34.56 20.31
C ARG C 330 -36.92 34.78 21.47
N GLY C 331 -37.00 36.03 21.92
CA GLY C 331 -37.70 36.17 23.18
C GLY C 331 -36.96 35.49 24.31
N LEU C 332 -37.73 35.11 25.34
CA LEU C 332 -37.16 34.38 26.47
C LEU C 332 -37.48 32.89 26.34
N PRO C 333 -36.66 32.01 26.93
CA PRO C 333 -37.06 30.60 27.02
C PRO C 333 -38.42 30.47 27.71
N SER C 334 -39.03 29.30 27.54
CA SER C 334 -40.39 29.08 28.02
C SER C 334 -40.54 29.43 29.50
N ASN C 335 -39.50 29.21 30.29
CA ASN C 335 -39.54 29.50 31.72
C ASN C 335 -39.33 30.97 32.04
N ASN C 336 -39.26 31.85 31.04
CA ASN C 336 -38.97 33.27 31.22
C ASN C 336 -37.62 33.50 31.88
N SER C 337 -36.73 32.52 31.86
CA SER C 337 -35.45 32.59 32.54
C SER C 337 -34.31 32.54 31.54
N LEU C 338 -33.25 33.28 31.83
CA LEU C 338 -31.98 33.16 31.12
C LEU C 338 -30.99 32.28 31.86
N ASP C 339 -31.48 31.43 32.78
CA ASP C 339 -30.57 30.63 33.61
C ASP C 339 -29.73 29.67 32.80
N PHE C 340 -30.17 29.28 31.60
CA PHE C 340 -29.33 28.43 30.77
C PHE C 340 -28.05 29.14 30.32
N LEU C 341 -27.95 30.45 30.55
CA LEU C 341 -26.68 31.16 30.36
C LEU C 341 -25.85 31.11 31.63
N ILE D 15 5.05 -25.91 31.14
CA ILE D 15 5.97 -25.36 30.16
C ILE D 15 7.37 -25.93 30.37
N GLN D 16 7.76 -26.82 29.49
CA GLN D 16 9.03 -27.51 29.58
C GLN D 16 10.03 -26.96 28.56
N PRO D 17 11.33 -27.04 28.86
CA PRO D 17 12.33 -26.80 27.82
C PRO D 17 12.13 -27.79 26.68
N VAL D 18 12.39 -27.32 25.45
CA VAL D 18 12.16 -28.18 24.30
C VAL D 18 13.10 -29.38 24.34
N ALA D 19 14.28 -29.24 24.95
CA ALA D 19 15.15 -30.39 25.16
C ALA D 19 14.46 -31.47 25.96
N ALA D 20 13.63 -31.08 26.94
CA ALA D 20 12.88 -32.06 27.72
C ALA D 20 11.89 -32.84 26.84
N ILE D 21 11.38 -32.21 25.79
CA ILE D 21 10.50 -32.92 24.87
C ILE D 21 11.31 -33.88 24.02
N ASP D 22 12.36 -33.37 23.35
CA ASP D 22 13.17 -34.19 22.47
C ASP D 22 14.47 -33.44 22.21
N SER D 23 15.60 -34.17 22.29
CA SER D 23 16.88 -33.52 22.11
C SER D 23 17.00 -32.85 20.74
N ASN D 24 16.28 -33.36 19.74
CA ASN D 24 16.32 -32.78 18.40
C ASN D 24 15.04 -32.05 18.06
N PHE D 25 14.32 -31.58 19.08
CA PHE D 25 13.03 -30.93 18.86
C PHE D 25 13.14 -29.69 17.99
N ALA D 26 14.30 -29.05 17.94
CA ALA D 26 14.46 -27.83 17.17
C ALA D 26 15.20 -28.06 15.85
N SER D 27 15.27 -29.30 15.39
CA SER D 27 15.99 -29.65 14.16
C SER D 27 14.99 -29.94 13.04
N PHE D 28 15.39 -29.57 11.82
CA PHE D 28 14.60 -29.89 10.63
C PHE D 28 14.36 -31.38 10.46
N THR D 29 15.17 -32.22 11.09
CA THR D 29 14.96 -33.65 10.97
C THR D 29 13.84 -34.17 11.86
N TYR D 30 13.40 -33.36 12.83
CA TYR D 30 12.41 -33.82 13.79
C TYR D 30 11.04 -33.94 13.12
N THR D 31 10.33 -35.04 13.43
CA THR D 31 8.99 -35.22 12.90
C THR D 31 7.97 -34.91 13.99
N PRO D 32 7.33 -33.74 13.97
CA PRO D 32 6.42 -33.39 15.07
C PRO D 32 5.23 -34.32 15.19
N ARG D 33 4.84 -35.02 14.12
CA ARG D 33 3.76 -35.99 14.23
C ARG D 33 4.13 -37.18 15.11
N SER D 34 5.40 -37.34 15.46
CA SER D 34 5.77 -38.40 16.38
C SER D 34 5.35 -38.09 17.81
N LEU D 35 5.10 -36.83 18.13
CA LEU D 35 4.74 -36.47 19.49
C LEU D 35 3.32 -36.93 19.78
N PRO D 36 3.07 -37.56 20.93
CA PRO D 36 1.70 -37.94 21.28
C PRO D 36 0.79 -36.71 21.27
N GLU D 37 -0.43 -36.90 20.76
CA GLU D 37 -1.35 -35.78 20.59
C GLU D 37 -1.68 -35.10 21.91
N ASP D 38 -1.76 -35.88 23.00
CA ASP D 38 -2.02 -35.30 24.31
C ASP D 38 -0.87 -34.45 24.84
N ASP D 39 0.28 -34.43 24.16
CA ASP D 39 1.39 -33.57 24.56
C ASP D 39 1.54 -32.34 23.69
N THR D 40 0.73 -32.20 22.64
CA THR D 40 0.97 -31.12 21.67
C THR D 40 0.69 -29.74 22.26
N SER D 41 -0.23 -29.63 23.21
CA SER D 41 -0.52 -28.32 23.79
C SER D 41 0.67 -27.82 24.60
N MET D 42 1.23 -28.68 25.45
CA MET D 42 2.44 -28.33 26.18
C MET D 42 3.55 -27.95 25.21
N ALA D 43 3.62 -28.64 24.08
CA ALA D 43 4.66 -28.33 23.11
C ALA D 43 4.47 -26.95 22.50
N ILE D 44 3.21 -26.57 22.24
CA ILE D 44 2.93 -25.20 21.78
C ILE D 44 3.43 -24.19 22.81
N LEU D 45 3.08 -24.40 24.08
CA LEU D 45 3.57 -23.50 25.14
C LEU D 45 5.09 -23.50 25.20
N SER D 46 5.71 -24.68 25.11
CA SER D 46 7.16 -24.78 25.18
C SER D 46 7.84 -24.02 24.04
N MET D 47 7.25 -24.10 22.83
CA MET D 47 7.83 -23.39 21.69
C MET D 47 7.72 -21.88 21.87
N LEU D 48 6.55 -21.40 22.31
CA LEU D 48 6.41 -19.97 22.55
C LEU D 48 7.37 -19.51 23.62
N GLN D 49 7.60 -20.34 24.64
CA GLN D 49 8.55 -19.99 25.69
C GLN D 49 9.99 -20.07 25.17
N ASP D 50 10.31 -21.08 24.35
CA ASP D 50 11.65 -21.18 23.82
C ASP D 50 11.99 -20.01 22.90
N MET D 51 11.00 -19.51 22.16
CA MET D 51 11.15 -18.28 21.40
C MET D 51 11.04 -17.05 22.30
N ASN D 52 10.71 -17.27 23.57
CA ASN D 52 10.55 -16.24 24.60
C ASN D 52 9.46 -15.23 24.24
N PHE D 53 8.42 -15.68 23.55
CA PHE D 53 7.30 -14.78 23.27
C PHE D 53 6.41 -14.57 24.49
N ILE D 54 6.34 -15.55 25.38
CA ILE D 54 5.47 -15.39 26.55
C ILE D 54 5.96 -14.24 27.40
N ASN D 55 7.26 -14.25 27.72
CA ASN D 55 7.82 -13.17 28.55
C ASN D 55 7.88 -11.86 27.78
N ASN D 56 8.36 -11.90 26.53
CA ASN D 56 8.60 -10.65 25.82
C ASN D 56 7.30 -9.95 25.49
N TYR D 57 6.21 -10.69 25.29
CA TYR D 57 4.94 -10.07 24.99
C TYR D 57 4.01 -10.02 26.19
N LYS D 58 4.52 -10.35 27.38
CA LYS D 58 3.75 -10.32 28.62
C LYS D 58 2.43 -11.06 28.48
N ILE D 59 2.47 -12.20 27.77
CA ILE D 59 1.26 -12.97 27.58
C ILE D 59 0.88 -13.62 28.90
N ASP D 60 -0.41 -13.54 29.24
CA ASP D 60 -0.91 -14.22 30.43
C ASP D 60 -0.92 -15.72 30.17
N CYS D 61 -0.22 -16.49 31.04
CA CYS D 61 -0.07 -17.91 30.76
C CYS D 61 -1.39 -18.68 30.83
N PRO D 62 -2.24 -18.49 31.85
CA PRO D 62 -3.55 -19.16 31.79
C PRO D 62 -4.37 -18.78 30.58
N THR D 63 -4.40 -17.50 30.21
CA THR D 63 -5.11 -17.10 29.00
C THR D 63 -4.56 -17.85 27.79
N LEU D 64 -3.22 -17.96 27.71
CA LEU D 64 -2.60 -18.63 26.59
C LEU D 64 -2.93 -20.12 26.58
N ALA D 65 -2.95 -20.74 27.76
CA ALA D 65 -3.32 -22.15 27.85
C ALA D 65 -4.75 -22.37 27.40
N ARG D 66 -5.68 -21.54 27.89
CA ARG D 66 -7.06 -21.65 27.45
C ARG D 66 -7.17 -21.49 25.94
N PHE D 67 -6.45 -20.50 25.39
CA PHE D 67 -6.47 -20.26 23.95
C PHE D 67 -5.97 -21.49 23.20
N CYS D 68 -4.83 -22.03 23.63
CA CYS D 68 -4.27 -23.20 22.96
C CYS D 68 -5.24 -24.38 22.99
N LEU D 69 -5.90 -24.59 24.13
CA LEU D 69 -6.87 -25.68 24.26
C LEU D 69 -8.07 -25.45 23.34
N MET D 70 -8.56 -24.21 23.29
CA MET D 70 -9.70 -23.89 22.43
C MET D 70 -9.33 -24.09 20.97
N VAL D 71 -8.11 -23.73 20.59
CA VAL D 71 -7.69 -23.88 19.19
C VAL D 71 -7.64 -25.35 18.82
N LYS D 72 -7.02 -26.17 19.69
CA LYS D 72 -6.96 -27.61 19.44
C LYS D 72 -8.36 -28.20 19.32
N LYS D 73 -9.24 -27.82 20.24
CA LYS D 73 -10.62 -28.31 20.24
C LYS D 73 -11.39 -27.86 19.01
N GLY D 74 -10.95 -26.78 18.34
CA GLY D 74 -11.57 -26.19 17.19
C GLY D 74 -11.36 -26.94 15.90
N TYR D 75 -10.59 -28.02 15.92
CA TYR D 75 -10.35 -28.85 14.74
C TYR D 75 -11.22 -30.09 14.81
N ARG D 76 -11.74 -30.48 13.65
CA ARG D 76 -12.43 -31.76 13.48
C ARG D 76 -11.40 -32.85 13.19
N ASP D 77 -11.88 -34.03 12.80
CA ASP D 77 -10.99 -35.16 12.55
C ASP D 77 -11.10 -35.75 11.13
N PRO D 78 -10.97 -34.96 10.07
CA PRO D 78 -10.75 -35.56 8.74
C PRO D 78 -9.39 -36.21 8.71
N PRO D 79 -9.08 -37.03 7.69
CA PRO D 79 -7.79 -37.74 7.73
C PRO D 79 -6.57 -36.81 7.82
N TYR D 80 -6.59 -35.69 7.10
CA TYR D 80 -5.42 -34.81 7.06
C TYR D 80 -5.63 -33.50 7.80
N HIS D 81 -6.72 -32.79 7.53
CA HIS D 81 -6.88 -31.41 8.01
C HIS D 81 -7.45 -31.41 9.44
N ASN D 82 -6.64 -31.92 10.35
CA ASN D 82 -6.98 -32.09 11.76
C ASN D 82 -5.94 -31.35 12.61
N TRP D 83 -6.06 -31.48 13.94
CA TRP D 83 -5.17 -30.70 14.81
C TRP D 83 -3.72 -31.08 14.62
N MET D 84 -3.42 -32.38 14.41
CA MET D 84 -2.02 -32.75 14.25
C MET D 84 -1.41 -32.08 13.02
N HIS D 85 -2.23 -31.77 12.00
CA HIS D 85 -1.74 -30.97 10.89
C HIS D 85 -1.37 -29.57 11.35
N ALA D 86 -2.30 -28.88 12.03
CA ALA D 86 -2.04 -27.53 12.51
C ALA D 86 -0.87 -27.49 13.47
N PHE D 87 -0.77 -28.48 14.36
CA PHE D 87 0.37 -28.54 15.27
C PHE D 87 1.68 -28.71 14.51
N SER D 88 1.72 -29.64 13.55
CA SER D 88 2.99 -29.84 12.85
C SER D 88 3.35 -28.62 12.01
N VAL D 89 2.35 -27.89 11.50
CA VAL D 89 2.60 -26.66 10.75
C VAL D 89 3.16 -25.61 11.69
N SER D 90 2.61 -25.52 12.90
CA SER D 90 3.11 -24.56 13.89
C SER D 90 4.53 -24.90 14.31
N HIS D 91 4.81 -26.20 14.46
CA HIS D 91 6.17 -26.62 14.80
C HIS D 91 7.17 -26.21 13.72
N PHE D 92 6.77 -26.33 12.45
CA PHE D 92 7.67 -25.89 11.39
C PHE D 92 7.92 -24.39 11.44
N CYS D 93 6.90 -23.59 11.78
CA CYS D 93 7.14 -22.17 12.00
C CYS D 93 8.22 -21.95 13.05
N TYR D 94 8.09 -22.65 14.17
CA TYR D 94 9.11 -22.59 15.21
C TYR D 94 10.48 -23.01 14.67
N LEU D 95 10.53 -24.08 13.84
CA LEU D 95 11.80 -24.51 13.26
C LEU D 95 12.42 -23.42 12.39
N LEU D 96 11.60 -22.74 11.57
CA LEU D 96 12.11 -21.65 10.76
C LEU D 96 12.74 -20.58 11.63
N TYR D 97 12.07 -20.24 12.74
CA TYR D 97 12.61 -19.26 13.67
C TYR D 97 13.93 -19.72 14.26
N LYS D 98 14.01 -21.00 14.62
CA LYS D 98 15.20 -21.50 15.30
C LYS D 98 16.38 -21.70 14.37
N ASN D 99 16.11 -21.98 13.09
CA ASN D 99 17.15 -22.38 12.16
C ASN D 99 17.48 -21.33 11.11
N LEU D 100 16.55 -20.44 10.80
CA LEU D 100 16.79 -19.37 9.84
C LEU D 100 16.84 -18.05 10.60
N GLU D 101 17.44 -17.06 9.96
CA GLU D 101 17.57 -15.73 10.55
C GLU D 101 16.31 -14.90 10.25
N LEU D 102 15.17 -15.39 10.73
CA LEU D 102 13.90 -14.72 10.46
C LEU D 102 13.91 -13.30 10.99
N THR D 103 14.50 -13.09 12.17
CA THR D 103 14.51 -11.77 12.79
C THR D 103 15.35 -10.77 12.02
N ASN D 104 16.20 -11.23 11.10
CA ASN D 104 16.90 -10.31 10.23
C ASN D 104 15.99 -9.72 9.17
N TYR D 105 14.86 -10.38 8.88
CA TYR D 105 13.97 -9.96 7.81
C TYR D 105 12.57 -9.55 8.28
N LEU D 106 12.10 -10.09 9.40
CA LEU D 106 10.74 -9.87 9.86
C LEU D 106 10.73 -9.26 11.25
N GLU D 107 9.68 -8.49 11.51
CA GLU D 107 9.46 -7.95 12.83
C GLU D 107 9.03 -9.06 13.79
N ASP D 108 9.35 -8.88 15.08
CA ASP D 108 8.95 -9.86 16.08
C ASP D 108 7.44 -10.13 16.04
N ILE D 109 6.64 -9.06 15.92
CA ILE D 109 5.19 -9.26 15.95
C ILE D 109 4.74 -10.03 14.71
N GLU D 110 5.46 -9.87 13.59
CA GLU D 110 5.14 -10.61 12.39
C GLU D 110 5.41 -12.11 12.57
N ILE D 111 6.50 -12.45 13.25
CA ILE D 111 6.81 -13.85 13.50
C ILE D 111 5.79 -14.45 14.46
N PHE D 112 5.45 -13.69 15.51
CA PHE D 112 4.45 -14.15 16.46
C PHE D 112 3.11 -14.39 15.78
N ALA D 113 2.68 -13.44 14.94
CA ALA D 113 1.42 -13.58 14.22
C ALA D 113 1.45 -14.77 13.28
N LEU D 114 2.59 -15.01 12.64
CA LEU D 114 2.76 -16.20 11.80
C LEU D 114 2.53 -17.46 12.62
N PHE D 115 3.12 -17.55 13.82
CA PHE D 115 3.00 -18.76 14.63
C PHE D 115 1.55 -18.96 15.08
N ILE D 116 0.92 -17.92 15.62
CA ILE D 116 -0.47 -18.03 16.01
C ILE D 116 -1.34 -18.36 14.80
N SER D 117 -1.04 -17.75 13.64
CA SER D 117 -1.80 -18.08 12.43
C SER D 117 -1.67 -19.56 12.10
N CYS D 118 -0.46 -20.11 12.23
CA CYS D 118 -0.27 -21.54 11.97
C CYS D 118 -1.18 -22.39 12.84
N MET D 119 -1.26 -22.06 14.13
CA MET D 119 -2.13 -22.81 15.03
C MET D 119 -3.56 -22.79 14.55
N CYS D 120 -4.01 -21.66 14.02
CA CYS D 120 -5.40 -21.38 13.72
C CYS D 120 -5.78 -21.61 12.28
N HIS D 121 -4.83 -21.92 11.39
CA HIS D 121 -5.09 -21.62 9.99
C HIS D 121 -6.07 -22.57 9.29
N ASP D 122 -6.40 -23.72 9.88
CA ASP D 122 -7.35 -24.66 9.29
C ASP D 122 -8.51 -24.95 10.24
N LEU D 123 -8.77 -24.06 11.20
CA LEU D 123 -9.82 -24.29 12.20
C LEU D 123 -11.15 -24.69 11.56
N ASP D 124 -11.73 -25.76 12.10
CA ASP D 124 -13.04 -26.28 11.69
C ASP D 124 -13.04 -26.79 10.25
N HIS D 125 -11.88 -27.18 9.72
CA HIS D 125 -11.84 -27.79 8.39
C HIS D 125 -12.72 -29.04 8.35
N ARG D 126 -13.44 -29.21 7.24
CA ARG D 126 -14.36 -30.33 7.09
C ARG D 126 -13.84 -31.41 6.14
N GLY D 127 -12.59 -31.29 5.70
CA GLY D 127 -12.04 -32.27 4.79
C GLY D 127 -12.47 -32.10 3.35
N THR D 128 -13.04 -30.95 3.01
CA THR D 128 -13.41 -30.63 1.64
C THR D 128 -12.82 -29.28 1.28
N ASN D 129 -12.59 -29.08 -0.02
CA ASN D 129 -11.94 -27.86 -0.48
C ASN D 129 -12.96 -26.75 -0.70
N ASN D 130 -12.51 -25.65 -1.32
CA ASN D 130 -13.37 -24.48 -1.45
C ASN D 130 -14.45 -24.68 -2.49
N SER D 131 -14.11 -25.24 -3.64
CA SER D 131 -15.13 -25.40 -4.66
C SER D 131 -16.22 -26.35 -4.17
N PHE D 132 -15.87 -27.31 -3.30
CA PHE D 132 -16.91 -28.19 -2.78
C PHE D 132 -17.92 -27.42 -1.95
N GLN D 133 -17.44 -26.49 -1.10
CA GLN D 133 -18.37 -25.65 -0.37
C GLN D 133 -19.34 -24.94 -1.30
N VAL D 134 -18.82 -24.40 -2.40
CA VAL D 134 -19.67 -23.67 -3.34
C VAL D 134 -20.65 -24.61 -4.03
N ALA D 135 -20.16 -25.76 -4.50
CA ALA D 135 -21.02 -26.69 -5.22
C ALA D 135 -22.10 -27.26 -4.31
N SER D 136 -21.78 -27.49 -3.05
CA SER D 136 -22.76 -28.04 -2.11
C SER D 136 -23.65 -26.98 -1.50
N LYS D 137 -23.40 -25.71 -1.83
CA LYS D 137 -24.19 -24.58 -1.33
C LYS D 137 -24.24 -24.60 0.19
N SER D 138 -23.09 -24.85 0.80
CA SER D 138 -22.96 -24.83 2.24
C SER D 138 -23.16 -23.41 2.76
N VAL D 139 -23.39 -23.31 4.07
CA VAL D 139 -23.54 -21.99 4.68
C VAL D 139 -22.25 -21.19 4.52
N LEU D 140 -21.11 -21.87 4.50
CA LEU D 140 -19.85 -21.16 4.33
C LEU D 140 -19.78 -20.52 2.95
N ALA D 141 -20.27 -21.22 1.93
CA ALA D 141 -20.32 -20.62 0.60
C ALA D 141 -21.26 -19.41 0.60
N ALA D 142 -22.40 -19.54 1.25
CA ALA D 142 -23.34 -18.42 1.30
C ALA D 142 -22.68 -17.19 1.91
N LEU D 143 -21.84 -17.39 2.94
CA LEU D 143 -21.19 -16.27 3.61
C LEU D 143 -20.01 -15.71 2.82
N TYR D 144 -19.28 -16.56 2.10
CA TYR D 144 -17.93 -16.23 1.68
C TYR D 144 -17.65 -16.41 0.19
N SER D 145 -18.51 -17.09 -0.56
CA SER D 145 -18.11 -17.48 -1.93
C SER D 145 -17.86 -16.28 -2.82
N SER D 146 -18.58 -15.17 -2.64
CA SER D 146 -18.38 -14.04 -3.54
C SER D 146 -17.06 -13.33 -3.29
N GLU D 147 -16.46 -13.47 -2.11
CA GLU D 147 -15.15 -12.89 -1.84
C GLU D 147 -13.99 -13.86 -2.07
N GLY D 148 -14.27 -15.15 -2.19
CA GLY D 148 -13.25 -16.13 -2.45
C GLY D 148 -12.63 -16.68 -1.17
N SER D 149 -11.84 -17.73 -1.36
CA SER D 149 -11.17 -18.47 -0.31
C SER D 149 -12.12 -18.82 0.84
N VAL D 150 -13.17 -19.57 0.50
CA VAL D 150 -14.26 -19.85 1.43
C VAL D 150 -13.74 -20.40 2.75
N MET D 151 -12.98 -21.49 2.71
CA MET D 151 -12.58 -22.12 3.97
C MET D 151 -11.64 -21.22 4.77
N GLU D 152 -10.74 -20.50 4.08
CA GLU D 152 -9.77 -19.68 4.80
C GLU D 152 -10.46 -18.50 5.47
N ARG D 153 -11.50 -17.95 4.86
CA ARG D 153 -12.29 -16.95 5.55
C ARG D 153 -12.99 -17.54 6.77
N HIS D 154 -13.45 -18.79 6.68
CA HIS D 154 -14.02 -19.47 7.84
C HIS D 154 -12.98 -19.66 8.93
N HIS D 155 -11.79 -20.13 8.55
CA HIS D 155 -10.73 -20.38 9.54
C HIS D 155 -10.42 -19.10 10.31
N PHE D 156 -10.27 -17.99 9.59
CA PHE D 156 -10.01 -16.72 10.26
C PHE D 156 -11.17 -16.33 11.17
N ALA D 157 -12.41 -16.46 10.67
CA ALA D 157 -13.56 -16.14 11.50
C ALA D 157 -13.62 -17.02 12.74
N GLN D 158 -13.19 -18.28 12.62
CA GLN D 158 -13.20 -19.14 13.80
C GLN D 158 -12.16 -18.69 14.80
N ALA D 159 -11.00 -18.25 14.32
CA ALA D 159 -9.97 -17.72 15.22
C ALA D 159 -10.46 -16.48 15.94
N ILE D 160 -11.15 -15.58 15.22
CA ILE D 160 -11.74 -14.41 15.86
C ILE D 160 -12.71 -14.83 16.96
N ALA D 161 -13.56 -15.83 16.68
CA ALA D 161 -14.51 -16.28 17.70
C ALA D 161 -13.80 -16.80 18.94
N ILE D 162 -12.67 -17.49 18.77
CA ILE D 162 -11.91 -17.96 19.93
C ILE D 162 -11.36 -16.77 20.70
N LEU D 163 -10.76 -15.80 20.00
CA LEU D 163 -10.21 -14.64 20.69
C LEU D 163 -11.31 -13.85 21.38
N ASN D 164 -12.52 -13.85 20.83
CA ASN D 164 -13.66 -13.18 21.44
C ASN D 164 -14.32 -14.02 22.54
N THR D 165 -13.76 -15.18 22.87
CA THR D 165 -14.27 -16.01 23.95
C THR D 165 -13.64 -15.59 25.27
N HIS D 166 -14.46 -15.51 26.32
CA HIS D 166 -14.00 -14.98 27.60
C HIS D 166 -12.81 -15.75 28.13
N GLY D 167 -11.78 -15.01 28.56
CA GLY D 167 -10.56 -15.62 29.05
C GLY D 167 -9.65 -16.20 27.99
N CYS D 168 -9.89 -15.93 26.71
CA CYS D 168 -9.10 -16.53 25.64
C CYS D 168 -8.34 -15.51 24.79
N ASN D 169 -8.47 -14.22 25.07
CA ASN D 169 -7.87 -13.22 24.18
C ASN D 169 -6.44 -12.98 24.64
N ILE D 170 -5.51 -13.71 24.02
CA ILE D 170 -4.10 -13.58 24.42
C ILE D 170 -3.52 -12.22 24.08
N PHE D 171 -4.20 -11.43 23.25
CA PHE D 171 -3.71 -10.12 22.83
C PHE D 171 -4.34 -8.96 23.57
N ASP D 172 -5.25 -9.20 24.51
CA ASP D 172 -6.14 -8.10 24.89
C ASP D 172 -5.43 -7.02 25.70
N HIS D 173 -4.21 -7.27 26.16
CA HIS D 173 -3.38 -6.25 26.79
C HIS D 173 -2.46 -5.53 25.81
N PHE D 174 -2.42 -5.94 24.55
CA PHE D 174 -1.64 -5.22 23.56
C PHE D 174 -2.16 -3.80 23.42
N SER D 175 -1.27 -2.88 23.06
CA SER D 175 -1.70 -1.56 22.68
C SER D 175 -2.70 -1.67 21.53
N ARG D 176 -3.52 -0.64 21.37
CA ARG D 176 -4.52 -0.68 20.32
C ARG D 176 -3.88 -0.90 18.96
N LYS D 177 -2.78 -0.20 18.69
CA LYS D 177 -2.09 -0.38 17.41
C LYS D 177 -1.57 -1.81 17.24
N ASP D 178 -0.95 -2.37 18.29
CA ASP D 178 -0.37 -3.71 18.17
C ASP D 178 -1.46 -4.78 18.09
N TYR D 179 -2.54 -4.57 18.83
CA TYR D 179 -3.71 -5.43 18.72
C TYR D 179 -4.23 -5.47 17.30
N GLN D 180 -4.38 -4.29 16.69
CA GLN D 180 -4.90 -4.27 15.32
C GLN D 180 -3.91 -4.91 14.36
N ARG D 181 -2.62 -4.76 14.64
CA ARG D 181 -1.62 -5.37 13.78
C ARG D 181 -1.71 -6.89 13.80
N MET D 182 -1.94 -7.47 14.99
CA MET D 182 -2.13 -8.91 15.09
C MET D 182 -3.31 -9.39 14.26
N LEU D 183 -4.44 -8.69 14.38
CA LEU D 183 -5.62 -9.06 13.61
C LEU D 183 -5.34 -8.99 12.11
N ASP D 184 -4.73 -7.88 11.67
CA ASP D 184 -4.47 -7.70 10.24
C ASP D 184 -3.51 -8.75 9.73
N LEU D 185 -2.49 -9.09 10.53
CA LEU D 185 -1.54 -10.09 10.12
C LEU D 185 -2.19 -11.47 10.06
N MET D 186 -2.95 -11.84 11.09
CA MET D 186 -3.58 -13.16 11.08
C MET D 186 -4.52 -13.31 9.90
N ARG D 187 -5.30 -12.27 9.58
CA ARG D 187 -6.17 -12.33 8.41
C ARG D 187 -5.36 -12.54 7.13
N ASP D 188 -4.31 -11.73 6.94
CA ASP D 188 -3.53 -11.84 5.70
C ASP D 188 -2.87 -13.21 5.60
N ILE D 189 -2.32 -13.70 6.73
CA ILE D 189 -1.55 -14.93 6.70
C ILE D 189 -2.48 -16.12 6.49
N ILE D 190 -3.63 -16.13 7.19
CA ILE D 190 -4.54 -17.27 7.04
C ILE D 190 -5.14 -17.28 5.63
N LEU D 191 -5.47 -16.11 5.08
CA LEU D 191 -5.99 -16.08 3.72
C LEU D 191 -4.94 -16.57 2.71
N ALA D 192 -3.66 -16.36 3.02
CA ALA D 192 -2.60 -16.81 2.12
C ALA D 192 -2.45 -18.32 2.07
N THR D 193 -3.09 -19.07 2.98
CA THR D 193 -3.01 -20.53 2.94
C THR D 193 -3.85 -21.12 1.82
N ASP D 194 -4.71 -20.35 1.19
CA ASP D 194 -5.39 -20.82 -0.01
C ASP D 194 -4.36 -20.97 -1.12
N LEU D 195 -4.15 -22.20 -1.61
CA LEU D 195 -3.14 -22.37 -2.65
C LEU D 195 -3.48 -21.57 -3.90
N ALA D 196 -4.78 -21.31 -4.15
CA ALA D 196 -5.14 -20.40 -5.23
C ALA D 196 -4.51 -19.02 -5.04
N HIS D 197 -4.40 -18.57 -3.78
CA HIS D 197 -3.74 -17.30 -3.50
C HIS D 197 -2.26 -17.40 -3.76
N HIS D 198 -1.62 -18.47 -3.28
CA HIS D 198 -0.20 -18.66 -3.52
C HIS D 198 0.11 -18.64 -5.02
N LEU D 199 -0.66 -19.39 -5.80
CA LEU D 199 -0.47 -19.41 -7.25
C LEU D 199 -0.66 -18.01 -7.86
N ARG D 200 -1.58 -17.20 -7.32
CA ARG D 200 -1.76 -15.85 -7.85
C ARG D 200 -0.55 -14.96 -7.56
N ILE D 201 0.07 -15.10 -6.39
CA ILE D 201 1.15 -14.20 -6.00
C ILE D 201 2.51 -14.77 -6.34
N PHE D 202 2.56 -15.93 -7.00
CA PHE D 202 3.85 -16.59 -7.22
C PHE D 202 4.80 -15.68 -8.00
N LYS D 203 4.32 -14.99 -9.03
CA LYS D 203 5.21 -14.10 -9.79
C LYS D 203 5.75 -12.97 -8.91
N ASP D 204 4.95 -12.50 -7.94
CA ASP D 204 5.42 -11.45 -7.04
C ASP D 204 6.48 -11.98 -6.09
N LEU D 205 6.34 -13.24 -5.65
CA LEU D 205 7.40 -13.85 -4.84
C LEU D 205 8.68 -14.01 -5.64
N GLN D 206 8.57 -14.48 -6.89
CA GLN D 206 9.77 -14.62 -7.72
C GLN D 206 10.43 -13.26 -7.91
N LYS D 207 9.62 -12.23 -8.16
CA LYS D 207 10.15 -10.90 -8.38
C LYS D 207 10.90 -10.40 -7.15
N MET D 208 10.32 -10.62 -5.97
CA MET D 208 10.99 -10.26 -4.72
C MET D 208 12.31 -10.99 -4.58
N ALA D 209 12.32 -12.28 -4.93
CA ALA D 209 13.58 -13.01 -4.85
C ALA D 209 14.60 -12.48 -5.86
N GLU D 210 14.14 -12.01 -7.02
CA GLU D 210 15.06 -11.53 -8.05
C GLU D 210 15.72 -10.22 -7.66
N VAL D 211 14.93 -9.28 -7.13
CA VAL D 211 15.51 -7.99 -6.73
C VAL D 211 16.20 -8.10 -5.38
N GLY D 212 15.90 -9.12 -4.61
CA GLY D 212 16.44 -9.26 -3.28
C GLY D 212 15.50 -8.66 -2.25
N TYR D 213 15.41 -9.34 -1.12
CA TYR D 213 14.52 -8.89 -0.06
C TYR D 213 14.93 -7.52 0.45
N ASP D 214 13.97 -6.61 0.54
CA ASP D 214 14.17 -5.26 1.04
C ASP D 214 13.50 -5.18 2.42
N ARG D 215 14.31 -5.16 3.48
CA ARG D 215 13.78 -5.10 4.84
C ARG D 215 12.90 -3.87 5.08
N ASN D 216 13.07 -2.82 4.30
CA ASN D 216 12.31 -1.59 4.49
C ASN D 216 11.09 -1.51 3.59
N ASN D 217 10.79 -2.57 2.84
CA ASN D 217 9.66 -2.62 1.93
C ASN D 217 8.54 -3.40 2.61
N LYS D 218 7.46 -2.72 2.95
CA LYS D 218 6.37 -3.42 3.65
C LYS D 218 5.74 -4.49 2.79
N GLN D 219 5.74 -4.32 1.47
CA GLN D 219 5.14 -5.38 0.67
C GLN D 219 6.02 -6.62 0.65
N HIS D 220 7.33 -6.44 0.77
CA HIS D 220 8.20 -7.62 0.89
C HIS D 220 7.94 -8.38 2.18
N HIS D 221 7.73 -7.67 3.29
CA HIS D 221 7.35 -8.34 4.53
C HIS D 221 6.09 -9.17 4.33
N ARG D 222 5.07 -8.56 3.71
CA ARG D 222 3.82 -9.27 3.49
C ARG D 222 4.02 -10.48 2.57
N LEU D 223 4.82 -10.32 1.51
CA LEU D 223 5.05 -11.45 0.61
C LEU D 223 5.83 -12.55 1.29
N LEU D 224 6.85 -12.18 2.07
CA LEU D 224 7.63 -13.18 2.79
C LEU D 224 6.76 -13.95 3.78
N LEU D 225 5.86 -13.27 4.48
CA LEU D 225 4.99 -13.97 5.42
C LEU D 225 4.12 -15.01 4.69
N CYS D 226 3.59 -14.67 3.51
CA CYS D 226 2.84 -15.64 2.71
C CYS D 226 3.70 -16.85 2.37
N LEU D 227 4.90 -16.60 1.83
CA LEU D 227 5.81 -17.70 1.48
C LEU D 227 6.13 -18.58 2.68
N LEU D 228 6.42 -17.96 3.83
CA LEU D 228 6.69 -18.74 5.04
C LEU D 228 5.46 -19.54 5.46
N MET D 229 4.29 -18.91 5.41
CA MET D 229 3.07 -19.64 5.76
C MET D 229 2.88 -20.85 4.85
N THR D 230 3.06 -20.67 3.54
CA THR D 230 2.91 -21.82 2.64
C THR D 230 3.95 -22.88 2.96
N SER D 231 5.19 -22.45 3.23
CA SER D 231 6.27 -23.37 3.55
C SER D 231 5.96 -24.19 4.79
N CYS D 232 5.31 -23.58 5.78
CA CYS D 232 4.87 -24.35 6.95
C CYS D 232 3.72 -25.30 6.59
N ASP D 233 2.75 -24.80 5.80
CA ASP D 233 1.58 -25.60 5.45
C ASP D 233 1.97 -26.88 4.72
N LEU D 234 3.04 -26.83 3.92
CA LEU D 234 3.45 -27.97 3.12
C LEU D 234 4.63 -28.73 3.72
N SER D 235 5.01 -28.40 4.95
CA SER D 235 6.29 -28.85 5.49
C SER D 235 6.37 -30.35 5.77
N ASP D 236 5.24 -31.07 5.80
CA ASP D 236 5.31 -32.53 5.81
C ASP D 236 6.23 -33.06 4.72
N GLN D 237 6.28 -32.38 3.57
CA GLN D 237 7.10 -32.87 2.46
C GLN D 237 8.59 -32.66 2.70
N THR D 238 8.97 -31.92 3.73
CA THR D 238 10.39 -31.74 4.05
C THR D 238 10.92 -32.78 5.02
N LYS D 239 10.11 -33.77 5.38
CA LYS D 239 10.51 -34.81 6.31
C LYS D 239 11.02 -36.00 5.50
N GLY D 240 11.21 -37.14 6.16
CA GLY D 240 11.66 -38.33 5.49
C GLY D 240 10.57 -38.95 4.63
N TRP D 241 10.99 -39.88 3.79
CA TRP D 241 10.08 -40.50 2.84
C TRP D 241 8.88 -41.13 3.53
N LYS D 242 9.08 -41.78 4.68
CA LYS D 242 7.97 -42.45 5.35
C LYS D 242 6.90 -41.44 5.77
N THR D 243 7.31 -40.29 6.32
CA THR D 243 6.34 -39.25 6.65
C THR D 243 5.52 -38.88 5.43
N THR D 244 6.19 -38.66 4.30
CA THR D 244 5.47 -38.14 3.14
C THR D 244 4.59 -39.22 2.52
N ARG D 245 5.00 -40.50 2.61
CA ARG D 245 4.12 -41.57 2.16
C ARG D 245 2.86 -41.64 3.01
N LYS D 246 3.03 -41.53 4.33
CA LYS D 246 1.89 -41.51 5.24
C LYS D 246 0.97 -40.33 4.97
N ILE D 247 1.56 -39.15 4.71
CA ILE D 247 0.73 -37.98 4.51
C ILE D 247 0.00 -38.06 3.17
N ALA D 248 0.61 -38.66 2.15
CA ALA D 248 -0.12 -38.90 0.91
C ALA D 248 -1.36 -39.76 1.15
N GLU D 249 -1.21 -40.81 1.96
CA GLU D 249 -2.33 -41.67 2.31
C GLU D 249 -3.47 -40.87 2.92
N LEU D 250 -3.16 -40.00 3.89
CA LEU D 250 -4.20 -39.19 4.53
C LEU D 250 -4.81 -38.21 3.55
N ILE D 251 -3.98 -37.54 2.77
CA ILE D 251 -4.49 -36.54 1.83
C ILE D 251 -5.44 -37.19 0.83
N TYR D 252 -5.05 -38.33 0.25
CA TYR D 252 -5.90 -38.95 -0.77
C TYR D 252 -7.14 -39.57 -0.15
N LYS D 253 -7.04 -40.12 1.06
CA LYS D 253 -8.22 -40.55 1.79
C LYS D 253 -9.23 -39.41 1.88
N GLU D 254 -8.75 -38.24 2.27
CA GLU D 254 -9.60 -37.07 2.36
C GLU D 254 -10.13 -36.67 0.98
N PHE D 255 -9.24 -36.51 0.00
CA PHE D 255 -9.65 -36.20 -1.38
C PHE D 255 -10.70 -37.16 -1.90
N PHE D 256 -10.45 -38.48 -1.81
CA PHE D 256 -11.38 -39.42 -2.43
C PHE D 256 -12.74 -39.44 -1.73
N SER D 257 -12.76 -39.14 -0.43
CA SER D 257 -14.04 -39.00 0.25
C SER D 257 -14.84 -37.84 -0.32
N GLN D 258 -14.18 -36.71 -0.58
CA GLN D 258 -14.86 -35.61 -1.23
C GLN D 258 -15.36 -36.01 -2.62
N GLY D 259 -14.49 -36.67 -3.40
CA GLY D 259 -14.89 -37.09 -4.74
C GLY D 259 -16.09 -38.00 -4.73
N ASP D 260 -16.13 -38.94 -3.79
CA ASP D 260 -17.28 -39.83 -3.65
C ASP D 260 -18.56 -39.03 -3.41
N LEU D 261 -18.47 -38.04 -2.52
CA LEU D 261 -19.61 -37.18 -2.25
C LEU D 261 -20.06 -36.44 -3.50
N GLU D 262 -19.09 -35.91 -4.26
CA GLU D 262 -19.43 -35.15 -5.46
C GLU D 262 -20.11 -36.03 -6.51
N LYS D 263 -19.61 -37.24 -6.72
CA LYS D 263 -20.32 -38.16 -7.61
C LYS D 263 -21.74 -38.39 -7.14
N ALA D 264 -21.92 -38.57 -5.83
CA ALA D 264 -23.25 -38.80 -5.29
C ALA D 264 -24.17 -37.61 -5.54
N MET D 265 -23.61 -36.40 -5.54
CA MET D 265 -24.34 -35.19 -5.86
C MET D 265 -24.57 -35.04 -7.36
N GLY D 266 -23.99 -35.90 -8.19
CA GLY D 266 -24.08 -35.77 -9.62
C GLY D 266 -22.99 -34.92 -10.25
N ASN D 267 -21.98 -34.53 -9.50
CA ASN D 267 -20.89 -33.70 -10.00
C ASN D 267 -19.70 -34.56 -10.41
N ARG D 268 -18.87 -34.00 -11.29
CA ARG D 268 -17.67 -34.68 -11.71
C ARG D 268 -16.52 -34.17 -10.85
N PRO D 269 -15.92 -34.99 -10.01
CA PRO D 269 -14.80 -34.52 -9.19
C PRO D 269 -13.59 -34.24 -10.05
N MET D 270 -12.75 -33.33 -9.57
CA MET D 270 -11.44 -33.18 -10.17
C MET D 270 -10.71 -34.53 -10.14
N GLU D 271 -9.77 -34.68 -11.08
CA GLU D 271 -9.08 -35.96 -11.24
C GLU D 271 -8.44 -36.44 -9.94
N MET D 272 -7.76 -35.55 -9.23
CA MET D 272 -7.03 -35.96 -8.04
C MET D 272 -7.94 -36.35 -6.90
N MET D 273 -9.24 -36.08 -7.00
CA MET D 273 -10.21 -36.50 -5.97
C MET D 273 -11.08 -37.65 -6.45
N ASP D 274 -10.83 -38.18 -7.63
CA ASP D 274 -11.61 -39.28 -8.19
C ASP D 274 -10.80 -40.57 -8.01
N ARG D 275 -11.21 -41.42 -7.08
CA ARG D 275 -10.44 -42.63 -6.80
C ARG D 275 -10.40 -43.58 -7.99
N GLU D 276 -11.20 -43.35 -9.03
CA GLU D 276 -11.13 -44.20 -10.22
C GLU D 276 -10.18 -43.66 -11.28
N LYS D 277 -9.76 -42.40 -11.15
CA LYS D 277 -8.91 -41.73 -12.13
C LYS D 277 -7.59 -41.25 -11.57
N ALA D 278 -7.53 -40.96 -10.28
CA ALA D 278 -6.33 -40.41 -9.66
C ALA D 278 -5.21 -41.45 -9.66
N TYR D 279 -4.13 -41.15 -10.36
CA TYR D 279 -2.94 -42.00 -10.38
C TYR D 279 -1.94 -41.36 -9.42
N ILE D 280 -1.90 -41.85 -8.18
CA ILE D 280 -1.19 -41.16 -7.11
C ILE D 280 0.27 -40.81 -7.44
N PRO D 281 1.08 -41.70 -8.00
CA PRO D 281 2.50 -41.32 -8.18
C PRO D 281 2.69 -40.15 -9.13
N GLU D 282 1.95 -40.11 -10.24
CA GLU D 282 2.11 -38.98 -11.15
C GLU D 282 1.57 -37.70 -10.52
N LEU D 283 0.47 -37.79 -9.77
CA LEU D 283 -0.06 -36.62 -9.08
C LEU D 283 0.92 -36.11 -8.04
N GLN D 284 1.52 -37.02 -7.27
CA GLN D 284 2.51 -36.57 -6.28
C GLN D 284 3.74 -35.99 -6.97
N ILE D 285 4.25 -36.65 -8.00
CA ILE D 285 5.43 -36.12 -8.69
C ILE D 285 5.15 -34.71 -9.20
N SER D 286 3.97 -34.50 -9.78
CA SER D 286 3.67 -33.19 -10.33
C SER D 286 3.51 -32.14 -9.23
N PHE D 287 2.82 -32.50 -8.15
CA PHE D 287 2.68 -31.60 -7.01
C PHE D 287 4.03 -31.25 -6.43
N MET D 288 4.89 -32.26 -6.26
CA MET D 288 6.22 -32.02 -5.69
C MET D 288 7.08 -31.16 -6.60
N GLU D 289 7.13 -31.52 -7.89
CA GLU D 289 8.00 -30.81 -8.81
C GLU D 289 7.50 -29.40 -9.09
N HIS D 290 6.19 -29.21 -9.19
CA HIS D 290 5.67 -27.98 -9.75
C HIS D 290 4.98 -27.06 -8.75
N ILE D 291 4.67 -27.55 -7.55
CA ILE D 291 4.14 -26.69 -6.49
C ILE D 291 5.11 -26.62 -5.33
N ALA D 292 5.46 -27.79 -4.77
CA ALA D 292 6.23 -27.79 -3.52
C ALA D 292 7.67 -27.35 -3.74
N MET D 293 8.35 -27.95 -4.73
CA MET D 293 9.76 -27.59 -4.94
C MET D 293 9.94 -26.11 -5.25
N PRO D 294 9.13 -25.47 -6.12
CA PRO D 294 9.32 -24.01 -6.33
C PRO D 294 9.14 -23.19 -5.06
N ILE D 295 8.27 -23.60 -4.15
CA ILE D 295 8.12 -22.89 -2.87
C ILE D 295 9.42 -22.97 -2.08
N TYR D 296 9.95 -24.18 -1.91
CA TYR D 296 11.15 -24.31 -1.09
C TYR D 296 12.39 -23.81 -1.84
N LYS D 297 12.34 -23.73 -3.17
CA LYS D 297 13.41 -23.07 -3.90
C LYS D 297 13.42 -21.57 -3.62
N LEU D 298 12.26 -20.93 -3.66
CA LEU D 298 12.15 -19.55 -3.23
C LEU D 298 12.65 -19.37 -1.80
N LEU D 299 12.27 -20.28 -0.90
CA LEU D 299 12.70 -20.17 0.48
C LEU D 299 14.21 -20.23 0.58
N GLN D 300 14.84 -21.13 -0.17
CA GLN D 300 16.29 -21.23 -0.17
C GLN D 300 16.93 -20.04 -0.85
N ASP D 301 16.28 -19.46 -1.86
CA ASP D 301 16.80 -18.22 -2.46
C ASP D 301 16.89 -17.13 -1.41
N LEU D 302 15.89 -17.04 -0.55
CA LEU D 302 15.83 -15.97 0.44
C LEU D 302 16.60 -16.31 1.69
N PHE D 303 16.70 -17.58 2.03
CA PHE D 303 17.41 -18.04 3.23
C PHE D 303 18.33 -19.18 2.82
N PRO D 304 19.62 -18.92 2.62
CA PRO D 304 20.53 -19.99 2.17
C PRO D 304 20.54 -21.20 3.09
N LYS D 305 20.26 -21.02 4.38
CA LYS D 305 20.24 -22.16 5.28
C LYS D 305 19.02 -23.06 5.08
N ALA D 306 18.04 -22.61 4.29
CA ALA D 306 16.88 -23.45 3.94
C ALA D 306 17.16 -24.42 2.81
N ALA D 307 18.41 -24.52 2.34
CA ALA D 307 18.70 -25.38 1.20
C ALA D 307 18.38 -26.84 1.49
N GLU D 308 18.61 -27.30 2.74
CA GLU D 308 18.37 -28.71 3.01
C GLU D 308 16.89 -29.06 2.91
N LEU D 309 16.00 -28.09 3.14
CA LEU D 309 14.57 -28.31 2.96
C LEU D 309 14.24 -28.57 1.51
N TYR D 310 14.76 -27.71 0.63
CA TYR D 310 14.56 -27.90 -0.81
C TYR D 310 15.13 -29.24 -1.26
N GLU D 311 16.32 -29.59 -0.78
CA GLU D 311 16.94 -30.85 -1.18
C GLU D 311 16.12 -32.05 -0.71
N ARG D 312 15.52 -31.96 0.47
CA ARG D 312 14.70 -33.06 0.95
C ARG D 312 13.41 -33.19 0.13
N VAL D 313 12.76 -32.08 -0.20
CA VAL D 313 11.58 -32.17 -1.05
C VAL D 313 11.95 -32.79 -2.39
N ALA D 314 13.10 -32.40 -2.94
CA ALA D 314 13.56 -32.98 -4.19
C ALA D 314 13.82 -34.46 -4.04
N SER D 315 14.42 -34.87 -2.92
CA SER D 315 14.68 -36.29 -2.69
C SER D 315 13.38 -37.08 -2.60
N ASN D 316 12.36 -36.49 -1.95
CA ASN D 316 11.08 -37.18 -1.83
C ASN D 316 10.37 -37.29 -3.17
N ARG D 317 10.55 -36.30 -4.05
CA ARG D 317 10.00 -36.40 -5.38
C ARG D 317 10.63 -37.54 -6.15
N GLU D 318 11.96 -37.66 -6.06
CA GLU D 318 12.62 -38.77 -6.74
C GLU D 318 12.19 -40.11 -6.15
N HIS D 319 11.87 -40.16 -4.85
CA HIS D 319 11.35 -41.41 -4.29
C HIS D 319 10.06 -41.82 -4.97
N TRP D 320 9.18 -40.86 -5.28
CA TRP D 320 7.92 -41.19 -5.94
C TRP D 320 8.17 -41.75 -7.34
N THR D 321 9.18 -41.24 -8.05
CA THR D 321 9.46 -41.82 -9.36
C THR D 321 10.01 -43.23 -9.22
N LYS D 322 10.74 -43.50 -8.14
CA LYS D 322 11.34 -44.83 -7.96
C LYS D 322 10.32 -45.89 -7.56
N VAL D 323 9.25 -45.52 -6.85
CA VAL D 323 8.22 -46.48 -6.46
C VAL D 323 7.03 -46.48 -7.40
N SER D 324 7.03 -45.62 -8.42
CA SER D 324 5.89 -45.52 -9.32
C SER D 324 5.56 -46.86 -9.96
N HIS D 325 6.58 -47.65 -10.30
CA HIS D 325 6.34 -48.92 -10.98
C HIS D 325 5.52 -49.88 -10.14
N LYS D 326 5.52 -49.72 -8.82
CA LYS D 326 4.80 -50.62 -7.94
C LYS D 326 3.29 -50.45 -8.02
N PHE D 327 2.81 -49.34 -8.59
CA PHE D 327 1.38 -49.16 -8.79
C PHE D 327 0.86 -49.94 -9.99
N THR D 328 1.75 -50.58 -10.74
CA THR D 328 1.36 -51.49 -11.81
C THR D 328 1.35 -52.90 -11.23
N ILE D 329 0.22 -53.59 -11.32
CA ILE D 329 0.13 -54.95 -10.77
C ILE D 329 0.79 -55.89 -11.78
N ARG D 330 2.02 -56.29 -11.49
CA ARG D 330 2.71 -57.34 -12.23
C ARG D 330 2.37 -58.67 -11.62
N GLY D 331 2.26 -59.70 -12.46
CA GLY D 331 1.91 -60.98 -11.91
C GLY D 331 0.49 -60.96 -11.37
N LEU D 332 0.27 -61.75 -10.33
CA LEU D 332 -0.96 -61.76 -9.57
C LEU D 332 -0.84 -60.86 -8.35
N PRO D 333 -1.96 -60.31 -7.87
CA PRO D 333 -1.96 -59.65 -6.56
C PRO D 333 -1.52 -60.63 -5.48
N SER D 334 -1.19 -60.06 -4.31
CA SER D 334 -0.58 -60.86 -3.24
C SER D 334 -1.47 -62.02 -2.82
N ASN D 335 -2.79 -61.89 -2.92
CA ASN D 335 -3.67 -62.99 -2.55
C ASN D 335 -3.85 -64.01 -3.65
N ASN D 336 -3.17 -63.85 -4.79
CA ASN D 336 -3.24 -64.77 -5.94
C ASN D 336 -4.63 -64.79 -6.59
N SER D 337 -5.41 -63.72 -6.45
CA SER D 337 -6.79 -63.71 -6.93
C SER D 337 -7.03 -62.55 -7.89
N LEU D 338 -7.83 -62.80 -8.92
CA LEU D 338 -8.27 -61.76 -9.84
C LEU D 338 -9.66 -61.23 -9.50
N ASP D 339 -10.14 -61.52 -8.29
CA ASP D 339 -11.51 -61.13 -7.93
C ASP D 339 -11.69 -59.61 -8.00
N PHE D 340 -10.63 -58.83 -7.76
CA PHE D 340 -10.75 -57.39 -7.80
C PHE D 340 -11.17 -56.88 -9.18
N LEU D 341 -11.05 -57.68 -10.22
CA LEU D 341 -11.55 -57.31 -11.54
C LEU D 341 -13.07 -57.18 -11.52
#